data_6TBB
#
_entry.id   6TBB
#
_cell.length_a   63.913
_cell.length_b   107.918
_cell.length_c   294.226
_cell.angle_alpha   90.000
_cell.angle_beta   90.000
_cell.angle_gamma   90.000
#
_symmetry.space_group_name_H-M   'P 21 21 21'
#
loop_
_entity.id
_entity.type
_entity.pdbx_description
1 polymer 'Enoyl-[acyl-carrier-protein] reductase [NADPH]'
2 non-polymer 'NADPH DIHYDRO-NICOTINAMIDE-ADENINE-DINUCLEOTIDE PHOSPHATE'
3 non-polymer Kalimantacin
4 water water
#
_entity_poly.entity_id   1
_entity_poly.type   'polypeptide(L)'
_entity_poly.pdbx_seq_one_letter_code
;GSHMASLNLENKTYVIMGIANKRSIAFGVAKVLDQLGAKLVFTYRKERSRKELEKLLEQLNQPEAHLYQIDVQSDEEVIN
GFEQIGKDVGNIDGVYHSIAFANMEDLRGRFSETSREGFLLAQDISSYSLTIVAHEAKKLMPEGGSIVATTYLGGEFAVQ
NYNVMGVAKASLEANVKYLALDLGPDNIRVNAISAGPIRTLSAKGVGGFNTILKEIEERAPLKRNVDQVEVGKTAAYLLS
DLSSGVTGENIHVDSGFHAIK
;
_entity_poly.pdbx_strand_id   A,B,C,D,E,F,G,H
#
# COMPACT_ATOMS: atom_id res chain seq x y z
N HIS A 3 1.14 -15.54 -0.58
CA HIS A 3 -0.15 -14.89 -0.99
C HIS A 3 -0.43 -15.24 -2.47
N MET A 4 -1.67 -15.59 -2.80
CA MET A 4 -2.14 -15.88 -4.20
C MET A 4 -2.34 -14.53 -4.87
N ALA A 5 -3.19 -13.72 -4.25
CA ALA A 5 -3.56 -12.34 -4.64
C ALA A 5 -2.56 -11.33 -4.08
N SER A 6 -1.98 -10.51 -4.96
CA SER A 6 -1.00 -9.47 -4.55
C SER A 6 -1.09 -8.24 -5.45
N LEU A 7 -1.04 -7.07 -4.84
CA LEU A 7 -0.92 -5.77 -5.54
C LEU A 7 0.43 -5.12 -5.16
N ASN A 8 1.38 -5.91 -4.66
CA ASN A 8 2.74 -5.46 -4.30
C ASN A 8 3.60 -5.57 -5.55
N LEU A 9 4.00 -4.44 -6.11
CA LEU A 9 4.71 -4.40 -7.42
C LEU A 9 6.17 -3.96 -7.23
N GLU A 10 6.74 -4.07 -6.02
CA GLU A 10 8.22 -4.00 -5.87
C GLU A 10 8.74 -5.18 -6.71
N ASN A 11 9.88 -4.99 -7.38
CA ASN A 11 10.51 -6.02 -8.26
C ASN A 11 9.82 -6.06 -9.63
N LYS A 12 8.78 -5.26 -9.86
CA LYS A 12 8.11 -5.16 -11.17
C LYS A 12 8.57 -3.84 -11.82
N THR A 13 8.76 -3.85 -13.14
CA THR A 13 9.11 -2.67 -13.96
C THR A 13 8.10 -2.54 -15.11
N TYR A 14 7.50 -1.36 -15.26
CA TYR A 14 6.48 -1.04 -16.29
C TYR A 14 6.91 0.19 -17.08
N VAL A 15 6.85 0.09 -18.40
CA VAL A 15 7.00 1.25 -19.34
C VAL A 15 5.62 1.92 -19.49
N ILE A 16 5.55 3.23 -19.26
CA ILE A 16 4.30 4.05 -19.39
C ILE A 16 4.48 5.05 -20.52
N MET A 17 3.81 4.81 -21.65
CA MET A 17 3.86 5.63 -22.86
C MET A 17 2.65 6.59 -22.85
N GLY A 18 2.90 7.90 -22.89
CA GLY A 18 1.89 8.92 -23.23
C GLY A 18 1.53 9.86 -22.08
N ILE A 19 2.46 10.13 -21.16
CA ILE A 19 2.27 11.30 -20.25
C ILE A 19 2.64 12.58 -21.02
N ALA A 20 1.81 13.61 -20.86
CA ALA A 20 1.96 14.96 -21.46
C ALA A 20 1.91 16.02 -20.35
N ASN A 21 0.99 15.88 -19.39
CA ASN A 21 0.87 16.80 -18.23
C ASN A 21 0.23 16.06 -17.04
N LYS A 22 -0.10 16.78 -15.97
CA LYS A 22 -0.61 16.21 -14.69
C LYS A 22 -1.99 15.60 -14.91
N ARG A 23 -2.70 16.00 -15.97
CA ARG A 23 -4.09 15.59 -16.24
C ARG A 23 -4.11 14.33 -17.11
N SER A 24 -2.99 13.96 -17.73
CA SER A 24 -2.88 12.76 -18.62
C SER A 24 -3.37 11.52 -17.87
N ILE A 25 -4.19 10.71 -18.52
CA ILE A 25 -4.63 9.39 -18.01
C ILE A 25 -3.38 8.61 -17.59
N ALA A 26 -2.35 8.61 -18.43
CA ALA A 26 -1.10 7.84 -18.19
C ALA A 26 -0.49 8.24 -16.83
N PHE A 27 -0.69 9.48 -16.37
CA PHE A 27 -0.13 9.96 -15.08
C PHE A 27 -0.91 9.33 -13.94
N GLY A 28 -2.24 9.23 -14.07
CA GLY A 28 -3.10 8.49 -13.14
C GLY A 28 -2.57 7.07 -12.96
N VAL A 29 -2.19 6.43 -14.07
CA VAL A 29 -1.63 5.05 -14.06
C VAL A 29 -0.32 5.09 -13.28
N ALA A 30 0.54 6.07 -13.56
CA ALA A 30 1.87 6.26 -12.92
C ALA A 30 1.68 6.42 -11.41
N LYS A 31 0.91 7.41 -10.96
CA LYS A 31 0.67 7.66 -9.51
C LYS A 31 0.36 6.35 -8.82
N VAL A 32 -0.58 5.57 -9.36
CA VAL A 32 -1.09 4.31 -8.75
C VAL A 32 0.03 3.27 -8.72
N LEU A 33 0.68 3.00 -9.85
CA LEU A 33 1.73 1.95 -9.95
C LEU A 33 2.91 2.32 -9.03
N ASP A 34 3.22 3.61 -8.93
CA ASP A 34 4.26 4.17 -8.04
C ASP A 34 3.93 3.82 -6.58
N GLN A 35 2.76 4.24 -6.10
CA GLN A 35 2.27 3.93 -4.72
C GLN A 35 2.40 2.44 -4.40
N LEU A 36 2.30 1.56 -5.39
CA LEU A 36 2.35 0.08 -5.18
C LEU A 36 3.79 -0.42 -5.29
N GLY A 37 4.72 0.49 -5.58
CA GLY A 37 6.17 0.27 -5.43
C GLY A 37 6.85 -0.23 -6.70
N ALA A 38 6.25 0.00 -7.85
CA ALA A 38 6.83 -0.43 -9.15
C ALA A 38 7.95 0.53 -9.56
N LYS A 39 8.95 0.01 -10.28
CA LYS A 39 9.92 0.86 -11.04
C LYS A 39 9.21 1.27 -12.35
N LEU A 40 9.21 2.56 -12.65
CA LEU A 40 8.50 3.12 -13.84
C LEU A 40 9.49 3.73 -14.82
N VAL A 41 9.47 3.25 -16.06
CA VAL A 41 10.06 3.90 -17.26
C VAL A 41 8.96 4.71 -17.96
N PHE A 42 9.27 5.92 -18.45
CA PHE A 42 8.32 6.82 -19.14
C PHE A 42 8.78 7.08 -20.58
N THR A 43 7.84 7.27 -21.51
CA THR A 43 8.11 7.71 -22.91
C THR A 43 7.20 8.89 -23.26
N TYR A 44 7.72 9.80 -24.11
CA TYR A 44 7.08 11.07 -24.56
C TYR A 44 7.44 11.30 -26.03
N ARG A 45 6.73 12.20 -26.72
CA ARG A 45 7.05 12.67 -28.10
C ARG A 45 7.70 14.07 -28.01
N LYS A 46 6.91 15.09 -27.68
CA LYS A 46 7.30 16.53 -27.70
C LYS A 46 8.24 16.83 -26.52
N GLU A 47 9.08 17.86 -26.64
CA GLU A 47 10.03 18.30 -25.58
C GLU A 47 9.23 18.88 -24.41
N ARG A 48 8.12 19.55 -24.70
CA ARG A 48 7.18 20.15 -23.69
C ARG A 48 6.78 19.06 -22.68
N SER A 49 6.56 17.82 -23.15
CA SER A 49 6.16 16.65 -22.31
C SER A 49 7.32 16.24 -21.40
N ARG A 50 8.57 16.36 -21.86
CA ARG A 50 9.81 16.00 -21.10
C ARG A 50 9.95 16.94 -19.89
N LYS A 51 9.92 18.25 -20.13
CA LYS A 51 10.02 19.28 -19.05
C LYS A 51 8.97 18.97 -17.98
N GLU A 52 7.72 18.72 -18.40
CA GLU A 52 6.57 18.40 -17.51
C GLU A 52 6.85 17.11 -16.74
N LEU A 53 7.38 16.08 -17.41
CA LEU A 53 7.64 14.76 -16.80
C LEU A 53 8.58 14.93 -15.60
N GLU A 54 9.72 15.59 -15.84
CA GLU A 54 10.78 15.84 -14.82
C GLU A 54 10.19 16.59 -13.63
N LYS A 55 9.38 17.62 -13.89
CA LYS A 55 8.62 18.40 -12.87
C LYS A 55 7.69 17.45 -12.10
N LEU A 56 7.06 16.49 -12.79
CA LEU A 56 6.05 15.58 -12.19
C LEU A 56 6.72 14.48 -11.37
N LEU A 57 7.85 13.91 -11.83
CA LEU A 57 8.58 12.81 -11.14
C LEU A 57 8.87 13.15 -9.66
N GLU A 58 8.90 14.43 -9.29
CA GLU A 58 9.13 14.88 -7.89
C GLU A 58 7.93 14.48 -7.02
N GLN A 59 6.72 14.49 -7.60
CA GLN A 59 5.45 14.03 -6.95
C GLN A 59 5.49 12.53 -6.69
N LEU A 60 6.32 11.78 -7.42
CA LEU A 60 6.45 10.29 -7.31
C LEU A 60 7.62 9.94 -6.39
N ASN A 61 7.84 8.64 -6.20
CA ASN A 61 8.89 8.04 -5.36
C ASN A 61 9.77 7.16 -6.25
N GLN A 62 10.05 7.62 -7.47
CA GLN A 62 10.98 6.93 -8.41
C GLN A 62 12.38 7.47 -8.12
N PRO A 63 13.33 6.62 -7.69
CA PRO A 63 14.67 7.09 -7.36
C PRO A 63 15.27 7.71 -8.63
N GLU A 64 15.36 6.92 -9.70
CA GLU A 64 15.98 7.28 -10.99
C GLU A 64 14.88 7.58 -12.02
N ALA A 65 14.82 8.83 -12.48
CA ALA A 65 14.10 9.26 -13.71
C ALA A 65 14.71 8.53 -14.92
N HIS A 66 14.00 7.55 -15.50
CA HIS A 66 14.34 6.97 -16.82
C HIS A 66 13.28 7.44 -17.83
N LEU A 67 13.62 8.46 -18.63
CA LEU A 67 12.76 9.09 -19.66
C LEU A 67 13.37 8.81 -21.03
N TYR A 68 12.53 8.50 -22.02
CA TYR A 68 12.94 8.18 -23.41
C TYR A 68 12.02 8.88 -24.41
N GLN A 69 12.59 9.51 -25.43
CA GLN A 69 11.84 10.14 -26.54
C GLN A 69 11.47 9.05 -27.54
N ILE A 70 10.17 8.73 -27.64
CA ILE A 70 9.64 7.78 -28.66
C ILE A 70 8.41 8.41 -29.29
N ASP A 71 8.55 8.83 -30.55
CA ASP A 71 7.44 9.14 -31.48
C ASP A 71 7.10 7.80 -32.15
N VAL A 72 5.89 7.30 -31.89
CA VAL A 72 5.49 5.92 -32.33
C VAL A 72 5.31 5.88 -33.85
N GLN A 73 5.42 7.03 -34.55
CA GLN A 73 5.36 7.09 -36.03
C GLN A 73 6.67 6.60 -36.65
N SER A 74 7.77 6.55 -35.87
CA SER A 74 9.12 6.11 -36.31
C SER A 74 9.42 4.70 -35.81
N ASP A 75 9.54 3.73 -36.71
CA ASP A 75 10.02 2.36 -36.39
C ASP A 75 11.30 2.49 -35.55
N GLU A 76 12.24 3.34 -35.96
CA GLU A 76 13.59 3.44 -35.35
C GLU A 76 13.45 3.94 -33.90
N GLU A 77 12.76 5.05 -33.67
CA GLU A 77 12.61 5.65 -32.31
C GLU A 77 12.00 4.63 -31.34
N VAL A 78 11.10 3.78 -31.84
CA VAL A 78 10.40 2.71 -31.03
C VAL A 78 11.40 1.57 -30.78
N ILE A 79 12.00 1.04 -31.85
CA ILE A 79 12.98 -0.09 -31.74
C ILE A 79 14.14 0.32 -30.81
N ASN A 80 14.74 1.50 -31.05
CA ASN A 80 15.94 1.98 -30.32
C ASN A 80 15.53 2.28 -28.88
N GLY A 81 14.45 3.06 -28.69
CA GLY A 81 13.86 3.36 -27.38
C GLY A 81 13.78 2.12 -26.49
N PHE A 82 13.30 0.99 -27.01
CA PHE A 82 13.02 -0.24 -26.21
C PHE A 82 14.35 -1.00 -26.00
N GLU A 83 15.21 -1.11 -27.01
CA GLU A 83 16.58 -1.68 -26.85
C GLU A 83 17.29 -0.94 -25.71
N GLN A 84 17.21 0.41 -25.72
CA GLN A 84 17.87 1.32 -24.75
C GLN A 84 17.28 1.11 -23.35
N ILE A 85 15.96 0.95 -23.23
CA ILE A 85 15.26 0.64 -21.94
C ILE A 85 15.79 -0.69 -21.41
N GLY A 86 15.90 -1.72 -22.27
CA GLY A 86 16.46 -3.04 -21.95
C GLY A 86 17.88 -2.95 -21.39
N LYS A 87 18.71 -2.06 -21.94
CA LYS A 87 20.11 -1.82 -21.47
C LYS A 87 20.07 -1.13 -20.10
N ASP A 88 19.27 -0.07 -19.93
CA ASP A 88 19.30 0.83 -18.75
C ASP A 88 18.60 0.21 -17.53
N VAL A 89 17.54 -0.62 -17.69
CA VAL A 89 16.74 -1.17 -16.55
C VAL A 89 16.56 -2.68 -16.67
N GLY A 90 16.95 -3.30 -17.79
CA GLY A 90 16.80 -4.75 -18.00
C GLY A 90 15.39 -5.12 -18.42
N ASN A 91 14.95 -6.33 -18.05
CA ASN A 91 13.63 -6.91 -18.46
C ASN A 91 12.49 -6.17 -17.74
N ILE A 92 11.34 -6.05 -18.40
CA ILE A 92 10.13 -5.33 -17.90
C ILE A 92 9.00 -6.33 -17.68
N ASP A 93 7.96 -5.92 -16.95
CA ASP A 93 6.79 -6.79 -16.67
C ASP A 93 5.57 -6.36 -17.48
N GLY A 94 5.58 -5.18 -18.08
CA GLY A 94 4.49 -4.77 -18.98
C GLY A 94 4.65 -3.37 -19.54
N VAL A 95 3.69 -2.97 -20.37
CA VAL A 95 3.61 -1.63 -21.02
C VAL A 95 2.20 -1.10 -20.85
N TYR A 96 2.05 0.15 -20.40
CA TYR A 96 0.77 0.89 -20.49
C TYR A 96 0.82 1.87 -21.66
N HIS A 97 -0.07 1.69 -22.64
CA HIS A 97 -0.17 2.49 -23.88
C HIS A 97 -1.31 3.49 -23.70
N SER A 98 -0.99 4.79 -23.77
CA SER A 98 -1.95 5.90 -23.53
C SER A 98 -1.75 6.96 -24.62
N ILE A 99 -1.78 6.52 -25.88
CA ILE A 99 -1.40 7.34 -27.06
C ILE A 99 -2.50 7.23 -28.11
N ALA A 100 -3.00 8.38 -28.54
CA ALA A 100 -3.90 8.56 -29.69
C ALA A 100 -3.70 9.97 -30.26
N PHE A 101 -4.04 10.16 -31.54
CA PHE A 101 -4.07 11.48 -32.21
C PHE A 101 -4.85 11.36 -33.53
N ALA A 102 -5.65 12.39 -33.82
CA ALA A 102 -6.26 12.68 -35.14
C ALA A 102 -6.19 14.18 -35.42
N ASN A 103 -6.17 14.57 -36.70
CA ASN A 103 -6.19 16.01 -37.08
C ASN A 103 -7.55 16.58 -36.67
N MET A 104 -7.57 17.75 -36.04
CA MET A 104 -8.83 18.43 -35.65
C MET A 104 -9.70 18.62 -36.90
N GLU A 105 -9.12 18.87 -38.09
CA GLU A 105 -9.88 19.09 -39.34
C GLU A 105 -10.83 17.90 -39.55
N ASP A 106 -10.32 16.68 -39.39
CA ASP A 106 -11.04 15.40 -39.57
C ASP A 106 -12.11 15.25 -38.47
N LEU A 107 -11.79 15.54 -37.21
CA LEU A 107 -12.73 15.43 -36.05
C LEU A 107 -13.87 16.45 -36.15
N ARG A 108 -13.63 17.66 -36.66
CA ARG A 108 -14.65 18.75 -36.75
C ARG A 108 -15.63 18.38 -37.86
N GLY A 109 -15.12 17.76 -38.94
CA GLY A 109 -15.87 17.42 -40.16
C GLY A 109 -17.03 16.45 -39.93
N ARG A 110 -17.79 16.21 -40.98
CA ARG A 110 -18.64 15.02 -41.18
C ARG A 110 -17.69 13.84 -41.40
N PHE A 111 -17.97 12.66 -40.84
CA PHE A 111 -17.03 11.51 -40.94
C PHE A 111 -16.77 11.14 -42.41
N SER A 112 -17.78 11.27 -43.29
CA SER A 112 -17.64 10.94 -44.72
C SER A 112 -16.67 11.88 -45.44
N GLU A 113 -16.33 13.04 -44.84
CA GLU A 113 -15.42 14.05 -45.45
C GLU A 113 -13.96 13.75 -45.07
N THR A 114 -13.71 12.76 -44.20
CA THR A 114 -12.38 12.45 -43.64
C THR A 114 -11.38 12.25 -44.80
N SER A 115 -10.18 12.81 -44.66
CA SER A 115 -9.07 12.69 -45.65
C SER A 115 -8.37 11.35 -45.48
N ARG A 116 -7.93 10.77 -46.59
CA ARG A 116 -7.10 9.53 -46.61
C ARG A 116 -5.90 9.69 -45.66
N GLU A 117 -5.23 10.83 -45.69
CA GLU A 117 -4.00 11.09 -44.90
C GLU A 117 -4.39 11.15 -43.43
N GLY A 118 -5.50 11.82 -43.10
CA GLY A 118 -5.99 11.96 -41.71
C GLY A 118 -6.41 10.64 -41.08
N PHE A 119 -7.04 9.77 -41.87
CA PHE A 119 -7.53 8.42 -41.49
C PHE A 119 -6.34 7.52 -41.15
N LEU A 120 -5.38 7.44 -42.06
CA LEU A 120 -4.15 6.59 -41.91
C LEU A 120 -3.27 7.15 -40.78
N LEU A 121 -3.31 8.45 -40.53
CA LEU A 121 -2.55 9.08 -39.41
C LEU A 121 -3.13 8.57 -38.09
N ALA A 122 -4.46 8.69 -37.92
CA ALA A 122 -5.21 8.20 -36.75
C ALA A 122 -4.91 6.71 -36.52
N GLN A 123 -4.99 5.90 -37.60
CA GLN A 123 -4.68 4.46 -37.55
C GLN A 123 -3.23 4.26 -37.09
N ASP A 124 -2.28 5.00 -37.66
CA ASP A 124 -0.81 4.83 -37.44
C ASP A 124 -0.51 5.04 -35.94
N ILE A 125 -0.88 6.20 -35.41
CA ILE A 125 -0.52 6.60 -34.02
C ILE A 125 -1.37 5.79 -33.03
N SER A 126 -2.67 5.66 -33.30
CA SER A 126 -3.69 5.25 -32.29
C SER A 126 -3.84 3.73 -32.21
N SER A 127 -3.42 2.99 -33.25
CA SER A 127 -3.61 1.52 -33.37
C SER A 127 -2.31 0.80 -33.72
N TYR A 128 -1.69 1.08 -34.87
CA TYR A 128 -0.45 0.36 -35.27
C TYR A 128 0.63 0.49 -34.19
N SER A 129 0.71 1.65 -33.54
CA SER A 129 1.73 1.91 -32.48
C SER A 129 1.73 0.72 -31.53
N LEU A 130 0.56 0.24 -31.12
CA LEU A 130 0.47 -0.87 -30.14
C LEU A 130 1.14 -2.13 -30.71
N THR A 131 0.97 -2.41 -32.01
CA THR A 131 1.51 -3.64 -32.65
C THR A 131 3.04 -3.64 -32.60
N ILE A 132 3.68 -2.52 -32.93
CA ILE A 132 5.18 -2.43 -32.95
C ILE A 132 5.69 -2.33 -31.52
N VAL A 133 5.07 -1.51 -30.67
CA VAL A 133 5.41 -1.45 -29.23
C VAL A 133 5.41 -2.87 -28.67
N ALA A 134 4.40 -3.67 -29.00
CA ALA A 134 4.24 -5.05 -28.49
C ALA A 134 5.42 -5.90 -28.96
N HIS A 135 5.77 -5.83 -30.25
CA HIS A 135 6.86 -6.63 -30.87
C HIS A 135 8.20 -6.35 -30.17
N GLU A 136 8.49 -5.08 -29.88
CA GLU A 136 9.78 -4.65 -29.29
C GLU A 136 9.77 -4.97 -27.81
N ALA A 137 8.69 -4.65 -27.09
CA ALA A 137 8.58 -4.88 -25.64
C ALA A 137 8.65 -6.40 -25.34
N LYS A 138 8.20 -7.24 -26.27
CA LYS A 138 8.25 -8.72 -26.14
C LYS A 138 9.70 -9.16 -25.93
N LYS A 139 10.66 -8.46 -26.55
CA LYS A 139 12.12 -8.72 -26.43
C LYS A 139 12.52 -8.60 -24.95
N LEU A 140 11.92 -7.66 -24.20
CA LEU A 140 12.23 -7.40 -22.77
C LEU A 140 11.33 -8.21 -21.82
N MET A 141 10.54 -9.17 -22.30
CA MET A 141 9.53 -9.89 -21.45
C MET A 141 9.58 -11.37 -21.77
N PRO A 142 10.76 -12.02 -21.64
CA PRO A 142 10.93 -13.41 -22.05
C PRO A 142 10.20 -14.37 -21.09
N GLU A 143 9.92 -13.91 -19.86
CA GLU A 143 9.22 -14.69 -18.82
C GLU A 143 7.71 -14.52 -18.99
N GLY A 144 7.30 -13.48 -19.72
CA GLY A 144 5.89 -13.07 -19.85
C GLY A 144 5.67 -11.66 -19.32
N GLY A 145 4.44 -11.15 -19.43
CA GLY A 145 4.05 -9.82 -18.95
C GLY A 145 2.66 -9.43 -19.43
N SER A 146 2.32 -8.15 -19.28
CA SER A 146 0.96 -7.61 -19.54
C SER A 146 1.08 -6.32 -20.33
N ILE A 147 0.37 -6.20 -21.45
CA ILE A 147 0.25 -4.93 -22.20
C ILE A 147 -1.20 -4.44 -22.11
N VAL A 148 -1.39 -3.17 -21.76
CA VAL A 148 -2.72 -2.50 -21.67
C VAL A 148 -2.71 -1.27 -22.57
N ALA A 149 -3.78 -1.08 -23.35
CA ALA A 149 -4.02 0.11 -24.21
C ALA A 149 -5.33 0.76 -23.75
N THR A 150 -5.47 2.05 -24.04
CA THR A 150 -6.61 2.89 -23.58
C THR A 150 -7.51 3.13 -24.77
N THR A 151 -8.81 2.82 -24.63
CA THR A 151 -9.80 2.99 -25.72
C THR A 151 -10.99 3.75 -25.19
N TYR A 152 -11.97 3.99 -26.06
CA TYR A 152 -13.21 4.72 -25.75
C TYR A 152 -14.36 4.01 -26.48
N LEU A 153 -15.53 4.06 -25.87
CA LEU A 153 -16.81 3.48 -26.32
C LEU A 153 -17.00 3.71 -27.82
N GLY A 154 -16.46 4.81 -28.35
CA GLY A 154 -16.62 5.19 -29.75
C GLY A 154 -16.01 4.17 -30.70
N GLY A 155 -15.19 3.24 -30.19
CA GLY A 155 -14.65 2.13 -31.00
C GLY A 155 -15.66 1.00 -31.16
N GLU A 156 -16.69 0.94 -30.28
CA GLU A 156 -17.76 -0.09 -30.28
C GLU A 156 -19.07 0.44 -30.89
N PHE A 157 -19.33 1.74 -30.80
CA PHE A 157 -20.56 2.42 -31.29
C PHE A 157 -20.20 3.75 -31.95
N ALA A 158 -20.94 4.12 -32.99
CA ALA A 158 -20.84 5.45 -33.64
C ALA A 158 -21.31 6.50 -32.63
N VAL A 159 -20.39 7.30 -32.08
CA VAL A 159 -20.74 8.45 -31.20
C VAL A 159 -20.53 9.75 -31.98
N GLN A 160 -21.41 10.73 -31.78
CA GLN A 160 -21.30 12.09 -32.37
C GLN A 160 -19.90 12.65 -32.07
N ASN A 161 -19.20 13.07 -33.13
CA ASN A 161 -17.99 13.94 -33.13
C ASN A 161 -16.69 13.13 -33.00
N TYR A 162 -16.74 11.84 -32.67
CA TYR A 162 -15.51 11.02 -32.48
C TYR A 162 -14.96 10.66 -33.86
N ASN A 163 -15.86 10.52 -34.82
CA ASN A 163 -15.54 10.33 -36.27
C ASN A 163 -14.33 9.41 -36.42
N VAL A 164 -13.27 9.86 -37.09
CA VAL A 164 -12.12 9.01 -37.52
C VAL A 164 -11.48 8.29 -36.32
N MET A 165 -11.55 8.88 -35.13
CA MET A 165 -10.91 8.29 -33.93
C MET A 165 -11.71 7.05 -33.50
N GLY A 166 -13.01 6.99 -33.76
CA GLY A 166 -13.85 5.81 -33.52
C GLY A 166 -13.36 4.61 -34.34
N VAL A 167 -13.00 4.83 -35.59
CA VAL A 167 -12.53 3.75 -36.50
C VAL A 167 -11.12 3.35 -36.04
N ALA A 168 -10.31 4.31 -35.59
CA ALA A 168 -8.99 4.04 -35.00
C ALA A 168 -9.13 3.19 -33.73
N LYS A 169 -10.07 3.52 -32.84
CA LYS A 169 -10.26 2.76 -31.57
C LYS A 169 -10.80 1.36 -31.88
N ALA A 170 -11.66 1.20 -32.89
CA ALA A 170 -12.16 -0.14 -33.28
C ALA A 170 -10.98 -0.97 -33.75
N SER A 171 -10.08 -0.33 -34.51
CA SER A 171 -8.81 -0.94 -35.01
C SER A 171 -7.96 -1.36 -33.80
N LEU A 172 -7.78 -0.45 -32.84
CA LEU A 172 -7.00 -0.70 -31.61
C LEU A 172 -7.59 -1.92 -30.88
N GLU A 173 -8.91 -1.95 -30.70
CA GLU A 173 -9.62 -2.98 -29.91
C GLU A 173 -9.43 -4.34 -30.57
N ALA A 174 -9.47 -4.41 -31.90
CA ALA A 174 -9.22 -5.66 -32.65
C ALA A 174 -7.71 -5.99 -32.56
N ASN A 175 -6.86 -4.97 -32.62
CA ASN A 175 -5.38 -5.08 -32.45
C ASN A 175 -5.12 -5.83 -31.13
N VAL A 176 -5.73 -5.38 -30.04
CA VAL A 176 -5.63 -6.02 -28.70
C VAL A 176 -5.97 -7.51 -28.83
N LYS A 177 -7.04 -7.85 -29.55
CA LYS A 177 -7.49 -9.26 -29.59
C LYS A 177 -6.46 -10.09 -30.34
N TYR A 178 -6.05 -9.64 -31.51
CA TYR A 178 -5.05 -10.36 -32.36
C TYR A 178 -3.72 -10.48 -31.60
N LEU A 179 -3.29 -9.44 -30.90
CA LEU A 179 -2.05 -9.48 -30.08
C LEU A 179 -2.23 -10.52 -28.96
N ALA A 180 -3.37 -10.53 -28.30
CA ALA A 180 -3.67 -11.47 -27.19
C ALA A 180 -3.50 -12.92 -27.69
N LEU A 181 -4.00 -13.23 -28.88
CA LEU A 181 -3.96 -14.59 -29.45
C LEU A 181 -2.53 -14.94 -29.87
N ASP A 182 -1.81 -13.99 -30.47
CA ASP A 182 -0.42 -14.15 -30.95
C ASP A 182 0.54 -14.35 -29.76
N LEU A 183 0.56 -13.43 -28.79
CA LEU A 183 1.55 -13.39 -27.69
C LEU A 183 1.09 -14.21 -26.46
N GLY A 184 -0.12 -14.78 -26.48
CA GLY A 184 -0.62 -15.61 -25.37
C GLY A 184 0.31 -16.77 -25.06
N PRO A 185 0.69 -17.59 -26.07
CA PRO A 185 1.59 -18.73 -25.83
C PRO A 185 2.94 -18.32 -25.23
N ASP A 186 3.35 -17.06 -25.37
CA ASP A 186 4.57 -16.50 -24.75
C ASP A 186 4.25 -15.91 -23.38
N ASN A 187 3.08 -16.24 -22.83
CA ASN A 187 2.60 -15.75 -21.51
C ASN A 187 2.61 -14.22 -21.47
N ILE A 188 2.24 -13.57 -22.58
CA ILE A 188 1.99 -12.11 -22.64
C ILE A 188 0.48 -11.88 -22.84
N ARG A 189 -0.11 -11.15 -21.90
CA ARG A 189 -1.55 -10.79 -21.89
C ARG A 189 -1.67 -9.41 -22.52
N VAL A 190 -2.71 -9.21 -23.33
CA VAL A 190 -2.98 -7.91 -24.01
C VAL A 190 -4.46 -7.60 -23.76
N ASN A 191 -4.73 -6.45 -23.16
CA ASN A 191 -6.09 -6.03 -22.73
C ASN A 191 -6.23 -4.54 -22.97
N ALA A 192 -7.46 -4.03 -22.92
CA ALA A 192 -7.79 -2.60 -23.10
C ALA A 192 -8.63 -2.11 -21.92
N ILE A 193 -8.49 -0.83 -21.58
CA ILE A 193 -9.41 -0.12 -20.67
C ILE A 193 -10.18 0.88 -21.51
N SER A 194 -11.51 0.79 -21.50
CA SER A 194 -12.42 1.74 -22.19
C SER A 194 -12.78 2.79 -21.14
N ALA A 195 -12.05 3.91 -21.13
CA ALA A 195 -12.25 4.95 -20.09
C ALA A 195 -13.45 5.81 -20.50
N GLY A 196 -14.23 6.24 -19.53
CA GLY A 196 -15.21 7.32 -19.72
C GLY A 196 -14.49 8.64 -19.92
N PRO A 197 -15.24 9.73 -20.23
CA PRO A 197 -14.63 11.02 -20.56
C PRO A 197 -13.90 11.60 -19.35
N ILE A 198 -12.67 12.07 -19.59
CA ILE A 198 -11.80 12.72 -18.57
C ILE A 198 -11.24 14.01 -19.19
N ARG A 199 -11.29 15.12 -18.43
CA ARG A 199 -10.68 16.43 -18.79
C ARG A 199 -9.16 16.28 -18.81
N THR A 200 -8.55 16.28 -19.99
CA THR A 200 -7.08 16.17 -20.21
C THR A 200 -6.61 17.24 -21.20
N LEU A 201 -5.29 17.36 -21.39
CA LEU A 201 -4.68 18.25 -22.41
C LEU A 201 -5.26 17.94 -23.79
N SER A 202 -5.30 16.65 -24.18
CA SER A 202 -5.79 16.15 -25.49
C SER A 202 -7.27 16.52 -25.67
N ALA A 203 -8.07 16.41 -24.61
CA ALA A 203 -9.55 16.55 -24.65
C ALA A 203 -9.98 18.02 -24.55
N LYS A 204 -9.24 18.83 -23.79
CA LYS A 204 -9.50 20.28 -23.56
C LYS A 204 -9.53 20.99 -24.93
N GLY A 205 -10.59 21.75 -25.21
CA GLY A 205 -10.75 22.50 -26.48
C GLY A 205 -11.02 21.58 -27.65
N VAL A 206 -11.92 20.61 -27.45
CA VAL A 206 -12.67 19.91 -28.53
C VAL A 206 -14.16 20.15 -28.24
N GLY A 207 -14.90 20.65 -29.23
CA GLY A 207 -16.31 21.05 -29.10
C GLY A 207 -17.17 19.97 -28.46
N GLY A 208 -18.07 20.38 -27.55
CA GLY A 208 -19.11 19.53 -26.95
C GLY A 208 -18.59 18.47 -25.99
N PHE A 209 -17.37 18.62 -25.46
CA PHE A 209 -16.81 17.68 -24.46
C PHE A 209 -17.52 17.87 -23.12
N ASN A 210 -17.91 19.11 -22.77
CA ASN A 210 -18.67 19.43 -21.55
C ASN A 210 -20.08 18.81 -21.62
N THR A 211 -20.63 18.70 -22.83
CA THR A 211 -21.97 18.09 -23.10
C THR A 211 -21.94 16.60 -22.69
N ILE A 212 -20.89 15.87 -23.10
CA ILE A 212 -20.74 14.42 -22.84
C ILE A 212 -20.52 14.21 -21.33
N LEU A 213 -19.66 15.01 -20.70
CA LEU A 213 -19.41 14.93 -19.22
C LEU A 213 -20.74 15.00 -18.47
N LYS A 214 -21.65 15.89 -18.90
CA LYS A 214 -22.92 16.16 -18.17
C LYS A 214 -23.89 14.99 -18.42
N GLU A 215 -23.91 14.47 -19.65
CA GLU A 215 -24.73 13.28 -20.04
C GLU A 215 -24.32 12.07 -19.18
N ILE A 216 -23.01 11.85 -18.99
CA ILE A 216 -22.51 10.75 -18.11
C ILE A 216 -23.11 10.95 -16.70
N GLU A 217 -22.95 12.14 -16.09
CA GLU A 217 -23.48 12.41 -14.72
C GLU A 217 -24.99 12.11 -14.65
N GLU A 218 -25.74 12.43 -15.71
CA GLU A 218 -27.22 12.35 -15.70
C GLU A 218 -27.69 10.91 -15.99
N ARG A 219 -27.07 10.18 -16.92
CA ARG A 219 -27.62 8.92 -17.52
C ARG A 219 -26.86 7.66 -17.07
N ALA A 220 -25.56 7.77 -16.77
CA ALA A 220 -24.72 6.60 -16.41
C ALA A 220 -25.16 6.05 -15.07
N PRO A 221 -25.17 4.70 -14.91
CA PRO A 221 -25.57 4.07 -13.65
C PRO A 221 -25.06 4.75 -12.37
N LEU A 222 -23.77 5.07 -12.28
CA LEU A 222 -23.16 5.64 -11.05
C LEU A 222 -23.46 7.15 -10.93
N LYS A 223 -24.08 7.75 -11.96
CA LYS A 223 -24.46 9.18 -11.99
C LYS A 223 -23.26 10.06 -11.62
N ARG A 224 -22.07 9.75 -12.16
CA ARG A 224 -20.83 10.53 -11.92
C ARG A 224 -19.81 10.21 -13.02
N ASN A 225 -18.80 11.06 -13.18
CA ASN A 225 -17.70 10.84 -14.14
C ASN A 225 -16.59 10.08 -13.41
N VAL A 226 -15.62 9.56 -14.15
CA VAL A 226 -14.44 8.83 -13.60
C VAL A 226 -13.23 9.76 -13.68
N ASP A 227 -12.12 9.37 -13.05
CA ASP A 227 -10.87 10.14 -13.07
C ASP A 227 -9.71 9.21 -13.45
N GLN A 228 -8.54 9.80 -13.65
CA GLN A 228 -7.29 9.14 -14.10
C GLN A 228 -6.90 8.04 -13.11
N VAL A 229 -7.16 8.24 -11.82
CA VAL A 229 -6.73 7.30 -10.75
C VAL A 229 -7.56 6.02 -10.88
N GLU A 230 -8.87 6.14 -11.12
CA GLU A 230 -9.78 4.98 -11.33
C GLU A 230 -9.26 4.15 -12.50
N VAL A 231 -8.85 4.81 -13.59
CA VAL A 231 -8.22 4.09 -14.74
C VAL A 231 -6.95 3.42 -14.22
N GLY A 232 -6.15 4.14 -13.42
CA GLY A 232 -4.90 3.61 -12.86
C GLY A 232 -5.13 2.36 -12.03
N LYS A 233 -6.16 2.37 -11.19
CA LYS A 233 -6.52 1.20 -10.34
C LYS A 233 -6.79 -0.01 -11.26
N THR A 234 -7.62 0.14 -12.28
CA THR A 234 -7.93 -0.98 -13.21
C THR A 234 -6.65 -1.35 -13.97
N ALA A 235 -5.78 -0.38 -14.26
CA ALA A 235 -4.47 -0.64 -14.93
C ALA A 235 -3.61 -1.51 -14.01
N ALA A 236 -3.57 -1.21 -12.73
CA ALA A 236 -2.84 -2.02 -11.71
C ALA A 236 -3.29 -3.48 -11.81
N TYR A 237 -4.60 -3.71 -11.81
CA TYR A 237 -5.23 -5.06 -11.91
C TYR A 237 -4.72 -5.75 -13.18
N LEU A 238 -4.81 -5.06 -14.34
CA LEU A 238 -4.51 -5.69 -15.65
C LEU A 238 -3.01 -5.90 -15.81
N LEU A 239 -2.19 -4.97 -15.31
CA LEU A 239 -0.71 -5.04 -15.44
C LEU A 239 -0.12 -6.07 -14.47
N SER A 240 -0.70 -6.21 -13.28
CA SER A 240 -0.22 -7.15 -12.23
C SER A 240 -0.67 -8.57 -12.55
N ASP A 241 -0.29 -9.56 -11.74
CA ASP A 241 -0.69 -10.97 -11.95
C ASP A 241 -2.07 -11.20 -11.32
N LEU A 242 -2.68 -10.17 -10.73
CA LEU A 242 -4.07 -10.23 -10.18
C LEU A 242 -5.06 -10.60 -11.29
N SER A 243 -4.77 -10.20 -12.53
CA SER A 243 -5.61 -10.44 -13.72
C SER A 243 -5.10 -11.63 -14.52
N SER A 244 -4.40 -12.57 -13.89
CA SER A 244 -3.93 -13.79 -14.58
C SER A 244 -5.16 -14.46 -15.19
N GLY A 245 -5.02 -15.01 -16.39
CA GLY A 245 -6.14 -15.68 -17.07
C GLY A 245 -7.08 -14.72 -17.80
N VAL A 246 -6.85 -13.41 -17.70
CA VAL A 246 -7.59 -12.37 -18.47
C VAL A 246 -6.72 -11.82 -19.60
N THR A 247 -7.16 -11.99 -20.85
CA THR A 247 -6.46 -11.45 -22.04
C THR A 247 -7.50 -11.27 -23.14
N GLY A 248 -7.27 -10.34 -24.06
CA GLY A 248 -8.23 -10.03 -25.13
C GLY A 248 -9.48 -9.37 -24.56
N GLU A 249 -9.37 -8.80 -23.36
CA GLU A 249 -10.54 -8.26 -22.65
C GLU A 249 -10.53 -6.72 -22.79
N ASN A 250 -11.70 -6.12 -22.71
CA ASN A 250 -11.95 -4.66 -22.73
C ASN A 250 -12.77 -4.32 -21.48
N ILE A 251 -12.13 -3.76 -20.47
CA ILE A 251 -12.78 -3.37 -19.18
C ILE A 251 -13.21 -1.91 -19.27
N HIS A 252 -14.50 -1.65 -19.17
CA HIS A 252 -15.09 -0.31 -19.23
C HIS A 252 -14.98 0.31 -17.83
N VAL A 253 -14.16 1.37 -17.72
CA VAL A 253 -14.04 2.20 -16.50
C VAL A 253 -14.76 3.51 -16.81
N ASP A 254 -16.10 3.48 -16.75
CA ASP A 254 -16.97 4.49 -17.39
C ASP A 254 -18.30 4.64 -16.65
N SER A 255 -18.35 4.32 -15.38
CA SER A 255 -19.55 4.49 -14.52
C SER A 255 -20.73 3.66 -15.05
N GLY A 256 -20.47 2.68 -15.93
CA GLY A 256 -21.50 1.76 -16.43
C GLY A 256 -22.16 2.25 -17.71
N PHE A 257 -21.68 3.35 -18.29
CA PHE A 257 -22.31 3.97 -19.49
C PHE A 257 -22.46 2.94 -20.63
N HIS A 258 -21.45 2.09 -20.84
CA HIS A 258 -21.41 1.04 -21.90
C HIS A 258 -22.59 0.06 -21.82
N ALA A 259 -23.12 -0.17 -20.61
CA ALA A 259 -24.16 -1.20 -20.32
C ALA A 259 -25.56 -0.66 -20.61
N ILE A 260 -25.71 0.65 -20.82
CA ILE A 260 -27.06 1.28 -20.93
C ILE A 260 -27.27 1.82 -22.35
N LYS A 261 -28.50 2.18 -22.69
CA LYS A 261 -28.81 2.67 -24.07
C LYS A 261 -30.02 3.61 -24.03
N GLY B 1 -45.33 0.61 -57.05
CA GLY B 1 -45.75 1.13 -55.73
C GLY B 1 -47.11 0.58 -55.33
N SER B 2 -47.23 -0.75 -55.20
CA SER B 2 -48.47 -1.48 -54.78
C SER B 2 -48.16 -2.57 -53.75
N HIS B 3 -47.26 -3.52 -54.04
CA HIS B 3 -46.64 -4.36 -52.99
C HIS B 3 -45.76 -3.44 -52.13
N MET B 4 -45.95 -3.48 -50.80
CA MET B 4 -45.19 -2.75 -49.75
C MET B 4 -43.75 -3.28 -49.72
N ALA B 5 -43.65 -4.62 -49.67
CA ALA B 5 -42.46 -5.45 -49.95
C ALA B 5 -42.26 -5.67 -51.44
N SER B 6 -41.08 -5.31 -51.96
CA SER B 6 -40.71 -5.50 -53.38
C SER B 6 -39.24 -5.87 -53.54
N LEU B 7 -38.98 -6.85 -54.39
CA LEU B 7 -37.61 -7.23 -54.84
C LEU B 7 -37.48 -6.97 -56.34
N ASN B 8 -38.35 -6.13 -56.90
CA ASN B 8 -38.34 -5.77 -58.34
C ASN B 8 -37.45 -4.56 -58.50
N LEU B 9 -36.27 -4.72 -59.11
CA LEU B 9 -35.24 -3.65 -59.16
C LEU B 9 -35.09 -3.10 -60.59
N GLU B 10 -36.08 -3.29 -61.48
CA GLU B 10 -36.14 -2.48 -62.72
C GLU B 10 -36.22 -1.03 -62.26
N ASN B 11 -35.54 -0.11 -62.95
CA ASN B 11 -35.52 1.34 -62.61
C ASN B 11 -34.57 1.63 -61.45
N LYS B 12 -33.88 0.62 -60.91
CA LYS B 12 -32.80 0.80 -59.91
C LYS B 12 -31.46 0.61 -60.63
N THR B 13 -30.46 1.40 -60.24
CA THR B 13 -29.06 1.30 -60.74
C THR B 13 -28.10 1.17 -59.54
N TYR B 14 -27.23 0.16 -59.59
CA TYR B 14 -26.25 -0.17 -58.52
C TYR B 14 -24.85 -0.25 -59.10
N VAL B 15 -23.89 0.41 -58.45
CA VAL B 15 -22.43 0.28 -58.71
C VAL B 15 -21.90 -0.92 -57.91
N ILE B 16 -21.24 -1.86 -58.58
CA ILE B 16 -20.63 -3.07 -57.96
C ILE B 16 -19.11 -3.00 -58.10
N MET B 17 -18.42 -2.73 -56.99
CA MET B 17 -16.94 -2.61 -56.91
C MET B 17 -16.37 -3.95 -56.44
N GLY B 18 -15.48 -4.54 -57.25
CA GLY B 18 -14.58 -5.64 -56.84
C GLY B 18 -14.89 -6.98 -57.48
N ILE B 19 -15.44 -7.01 -58.69
CA ILE B 19 -15.40 -8.28 -59.49
C ILE B 19 -13.99 -8.44 -60.08
N ALA B 20 -13.46 -9.66 -59.99
CA ALA B 20 -12.13 -10.06 -60.49
C ALA B 20 -12.28 -11.28 -61.42
N ASN B 21 -13.13 -12.25 -61.04
CA ASN B 21 -13.42 -13.45 -61.87
C ASN B 21 -14.80 -14.01 -61.49
N LYS B 22 -15.16 -15.18 -62.01
CA LYS B 22 -16.51 -15.79 -61.88
C LYS B 22 -16.75 -16.19 -60.41
N ARG B 23 -15.69 -16.34 -59.62
CA ARG B 23 -15.77 -16.84 -58.23
C ARG B 23 -15.92 -15.67 -57.25
N SER B 24 -15.67 -14.43 -57.69
CA SER B 24 -15.76 -13.23 -56.82
C SER B 24 -17.14 -13.15 -56.18
N ILE B 25 -17.18 -12.87 -54.87
CA ILE B 25 -18.43 -12.60 -54.12
C ILE B 25 -19.23 -11.54 -54.88
N ALA B 26 -18.57 -10.48 -55.35
CA ALA B 26 -19.23 -9.36 -56.05
C ALA B 26 -20.01 -9.88 -57.27
N PHE B 27 -19.56 -10.97 -57.89
CA PHE B 27 -20.24 -11.52 -59.09
C PHE B 27 -21.53 -12.22 -58.65
N GLY B 28 -21.52 -12.93 -57.52
CA GLY B 28 -22.72 -13.48 -56.89
C GLY B 28 -23.76 -12.39 -56.70
N VAL B 29 -23.31 -11.22 -56.23
CA VAL B 29 -24.19 -10.03 -56.01
C VAL B 29 -24.75 -9.61 -57.38
N ALA B 30 -23.89 -9.52 -58.40
CA ALA B 30 -24.25 -9.12 -59.79
C ALA B 30 -25.29 -10.07 -60.36
N LYS B 31 -25.02 -11.39 -60.38
CA LYS B 31 -25.97 -12.40 -60.91
C LYS B 31 -27.36 -12.12 -60.34
N VAL B 32 -27.45 -11.99 -59.02
CA VAL B 32 -28.73 -11.85 -58.27
C VAL B 32 -29.41 -10.53 -58.65
N LEU B 33 -28.70 -9.41 -58.57
CA LEU B 33 -29.28 -8.07 -58.84
C LEU B 33 -29.77 -8.02 -60.30
N ASP B 34 -29.00 -8.64 -61.21
CA ASP B 34 -29.32 -8.74 -62.65
C ASP B 34 -30.67 -9.48 -62.82
N GLN B 35 -30.79 -10.71 -62.31
CA GLN B 35 -32.05 -11.52 -62.35
C GLN B 35 -33.26 -10.69 -61.87
N LEU B 36 -33.06 -9.74 -60.96
CA LEU B 36 -34.17 -8.93 -60.38
C LEU B 36 -34.37 -7.67 -61.23
N GLY B 37 -33.56 -7.47 -62.27
CA GLY B 37 -33.80 -6.50 -63.35
C GLY B 37 -33.12 -5.17 -63.13
N ALA B 38 -32.08 -5.10 -62.30
CA ALA B 38 -31.35 -3.85 -62.01
C ALA B 38 -30.40 -3.52 -63.16
N LYS B 39 -30.16 -2.24 -63.40
CA LYS B 39 -29.03 -1.75 -64.23
C LYS B 39 -27.78 -1.77 -63.35
N LEU B 40 -26.70 -2.40 -63.82
CA LEU B 40 -25.44 -2.59 -63.05
C LEU B 40 -24.28 -1.86 -63.71
N VAL B 41 -23.62 -0.98 -62.97
CA VAL B 41 -22.28 -0.40 -63.24
C VAL B 41 -21.23 -1.23 -62.48
N PHE B 42 -20.09 -1.52 -63.09
CA PHE B 42 -18.99 -2.34 -62.50
C PHE B 42 -17.71 -1.50 -62.39
N THR B 43 -16.88 -1.76 -61.38
CA THR B 43 -15.54 -1.15 -61.20
C THR B 43 -14.52 -2.26 -60.89
N TYR B 44 -13.29 -2.07 -61.37
CA TYR B 44 -12.13 -3.01 -61.30
C TYR B 44 -10.84 -2.21 -61.08
N ARG B 45 -9.74 -2.87 -60.69
CA ARG B 45 -8.39 -2.26 -60.60
C ARG B 45 -7.56 -2.72 -61.81
N LYS B 46 -7.15 -3.99 -61.82
CA LYS B 46 -6.21 -4.58 -62.83
C LYS B 46 -6.94 -4.74 -64.18
N GLU B 47 -6.20 -4.75 -65.29
CA GLU B 47 -6.74 -4.94 -66.66
C GLU B 47 -7.27 -6.36 -66.79
N ARG B 48 -6.61 -7.34 -66.15
CA ARG B 48 -7.02 -8.77 -66.10
C ARG B 48 -8.48 -8.89 -65.66
N SER B 49 -8.92 -8.04 -64.72
CA SER B 49 -10.31 -8.01 -64.18
C SER B 49 -11.28 -7.49 -65.26
N ARG B 50 -10.83 -6.55 -66.10
CA ARG B 50 -11.66 -5.96 -67.20
C ARG B 50 -11.96 -7.03 -68.25
N LYS B 51 -10.93 -7.72 -68.74
CA LYS B 51 -11.08 -8.80 -69.75
C LYS B 51 -12.11 -9.81 -69.23
N GLU B 52 -11.97 -10.24 -67.96
CA GLU B 52 -12.87 -11.21 -67.28
C GLU B 52 -14.30 -10.63 -67.20
N LEU B 53 -14.42 -9.35 -66.85
CA LEU B 53 -15.75 -8.70 -66.68
C LEU B 53 -16.52 -8.79 -68.00
N GLU B 54 -15.91 -8.37 -69.10
CA GLU B 54 -16.51 -8.37 -70.46
C GLU B 54 -16.97 -9.78 -70.83
N LYS B 55 -16.13 -10.79 -70.58
CA LYS B 55 -16.44 -12.24 -70.76
C LYS B 55 -17.65 -12.60 -69.89
N LEU B 56 -17.74 -12.06 -68.67
CA LEU B 56 -18.79 -12.42 -67.68
C LEU B 56 -20.12 -11.73 -68.02
N LEU B 57 -20.09 -10.47 -68.46
CA LEU B 57 -21.32 -9.67 -68.82
C LEU B 57 -22.24 -10.44 -69.78
N GLU B 58 -21.71 -11.39 -70.56
CA GLU B 58 -22.49 -12.22 -71.50
C GLU B 58 -23.44 -13.15 -70.73
N GLN B 59 -23.01 -13.60 -69.54
CA GLN B 59 -23.82 -14.41 -68.59
C GLN B 59 -25.00 -13.60 -68.05
N LEU B 60 -24.90 -12.27 -68.08
CA LEU B 60 -25.93 -11.33 -67.55
C LEU B 60 -26.83 -10.82 -68.68
N ASN B 61 -27.82 -10.00 -68.32
CA ASN B 61 -28.83 -9.39 -69.21
C ASN B 61 -28.69 -7.87 -69.10
N GLN B 62 -27.46 -7.38 -69.06
CA GLN B 62 -27.16 -5.92 -69.05
C GLN B 62 -27.00 -5.50 -70.51
N PRO B 63 -27.87 -4.60 -71.03
CA PRO B 63 -27.82 -4.24 -72.43
C PRO B 63 -26.45 -3.62 -72.70
N GLU B 64 -26.16 -2.52 -72.00
CA GLU B 64 -24.90 -1.74 -72.17
C GLU B 64 -23.98 -2.00 -70.96
N ALA B 65 -22.84 -2.64 -71.23
CA ALA B 65 -21.70 -2.81 -70.30
C ALA B 65 -21.13 -1.42 -69.98
N HIS B 66 -21.33 -0.91 -68.76
CA HIS B 66 -20.60 0.26 -68.20
C HIS B 66 -19.55 -0.20 -67.18
N LEU B 67 -18.29 -0.23 -67.60
CA LEU B 67 -17.10 -0.65 -66.81
C LEU B 67 -16.21 0.57 -66.57
N TYR B 68 -15.66 0.71 -65.35
CA TYR B 68 -14.78 1.85 -64.95
C TYR B 68 -13.60 1.35 -64.13
N GLN B 69 -12.40 1.83 -64.45
CA GLN B 69 -11.14 1.52 -63.74
C GLN B 69 -11.06 2.44 -62.50
N ILE B 70 -11.18 1.86 -61.30
CA ILE B 70 -11.00 2.58 -60.01
C ILE B 70 -10.13 1.74 -59.09
N ASP B 71 -8.89 2.20 -58.89
CA ASP B 71 -7.99 1.79 -57.80
C ASP B 71 -8.33 2.70 -56.61
N VAL B 72 -8.86 2.11 -55.54
CA VAL B 72 -9.42 2.89 -54.39
C VAL B 72 -8.29 3.55 -53.60
N GLN B 73 -7.02 3.29 -53.96
CA GLN B 73 -5.85 3.95 -53.31
C GLN B 73 -5.69 5.39 -53.83
N SER B 74 -6.31 5.73 -54.97
CA SER B 74 -6.22 7.05 -55.65
C SER B 74 -7.51 7.84 -55.44
N ASP B 75 -7.43 8.96 -54.70
CA ASP B 75 -8.55 9.92 -54.56
C ASP B 75 -9.09 10.22 -55.97
N GLU B 76 -8.20 10.49 -56.93
CA GLU B 76 -8.58 10.97 -58.28
C GLU B 76 -9.39 9.89 -59.01
N GLU B 77 -8.88 8.65 -59.08
CA GLU B 77 -9.55 7.53 -59.81
C GLU B 77 -10.96 7.30 -59.24
N VAL B 78 -11.13 7.50 -57.94
CA VAL B 78 -12.44 7.30 -57.22
C VAL B 78 -13.34 8.50 -57.54
N ILE B 79 -12.86 9.73 -57.33
CA ILE B 79 -13.65 10.97 -57.60
C ILE B 79 -14.07 11.00 -59.07
N ASN B 80 -13.14 10.78 -60.01
CA ASN B 80 -13.39 10.87 -61.47
C ASN B 80 -14.31 9.72 -61.87
N GLY B 81 -13.98 8.50 -61.48
CA GLY B 81 -14.80 7.29 -61.69
C GLY B 81 -16.28 7.56 -61.42
N PHE B 82 -16.62 8.20 -60.28
CA PHE B 82 -18.01 8.39 -59.82
C PHE B 82 -18.64 9.56 -60.58
N GLU B 83 -17.92 10.67 -60.78
CA GLU B 83 -18.37 11.79 -61.64
C GLU B 83 -18.76 11.24 -63.01
N GLN B 84 -17.90 10.40 -63.58
CA GLN B 84 -18.04 9.77 -64.93
C GLN B 84 -19.27 8.84 -64.96
N ILE B 85 -19.48 8.06 -63.91
CA ILE B 85 -20.68 7.17 -63.77
C ILE B 85 -21.94 8.04 -63.78
N GLY B 86 -21.93 9.14 -63.01
CA GLY B 86 -23.01 10.15 -62.97
C GLY B 86 -23.34 10.71 -64.34
N LYS B 87 -22.33 10.96 -65.18
CA LYS B 87 -22.49 11.49 -66.56
C LYS B 87 -23.10 10.39 -67.45
N ASP B 88 -22.58 9.16 -67.39
CA ASP B 88 -22.89 8.05 -68.34
C ASP B 88 -24.25 7.41 -68.02
N VAL B 89 -24.69 7.32 -66.74
CA VAL B 89 -25.95 6.61 -66.37
C VAL B 89 -26.83 7.47 -65.45
N GLY B 90 -26.36 8.61 -64.96
CA GLY B 90 -27.12 9.48 -64.05
C GLY B 90 -27.05 8.99 -62.61
N ASN B 91 -28.10 9.25 -61.83
CA ASN B 91 -28.19 8.96 -60.39
C ASN B 91 -28.28 7.44 -60.15
N ILE B 92 -27.72 6.96 -59.04
CA ILE B 92 -27.68 5.51 -58.65
C ILE B 92 -28.50 5.30 -57.39
N ASP B 93 -28.82 4.04 -57.06
CA ASP B 93 -29.63 3.69 -55.87
C ASP B 93 -28.75 3.04 -54.79
N GLY B 94 -27.53 2.61 -55.12
CA GLY B 94 -26.60 2.09 -54.10
C GLY B 94 -25.26 1.63 -54.66
N VAL B 95 -24.38 1.20 -53.75
CA VAL B 95 -23.02 0.69 -54.05
C VAL B 95 -22.83 -0.61 -53.26
N TYR B 96 -22.36 -1.66 -53.94
CA TYR B 96 -21.84 -2.88 -53.27
C TYR B 96 -20.31 -2.85 -53.28
N HIS B 97 -19.71 -2.82 -52.10
CA HIS B 97 -18.24 -2.77 -51.88
C HIS B 97 -17.75 -4.17 -51.56
N SER B 98 -16.87 -4.73 -52.39
CA SER B 98 -16.34 -6.11 -52.28
C SER B 98 -14.82 -6.08 -52.48
N ILE B 99 -14.14 -5.23 -51.72
CA ILE B 99 -12.71 -4.88 -51.91
C ILE B 99 -11.98 -5.01 -50.58
N ALA B 100 -10.91 -5.80 -50.58
CA ALA B 100 -9.92 -5.90 -49.49
C ALA B 100 -8.57 -6.33 -50.09
N PHE B 101 -7.47 -6.05 -49.38
CA PHE B 101 -6.11 -6.53 -49.69
C PHE B 101 -5.19 -6.34 -48.49
N ALA B 102 -4.31 -7.33 -48.25
CA ALA B 102 -3.12 -7.23 -47.38
C ALA B 102 -1.95 -7.96 -48.04
N ASN B 103 -0.70 -7.56 -47.73
CA ASN B 103 0.50 -8.24 -48.28
C ASN B 103 0.55 -9.66 -47.71
N MET B 104 0.81 -10.66 -48.54
CA MET B 104 0.92 -12.06 -48.07
C MET B 104 2.01 -12.15 -46.98
N GLU B 105 3.08 -11.35 -47.06
CA GLU B 105 4.18 -11.35 -46.04
C GLU B 105 3.55 -11.18 -44.65
N ASP B 106 2.66 -10.18 -44.52
CA ASP B 106 1.97 -9.81 -43.25
C ASP B 106 1.01 -10.94 -42.82
N LEU B 107 0.24 -11.52 -43.75
CA LEU B 107 -0.76 -12.60 -43.46
C LEU B 107 -0.06 -13.91 -43.05
N ARG B 108 1.11 -14.23 -43.62
CA ARG B 108 1.84 -15.49 -43.32
C ARG B 108 2.46 -15.39 -41.93
N GLY B 109 2.91 -14.19 -41.57
CA GLY B 109 3.62 -13.87 -40.31
C GLY B 109 2.80 -14.12 -39.07
N ARG B 110 3.46 -13.95 -37.93
CA ARG B 110 2.84 -13.69 -36.62
C ARG B 110 2.29 -12.27 -36.68
N PHE B 111 1.09 -12.01 -36.12
CA PHE B 111 0.43 -10.69 -36.26
C PHE B 111 1.32 -9.60 -35.64
N SER B 112 2.07 -9.90 -34.57
CA SER B 112 2.94 -8.91 -33.89
C SER B 112 4.11 -8.48 -34.78
N GLU B 113 4.41 -9.23 -35.85
CA GLU B 113 5.53 -8.93 -36.77
C GLU B 113 5.08 -7.99 -37.90
N THR B 114 3.78 -7.67 -37.98
CA THR B 114 3.17 -6.88 -39.09
C THR B 114 3.95 -5.57 -39.28
N SER B 115 4.23 -5.21 -40.54
CA SER B 115 4.94 -3.97 -40.94
C SER B 115 3.97 -2.78 -40.90
N ARG B 116 4.47 -1.61 -40.50
CA ARG B 116 3.71 -0.34 -40.52
C ARG B 116 3.10 -0.12 -41.92
N GLU B 117 3.86 -0.36 -42.97
CA GLU B 117 3.42 -0.13 -44.37
C GLU B 117 2.30 -1.12 -44.70
N GLY B 118 2.46 -2.39 -44.32
CA GLY B 118 1.48 -3.48 -44.56
C GLY B 118 0.14 -3.24 -43.84
N PHE B 119 0.19 -2.73 -42.62
CA PHE B 119 -0.97 -2.42 -41.74
C PHE B 119 -1.79 -1.28 -42.35
N LEU B 120 -1.11 -0.18 -42.69
CA LEU B 120 -1.74 1.03 -43.28
C LEU B 120 -2.27 0.71 -44.68
N LEU B 121 -1.62 -0.22 -45.40
CA LEU B 121 -2.07 -0.65 -46.75
C LEU B 121 -3.43 -1.36 -46.61
N ALA B 122 -3.50 -2.37 -45.71
CA ALA B 122 -4.73 -3.12 -45.38
C ALA B 122 -5.84 -2.14 -44.98
N GLN B 123 -5.54 -1.20 -44.09
CA GLN B 123 -6.50 -0.15 -43.65
C GLN B 123 -6.97 0.66 -44.87
N ASP B 124 -6.03 1.10 -45.73
CA ASP B 124 -6.29 2.04 -46.87
C ASP B 124 -7.29 1.37 -47.83
N ILE B 125 -6.96 0.18 -48.33
CA ILE B 125 -7.77 -0.51 -49.37
C ILE B 125 -9.06 -1.06 -48.74
N SER B 126 -8.95 -1.67 -47.56
CA SER B 126 -10.00 -2.57 -46.99
C SER B 126 -11.03 -1.79 -46.17
N SER B 127 -10.70 -0.57 -45.73
CA SER B 127 -11.56 0.24 -44.83
C SER B 127 -11.76 1.67 -45.36
N TYR B 128 -10.68 2.47 -45.50
CA TYR B 128 -10.81 3.88 -45.95
C TYR B 128 -11.54 3.94 -47.31
N SER B 129 -11.28 2.97 -48.20
CA SER B 129 -11.91 2.94 -49.55
C SER B 129 -13.42 3.21 -49.39
N LEU B 130 -14.05 2.56 -48.41
CA LEU B 130 -15.52 2.70 -48.22
C LEU B 130 -15.86 4.15 -47.90
N THR B 131 -15.06 4.84 -47.08
CA THR B 131 -15.33 6.24 -46.65
C THR B 131 -15.36 7.18 -47.86
N ILE B 132 -14.37 7.08 -48.76
CA ILE B 132 -14.28 8.00 -49.94
C ILE B 132 -15.31 7.56 -51.00
N VAL B 133 -15.43 6.25 -51.27
CA VAL B 133 -16.50 5.73 -52.16
C VAL B 133 -17.85 6.31 -51.71
N ALA B 134 -18.11 6.31 -50.40
CA ALA B 134 -19.39 6.77 -49.84
C ALA B 134 -19.57 8.26 -50.14
N HIS B 135 -18.51 9.07 -49.91
CA HIS B 135 -18.54 10.54 -50.10
C HIS B 135 -18.88 10.89 -51.55
N GLU B 136 -18.27 10.18 -52.50
CA GLU B 136 -18.44 10.48 -53.95
C GLU B 136 -19.80 9.94 -54.42
N ALA B 137 -20.15 8.70 -54.03
CA ALA B 137 -21.42 8.05 -54.46
C ALA B 137 -22.61 8.86 -53.92
N LYS B 138 -22.46 9.52 -52.76
CA LYS B 138 -23.51 10.38 -52.15
C LYS B 138 -23.93 11.46 -53.16
N LYS B 139 -22.99 11.95 -53.96
CA LYS B 139 -23.22 12.97 -55.02
C LYS B 139 -24.28 12.43 -56.02
N LEU B 140 -24.27 11.12 -56.31
CA LEU B 140 -25.20 10.46 -57.27
C LEU B 140 -26.46 9.91 -56.58
N MET B 141 -26.71 10.21 -55.30
CA MET B 141 -27.83 9.61 -54.54
C MET B 141 -28.55 10.70 -53.76
N PRO B 142 -29.06 11.76 -54.43
CA PRO B 142 -29.70 12.87 -53.74
C PRO B 142 -31.09 12.48 -53.20
N GLU B 143 -31.65 11.39 -53.72
CA GLU B 143 -32.97 10.82 -53.31
C GLU B 143 -32.76 9.93 -52.07
N GLY B 144 -31.51 9.47 -51.86
CA GLY B 144 -31.14 8.44 -50.88
C GLY B 144 -30.65 7.18 -51.59
N GLY B 145 -30.34 6.13 -50.82
CA GLY B 145 -29.81 4.86 -51.35
C GLY B 145 -29.22 3.99 -50.26
N SER B 146 -28.54 2.92 -50.66
CA SER B 146 -28.01 1.87 -49.75
C SER B 146 -26.58 1.54 -50.15
N ILE B 147 -25.66 1.57 -49.19
CA ILE B 147 -24.25 1.11 -49.39
C ILE B 147 -24.03 -0.14 -48.53
N VAL B 148 -23.49 -1.19 -49.13
CA VAL B 148 -23.15 -2.46 -48.43
C VAL B 148 -21.67 -2.77 -48.67
N ALA B 149 -20.97 -3.16 -47.60
CA ALA B 149 -19.56 -3.63 -47.64
C ALA B 149 -19.50 -5.06 -47.13
N THR B 150 -18.46 -5.78 -47.52
CA THR B 150 -18.30 -7.23 -47.23
C THR B 150 -17.26 -7.37 -46.14
N THR B 151 -17.58 -8.08 -45.06
CA THR B 151 -16.65 -8.29 -43.93
C THR B 151 -16.62 -9.77 -43.59
N TYR B 152 -15.82 -10.12 -42.58
CA TYR B 152 -15.64 -11.50 -42.11
C TYR B 152 -15.56 -11.44 -40.58
N LEU B 153 -16.02 -12.51 -39.94
CA LEU B 153 -16.06 -12.72 -38.47
C LEU B 153 -14.76 -12.24 -37.82
N GLY B 154 -13.66 -12.34 -38.56
CA GLY B 154 -12.32 -11.98 -38.07
C GLY B 154 -12.20 -10.54 -37.67
N GLY B 155 -13.17 -9.69 -38.06
CA GLY B 155 -13.24 -8.29 -37.59
C GLY B 155 -13.81 -8.18 -36.19
N GLU B 156 -14.52 -9.21 -35.71
CA GLU B 156 -15.21 -9.25 -34.39
C GLU B 156 -14.43 -10.14 -33.40
N PHE B 157 -13.69 -11.14 -33.89
CA PHE B 157 -12.93 -12.12 -33.06
C PHE B 157 -11.57 -12.38 -33.72
N ALA B 158 -10.55 -12.61 -32.89
CA ALA B 158 -9.22 -13.08 -33.31
C ALA B 158 -9.39 -14.46 -33.94
N VAL B 159 -9.24 -14.57 -35.26
CA VAL B 159 -9.25 -15.88 -35.98
C VAL B 159 -7.81 -16.18 -36.42
N GLN B 160 -7.40 -17.45 -36.31
CA GLN B 160 -6.03 -17.87 -36.72
C GLN B 160 -5.82 -17.48 -38.19
N ASN B 161 -4.73 -16.76 -38.46
CA ASN B 161 -4.11 -16.53 -39.80
C ASN B 161 -4.69 -15.30 -40.51
N TYR B 162 -5.77 -14.70 -39.99
CA TYR B 162 -6.42 -13.51 -40.62
C TYR B 162 -5.56 -12.28 -40.31
N ASN B 163 -4.89 -12.32 -39.17
CA ASN B 163 -3.89 -11.31 -38.72
C ASN B 163 -4.36 -9.90 -39.13
N VAL B 164 -3.55 -9.15 -39.88
CA VAL B 164 -3.75 -7.70 -40.15
C VAL B 164 -5.13 -7.45 -40.79
N MET B 165 -5.66 -8.42 -41.53
CA MET B 165 -6.96 -8.23 -42.22
C MET B 165 -8.10 -8.20 -41.18
N GLY B 166 -7.95 -8.88 -40.05
CA GLY B 166 -8.91 -8.81 -38.92
C GLY B 166 -9.04 -7.40 -38.38
N VAL B 167 -7.90 -6.70 -38.24
CA VAL B 167 -7.90 -5.31 -37.72
C VAL B 167 -8.48 -4.39 -38.80
N ALA B 168 -8.20 -4.67 -40.06
CA ALA B 168 -8.79 -3.94 -41.20
C ALA B 168 -10.33 -4.13 -41.21
N LYS B 169 -10.82 -5.36 -41.02
CA LYS B 169 -12.29 -5.64 -41.03
C LYS B 169 -12.96 -4.96 -39.82
N ALA B 170 -12.31 -4.94 -38.66
CA ALA B 170 -12.87 -4.26 -37.47
C ALA B 170 -12.99 -2.77 -37.80
N SER B 171 -11.99 -2.21 -38.48
CA SER B 171 -11.96 -0.81 -38.96
C SER B 171 -13.15 -0.61 -39.93
N LEU B 172 -13.30 -1.49 -40.91
CA LEU B 172 -14.40 -1.44 -41.91
C LEU B 172 -15.75 -1.44 -41.17
N GLU B 173 -15.93 -2.35 -40.21
CA GLU B 173 -17.22 -2.55 -39.50
C GLU B 173 -17.56 -1.27 -38.72
N ALA B 174 -16.57 -0.62 -38.11
CA ALA B 174 -16.76 0.67 -37.40
C ALA B 174 -17.02 1.77 -38.44
N ASN B 175 -16.32 1.72 -39.57
CA ASN B 175 -16.51 2.63 -40.73
C ASN B 175 -17.99 2.62 -41.11
N VAL B 176 -18.56 1.43 -41.30
CA VAL B 176 -20.00 1.24 -41.63
C VAL B 176 -20.85 1.99 -40.60
N LYS B 177 -20.54 1.87 -39.31
CA LYS B 177 -21.40 2.45 -38.26
C LYS B 177 -21.33 3.97 -38.36
N TYR B 178 -20.12 4.52 -38.42
CA TYR B 178 -19.91 5.98 -38.49
C TYR B 178 -20.53 6.52 -39.79
N LEU B 179 -20.41 5.83 -40.92
CA LEU B 179 -21.05 6.24 -42.20
C LEU B 179 -22.57 6.22 -42.03
N ALA B 180 -23.11 5.18 -41.40
CA ALA B 180 -24.57 5.04 -41.17
C ALA B 180 -25.09 6.26 -40.41
N LEU B 181 -24.38 6.72 -39.38
CA LEU B 181 -24.80 7.86 -38.53
C LEU B 181 -24.67 9.17 -39.31
N ASP B 182 -23.59 9.33 -40.09
CA ASP B 182 -23.30 10.52 -40.91
C ASP B 182 -24.32 10.65 -42.06
N LEU B 183 -24.49 9.63 -42.89
CA LEU B 183 -25.29 9.68 -44.13
C LEU B 183 -26.76 9.30 -43.87
N GLY B 184 -27.14 8.91 -42.65
CA GLY B 184 -28.53 8.58 -42.33
C GLY B 184 -29.48 9.74 -42.65
N PRO B 185 -29.21 10.95 -42.13
CA PRO B 185 -30.05 12.12 -42.40
C PRO B 185 -30.21 12.44 -43.90
N ASP B 186 -29.29 11.96 -44.75
CA ASP B 186 -29.38 12.08 -46.24
C ASP B 186 -30.11 10.87 -46.82
N ASN B 187 -30.77 10.09 -45.97
CA ASN B 187 -31.52 8.88 -46.38
C ASN B 187 -30.60 7.89 -47.12
N ILE B 188 -29.35 7.79 -46.69
CA ILE B 188 -28.40 6.75 -47.17
C ILE B 188 -28.14 5.77 -46.03
N ARG B 189 -28.43 4.50 -46.28
CA ARG B 189 -28.24 3.39 -45.33
C ARG B 189 -26.87 2.75 -45.64
N VAL B 190 -26.13 2.40 -44.60
CA VAL B 190 -24.78 1.78 -44.72
C VAL B 190 -24.78 0.55 -43.82
N ASN B 191 -24.52 -0.62 -44.40
CA ASN B 191 -24.61 -1.93 -43.73
C ASN B 191 -23.47 -2.81 -44.24
N ALA B 192 -23.23 -3.93 -43.56
CA ALA B 192 -22.19 -4.91 -43.91
C ALA B 192 -22.81 -6.30 -43.97
N ILE B 193 -22.27 -7.15 -44.83
CA ILE B 193 -22.53 -8.61 -44.83
C ILE B 193 -21.26 -9.30 -44.36
N SER B 194 -21.36 -10.09 -43.29
CA SER B 194 -20.24 -10.92 -42.77
C SER B 194 -20.40 -12.28 -43.45
N ALA B 195 -19.70 -12.52 -44.54
CA ALA B 195 -19.81 -13.78 -45.31
C ALA B 195 -18.99 -14.85 -44.60
N GLY B 196 -19.49 -16.08 -44.59
CA GLY B 196 -18.67 -17.26 -44.24
C GLY B 196 -17.64 -17.51 -45.33
N PRO B 197 -16.75 -18.51 -45.14
CA PRO B 197 -15.67 -18.75 -46.10
C PRO B 197 -16.21 -19.23 -47.45
N ILE B 198 -15.70 -18.63 -48.52
CA ILE B 198 -16.05 -18.96 -49.95
C ILE B 198 -14.75 -19.08 -50.76
N ARG B 199 -14.64 -20.11 -51.61
CA ARG B 199 -13.49 -20.31 -52.54
C ARG B 199 -13.51 -19.22 -53.62
N THR B 200 -12.60 -18.25 -53.55
CA THR B 200 -12.48 -17.12 -54.52
C THR B 200 -11.02 -16.96 -54.94
N LEU B 201 -10.77 -16.10 -55.92
CA LEU B 201 -9.39 -15.74 -56.37
C LEU B 201 -8.58 -15.24 -55.18
N SER B 202 -9.12 -14.31 -54.38
CA SER B 202 -8.48 -13.68 -53.20
C SER B 202 -8.14 -14.73 -52.14
N ALA B 203 -9.02 -15.71 -51.93
CA ALA B 203 -8.93 -16.71 -50.85
C ALA B 203 -8.05 -17.90 -51.25
N LYS B 204 -8.08 -18.28 -52.53
CA LYS B 204 -7.31 -19.43 -53.11
C LYS B 204 -5.81 -19.18 -52.86
N GLY B 205 -5.11 -20.16 -52.30
CA GLY B 205 -3.66 -20.08 -52.01
C GLY B 205 -3.37 -19.15 -50.84
N VAL B 206 -4.17 -19.24 -49.78
CA VAL B 206 -3.79 -18.80 -48.41
C VAL B 206 -3.93 -20.05 -47.52
N GLY B 207 -2.86 -20.39 -46.78
CA GLY B 207 -2.76 -21.65 -46.01
C GLY B 207 -3.97 -21.87 -45.09
N GLY B 208 -4.43 -23.12 -45.02
CA GLY B 208 -5.44 -23.59 -44.04
C GLY B 208 -6.85 -23.05 -44.32
N PHE B 209 -7.14 -22.61 -45.54
CA PHE B 209 -8.51 -22.19 -45.95
C PHE B 209 -9.42 -23.42 -46.04
N ASN B 210 -8.89 -24.57 -46.47
CA ASN B 210 -9.64 -25.86 -46.55
C ASN B 210 -10.00 -26.33 -45.13
N THR B 211 -9.15 -26.02 -44.13
CA THR B 211 -9.37 -26.37 -42.71
C THR B 211 -10.64 -25.67 -42.20
N ILE B 212 -10.78 -24.37 -42.49
CA ILE B 212 -11.92 -23.53 -42.02
C ILE B 212 -13.20 -24.03 -42.73
N LEU B 213 -13.17 -24.26 -44.04
CA LEU B 213 -14.32 -24.79 -44.81
C LEU B 213 -14.89 -26.04 -44.13
N LYS B 214 -14.01 -26.93 -43.66
CA LYS B 214 -14.42 -28.25 -43.11
C LYS B 214 -14.99 -28.02 -41.70
N GLU B 215 -14.39 -27.13 -40.92
CA GLU B 215 -14.85 -26.75 -39.55
C GLU B 215 -16.27 -26.16 -39.65
N ILE B 216 -16.54 -25.29 -40.64
CA ILE B 216 -17.91 -24.74 -40.87
C ILE B 216 -18.87 -25.92 -41.08
N GLU B 217 -18.59 -26.84 -42.01
CA GLU B 217 -19.49 -28.00 -42.30
C GLU B 217 -19.74 -28.80 -41.02
N GLU B 218 -18.74 -28.95 -40.15
CA GLU B 218 -18.82 -29.83 -38.95
C GLU B 218 -19.54 -29.12 -37.80
N ARG B 219 -19.27 -27.84 -37.54
CA ARG B 219 -19.62 -27.13 -36.27
C ARG B 219 -20.76 -26.11 -36.44
N ALA B 220 -20.91 -25.51 -37.62
CA ALA B 220 -21.90 -24.44 -37.86
C ALA B 220 -23.31 -25.03 -37.77
N PRO B 221 -24.29 -24.28 -37.20
CA PRO B 221 -25.66 -24.74 -37.10
C PRO B 221 -26.22 -25.46 -38.35
N LEU B 222 -26.04 -24.88 -39.55
CA LEU B 222 -26.62 -25.44 -40.79
C LEU B 222 -25.74 -26.56 -41.34
N LYS B 223 -24.58 -26.82 -40.73
CA LYS B 223 -23.64 -27.93 -41.10
C LYS B 223 -23.36 -27.88 -42.61
N ARG B 224 -23.12 -26.69 -43.16
CA ARG B 224 -22.80 -26.49 -44.59
C ARG B 224 -22.15 -25.12 -44.80
N ASN B 225 -21.45 -24.95 -45.92
CA ASN B 225 -20.82 -23.65 -46.28
C ASN B 225 -21.83 -22.85 -47.08
N VAL B 226 -21.56 -21.57 -47.29
CA VAL B 226 -22.42 -20.65 -48.09
C VAL B 226 -21.72 -20.40 -49.42
N ASP B 227 -22.42 -19.76 -50.36
CA ASP B 227 -21.88 -19.42 -51.70
C ASP B 227 -22.16 -17.95 -51.99
N GLN B 228 -21.61 -17.46 -53.11
CA GLN B 228 -21.67 -16.06 -53.57
C GLN B 228 -23.13 -15.63 -53.75
N VAL B 229 -24.00 -16.54 -54.17
CA VAL B 229 -25.42 -16.22 -54.50
C VAL B 229 -26.16 -15.91 -53.19
N GLU B 230 -25.92 -16.69 -52.14
CA GLU B 230 -26.53 -16.46 -50.80
C GLU B 230 -26.14 -15.06 -50.32
N VAL B 231 -24.87 -14.67 -50.49
CA VAL B 231 -24.44 -13.29 -50.17
C VAL B 231 -25.25 -12.33 -51.05
N GLY B 232 -25.38 -12.65 -52.34
CA GLY B 232 -26.11 -11.81 -53.30
C GLY B 232 -27.56 -11.61 -52.87
N LYS B 233 -28.22 -12.68 -52.41
CA LYS B 233 -29.63 -12.61 -51.92
C LYS B 233 -29.71 -11.59 -50.77
N THR B 234 -28.84 -11.72 -49.77
CA THR B 234 -28.85 -10.78 -48.62
C THR B 234 -28.44 -9.38 -49.12
N ALA B 235 -27.60 -9.28 -50.14
CA ALA B 235 -27.23 -7.98 -50.74
C ALA B 235 -28.47 -7.33 -51.38
N ALA B 236 -29.28 -8.13 -52.09
CA ALA B 236 -30.56 -7.65 -52.69
C ALA B 236 -31.43 -7.02 -51.60
N TYR B 237 -31.59 -7.72 -50.47
CA TYR B 237 -32.37 -7.24 -49.29
C TYR B 237 -31.82 -5.88 -48.83
N LEU B 238 -30.50 -5.79 -48.62
CA LEU B 238 -29.87 -4.58 -48.03
C LEU B 238 -29.88 -3.43 -49.05
N LEU B 239 -29.68 -3.73 -50.33
CA LEU B 239 -29.59 -2.69 -51.39
C LEU B 239 -30.99 -2.18 -51.75
N SER B 240 -32.02 -3.03 -51.70
CA SER B 240 -33.42 -2.67 -52.05
C SER B 240 -34.07 -1.94 -50.88
N ASP B 241 -35.33 -1.51 -51.03
CA ASP B 241 -36.08 -0.81 -49.96
C ASP B 241 -36.71 -1.85 -49.01
N LEU B 242 -36.48 -3.14 -49.26
CA LEU B 242 -36.96 -4.25 -48.39
C LEU B 242 -36.37 -4.09 -46.98
N SER B 243 -35.14 -3.55 -46.90
CA SER B 243 -34.38 -3.34 -45.64
C SER B 243 -34.51 -1.90 -45.17
N SER B 244 -35.60 -1.21 -45.53
CA SER B 244 -35.83 0.18 -45.03
C SER B 244 -35.81 0.13 -43.50
N GLY B 245 -35.22 1.13 -42.87
CA GLY B 245 -35.14 1.16 -41.39
C GLY B 245 -33.98 0.34 -40.82
N VAL B 246 -33.21 -0.35 -41.68
CA VAL B 246 -31.97 -1.07 -41.26
C VAL B 246 -30.74 -0.30 -41.75
N THR B 247 -29.90 0.13 -40.82
CA THR B 247 -28.61 0.81 -41.13
C THR B 247 -27.65 0.57 -39.96
N GLY B 248 -26.35 0.58 -40.22
CA GLY B 248 -25.34 0.28 -39.19
C GLY B 248 -25.43 -1.18 -38.77
N GLU B 249 -25.97 -2.02 -39.63
CA GLU B 249 -26.20 -3.44 -39.31
C GLU B 249 -25.10 -4.28 -39.96
N ASN B 250 -24.79 -5.43 -39.35
CA ASN B 250 -23.84 -6.45 -39.86
C ASN B 250 -24.62 -7.78 -39.88
N ILE B 251 -25.05 -8.22 -41.06
CA ILE B 251 -25.81 -9.48 -41.24
C ILE B 251 -24.81 -10.60 -41.58
N HIS B 252 -24.75 -11.62 -40.74
CA HIS B 252 -23.87 -12.79 -40.93
C HIS B 252 -24.57 -13.77 -41.87
N VAL B 253 -24.00 -13.95 -43.07
CA VAL B 253 -24.40 -14.97 -44.06
C VAL B 253 -23.33 -16.07 -43.99
N ASP B 254 -23.42 -16.93 -42.97
CA ASP B 254 -22.32 -17.80 -42.50
C ASP B 254 -22.86 -19.07 -41.83
N SER B 255 -24.07 -19.50 -42.16
CA SER B 255 -24.67 -20.77 -41.65
C SER B 255 -24.78 -20.75 -40.12
N GLY B 256 -24.73 -19.56 -39.50
CA GLY B 256 -24.93 -19.42 -38.04
C GLY B 256 -23.65 -19.51 -37.24
N PHE B 257 -22.49 -19.62 -37.89
CA PHE B 257 -21.19 -19.84 -37.20
C PHE B 257 -20.95 -18.74 -36.13
N HIS B 258 -21.31 -17.49 -36.43
CA HIS B 258 -21.16 -16.31 -35.53
C HIS B 258 -21.88 -16.47 -34.20
N ALA B 259 -22.97 -17.25 -34.17
CA ALA B 259 -23.89 -17.41 -33.01
C ALA B 259 -23.37 -18.48 -32.06
N ILE B 260 -22.37 -19.26 -32.46
CA ILE B 260 -21.92 -20.43 -31.63
C ILE B 260 -20.49 -20.19 -31.12
N LYS B 261 -20.07 -20.90 -30.09
CA LYS B 261 -18.68 -20.81 -29.58
C LYS B 261 -18.25 -22.16 -29.02
N HIS C 3 -30.69 -21.67 -54.90
CA HIS C 3 -31.46 -21.22 -56.09
C HIS C 3 -31.51 -19.68 -56.19
N MET C 4 -32.03 -19.16 -57.32
CA MET C 4 -32.16 -17.70 -57.58
C MET C 4 -33.29 -17.09 -56.74
N ALA C 5 -33.24 -15.76 -56.68
CA ALA C 5 -33.85 -14.90 -55.63
C ALA C 5 -35.29 -14.53 -55.97
N SER C 6 -36.20 -14.80 -55.04
CA SER C 6 -37.65 -14.56 -55.21
C SER C 6 -38.32 -14.17 -53.88
N LEU C 7 -39.27 -13.24 -53.93
CA LEU C 7 -40.15 -12.85 -52.82
C LEU C 7 -41.60 -13.20 -53.19
N ASN C 8 -41.80 -14.12 -54.13
CA ASN C 8 -43.11 -14.71 -54.46
C ASN C 8 -43.37 -15.88 -53.49
N LEU C 9 -44.33 -15.72 -52.59
CA LEU C 9 -44.60 -16.70 -51.51
C LEU C 9 -45.95 -17.41 -51.73
N GLU C 10 -46.46 -17.46 -52.96
CA GLU C 10 -47.55 -18.41 -53.30
C GLU C 10 -46.96 -19.79 -53.02
N ASN C 11 -47.76 -20.71 -52.48
CA ASN C 11 -47.32 -22.11 -52.18
C ASN C 11 -46.51 -22.17 -50.88
N LYS C 12 -46.32 -21.03 -50.20
CA LYS C 12 -45.70 -20.97 -48.85
C LYS C 12 -46.84 -20.76 -47.85
N THR C 13 -46.72 -21.40 -46.67
CA THR C 13 -47.69 -21.25 -45.56
C THR C 13 -46.92 -20.88 -44.28
N TYR C 14 -47.37 -19.81 -43.60
CA TYR C 14 -46.72 -19.25 -42.40
C TYR C 14 -47.76 -19.12 -41.29
N VAL C 15 -47.42 -19.59 -40.08
CA VAL C 15 -48.18 -19.35 -38.83
C VAL C 15 -47.72 -18.00 -38.24
N ILE C 16 -48.66 -17.09 -37.96
CA ILE C 16 -48.41 -15.76 -37.34
C ILE C 16 -49.07 -15.72 -35.96
N MET C 17 -48.26 -15.78 -34.91
CA MET C 17 -48.68 -15.76 -33.48
C MET C 17 -48.56 -14.33 -32.96
N GLY C 18 -49.65 -13.75 -32.48
CA GLY C 18 -49.65 -12.51 -31.65
C GLY C 18 -50.29 -11.30 -32.29
N ILE C 19 -51.26 -11.48 -33.20
CA ILE C 19 -52.14 -10.35 -33.59
C ILE C 19 -53.18 -10.15 -32.48
N ALA C 20 -53.40 -8.89 -32.12
CA ALA C 20 -54.39 -8.43 -31.12
C ALA C 20 -55.30 -7.38 -31.74
N ASN C 21 -54.74 -6.44 -32.52
CA ASN C 21 -55.50 -5.39 -33.22
C ASN C 21 -54.73 -4.93 -34.46
N LYS C 22 -55.21 -3.88 -35.11
CA LYS C 22 -54.68 -3.39 -36.41
C LYS C 22 -53.26 -2.82 -36.21
N ARG C 23 -52.91 -2.45 -34.98
CA ARG C 23 -51.62 -1.78 -34.65
C ARG C 23 -50.54 -2.82 -34.31
N SER C 24 -50.93 -4.07 -34.05
CA SER C 24 -49.99 -5.16 -33.69
C SER C 24 -48.90 -5.28 -34.77
N ILE C 25 -47.65 -5.40 -34.34
CA ILE C 25 -46.49 -5.67 -35.22
C ILE C 25 -46.83 -6.88 -36.08
N ALA C 26 -47.40 -7.93 -35.48
CA ALA C 26 -47.71 -9.20 -36.19
C ALA C 26 -48.62 -8.92 -37.39
N PHE C 27 -49.46 -7.88 -37.32
CA PHE C 27 -50.41 -7.55 -38.42
C PHE C 27 -49.62 -6.93 -39.56
N GLY C 28 -48.64 -6.07 -39.27
CA GLY C 28 -47.67 -5.56 -40.27
C GLY C 28 -47.04 -6.71 -41.03
N VAL C 29 -46.65 -7.76 -40.31
CA VAL C 29 -46.05 -8.99 -40.91
C VAL C 29 -47.10 -9.62 -41.83
N ALA C 30 -48.32 -9.77 -41.34
CA ALA C 30 -49.46 -10.38 -42.08
C ALA C 30 -49.73 -9.60 -43.39
N LYS C 31 -49.97 -8.29 -43.31
CA LYS C 31 -50.24 -7.45 -44.49
C LYS C 31 -49.19 -7.75 -45.56
N VAL C 32 -47.90 -7.71 -45.19
CA VAL C 32 -46.75 -7.88 -46.13
C VAL C 32 -46.77 -9.29 -46.73
N LEU C 33 -46.83 -10.32 -45.90
CA LEU C 33 -46.76 -11.73 -46.37
C LEU C 33 -47.97 -12.03 -47.27
N ASP C 34 -49.12 -11.45 -46.94
CA ASP C 34 -50.39 -11.56 -47.72
C ASP C 34 -50.16 -11.00 -49.13
N GLN C 35 -49.76 -9.72 -49.25
CA GLN C 35 -49.44 -9.07 -50.54
C GLN C 35 -48.50 -9.93 -51.40
N LEU C 36 -47.63 -10.74 -50.80
CA LEU C 36 -46.64 -11.57 -51.53
C LEU C 36 -47.24 -12.94 -51.84
N GLY C 37 -48.47 -13.18 -51.40
CA GLY C 37 -49.32 -14.30 -51.84
C GLY C 37 -49.20 -15.53 -50.96
N ALA C 38 -48.77 -15.39 -49.72
CA ALA C 38 -48.61 -16.53 -48.78
C ALA C 38 -49.98 -16.92 -48.22
N LYS C 39 -50.16 -18.21 -47.91
CA LYS C 39 -51.28 -18.69 -47.06
C LYS C 39 -50.89 -18.41 -45.61
N LEU C 40 -51.76 -17.76 -44.85
CA LEU C 40 -51.46 -17.33 -43.45
C LEU C 40 -52.44 -18.00 -42.47
N VAL C 41 -51.86 -18.72 -41.51
CA VAL C 41 -52.54 -19.22 -40.27
C VAL C 41 -52.26 -18.22 -39.15
N PHE C 42 -53.27 -17.90 -38.33
CA PHE C 42 -53.16 -16.92 -37.22
C PHE C 42 -53.44 -17.60 -35.89
N THR C 43 -52.81 -17.13 -34.81
CA THR C 43 -53.07 -17.59 -33.42
C THR C 43 -53.25 -16.37 -32.52
N TYR C 44 -54.12 -16.52 -31.51
CA TYR C 44 -54.54 -15.48 -30.53
C TYR C 44 -54.70 -16.14 -29.14
N ARG C 45 -54.77 -15.34 -28.08
CA ARG C 45 -55.08 -15.80 -26.69
C ARG C 45 -56.54 -15.44 -26.37
N LYS C 46 -56.84 -14.15 -26.17
CA LYS C 46 -58.16 -13.64 -25.69
C LYS C 46 -59.18 -13.73 -26.84
N GLU C 47 -60.48 -13.81 -26.52
CA GLU C 47 -61.58 -13.89 -27.52
C GLU C 47 -61.67 -12.54 -28.25
N ARG C 48 -61.41 -11.43 -27.54
CA ARG C 48 -61.37 -10.04 -28.10
C ARG C 48 -60.45 -10.00 -29.33
N SER C 49 -59.33 -10.72 -29.31
CA SER C 49 -58.35 -10.80 -30.44
C SER C 49 -58.95 -11.56 -31.62
N ARG C 50 -59.81 -12.58 -31.36
CA ARG C 50 -60.48 -13.40 -32.41
C ARG C 50 -61.45 -12.52 -33.20
N LYS C 51 -62.35 -11.81 -32.51
CA LYS C 51 -63.34 -10.89 -33.13
C LYS C 51 -62.58 -9.92 -34.04
N GLU C 52 -61.51 -9.30 -33.54
CA GLU C 52 -60.64 -8.34 -34.28
C GLU C 52 -60.01 -9.02 -35.49
N LEU C 53 -59.52 -10.26 -35.33
CA LEU C 53 -58.83 -10.99 -36.42
C LEU C 53 -59.78 -11.14 -37.60
N GLU C 54 -60.99 -11.66 -37.34
CA GLU C 54 -62.05 -11.91 -38.37
C GLU C 54 -62.38 -10.59 -39.08
N LYS C 55 -62.54 -9.51 -38.34
CA LYS C 55 -62.75 -8.12 -38.87
C LYS C 55 -61.57 -7.74 -39.76
N LEU C 56 -60.34 -8.09 -39.37
CA LEU C 56 -59.10 -7.68 -40.07
C LEU C 56 -58.89 -8.52 -41.34
N LEU C 57 -59.17 -9.83 -41.30
CA LEU C 57 -58.98 -10.76 -42.46
C LEU C 57 -59.67 -10.25 -43.74
N GLU C 58 -60.69 -9.40 -43.62
CA GLU C 58 -61.41 -8.80 -44.78
C GLU C 58 -60.47 -7.86 -45.53
N GLN C 59 -59.57 -7.18 -44.81
CA GLN C 59 -58.50 -6.29 -45.37
C GLN C 59 -57.48 -7.12 -46.16
N LEU C 60 -57.37 -8.42 -45.89
CA LEU C 60 -56.41 -9.35 -46.55
C LEU C 60 -57.10 -10.09 -47.70
N ASN C 61 -56.33 -10.92 -48.39
CA ASN C 61 -56.73 -11.72 -49.58
C ASN C 61 -56.51 -13.20 -49.23
N GLN C 62 -56.84 -13.59 -48.00
CA GLN C 62 -56.79 -15.00 -47.54
C GLN C 62 -58.14 -15.62 -47.86
N PRO C 63 -58.19 -16.65 -48.72
CA PRO C 63 -59.47 -17.24 -49.12
C PRO C 63 -60.14 -17.77 -47.85
N GLU C 64 -59.47 -18.70 -47.16
CA GLU C 64 -60.00 -19.39 -45.95
C GLU C 64 -59.29 -18.85 -44.71
N ALA C 65 -60.05 -18.21 -43.83
CA ALA C 65 -59.65 -17.83 -42.45
C ALA C 65 -59.32 -19.09 -41.65
N HIS C 66 -58.04 -19.33 -41.34
CA HIS C 66 -57.60 -20.35 -40.34
C HIS C 66 -57.12 -19.64 -39.07
N LEU C 67 -57.96 -19.59 -38.05
CA LEU C 67 -57.70 -18.96 -36.72
C LEU C 67 -57.69 -20.07 -35.65
N TYR C 68 -56.75 -20.02 -34.70
CA TYR C 68 -56.59 -21.02 -33.61
C TYR C 68 -56.27 -20.30 -32.29
N GLN C 69 -56.92 -20.72 -31.21
CA GLN C 69 -56.69 -20.22 -29.84
C GLN C 69 -55.46 -20.92 -29.26
N ILE C 70 -54.36 -20.19 -29.06
CA ILE C 70 -53.13 -20.72 -28.37
C ILE C 70 -52.66 -19.67 -27.37
N ASP C 71 -52.87 -19.95 -26.08
CA ASP C 71 -52.18 -19.30 -24.93
C ASP C 71 -50.89 -20.09 -24.72
N VAL C 72 -49.74 -19.44 -24.95
CA VAL C 72 -48.42 -20.12 -24.97
C VAL C 72 -48.02 -20.54 -23.55
N GLN C 73 -48.81 -20.19 -22.52
CA GLN C 73 -48.57 -20.65 -21.12
C GLN C 73 -48.97 -22.12 -20.96
N SER C 74 -49.81 -22.65 -21.86
CA SER C 74 -50.34 -24.05 -21.81
C SER C 74 -49.62 -24.94 -22.83
N ASP C 75 -48.88 -25.94 -22.36
CA ASP C 75 -48.27 -26.99 -23.23
C ASP C 75 -49.37 -27.52 -24.18
N GLU C 76 -50.56 -27.82 -23.63
CA GLU C 76 -51.65 -28.49 -24.38
C GLU C 76 -52.14 -27.58 -25.51
N GLU C 77 -52.48 -26.32 -25.23
CA GLU C 77 -53.04 -25.38 -26.24
C GLU C 77 -52.05 -25.21 -27.40
N VAL C 78 -50.73 -25.26 -27.10
CA VAL C 78 -49.64 -25.12 -28.11
C VAL C 78 -49.53 -26.41 -28.90
N ILE C 79 -49.40 -27.55 -28.21
CA ILE C 79 -49.26 -28.90 -28.86
C ILE C 79 -50.49 -29.14 -29.77
N ASN C 80 -51.70 -28.95 -29.23
CA ASN C 80 -52.97 -29.25 -29.95
C ASN C 80 -53.12 -28.26 -31.11
N GLY C 81 -52.98 -26.96 -30.82
CA GLY C 81 -52.99 -25.89 -31.83
C GLY C 81 -52.19 -26.25 -33.08
N PHE C 82 -50.96 -26.76 -32.90
CA PHE C 82 -50.01 -27.01 -34.02
C PHE C 82 -50.38 -28.33 -34.71
N GLU C 83 -50.72 -29.38 -33.96
CA GLU C 83 -51.24 -30.65 -34.54
C GLU C 83 -52.44 -30.33 -35.45
N GLN C 84 -53.35 -29.49 -34.96
CA GLN C 84 -54.60 -29.08 -35.65
C GLN C 84 -54.28 -28.28 -36.92
N ILE C 85 -53.30 -27.37 -36.85
CA ILE C 85 -52.81 -26.59 -38.03
C ILE C 85 -52.27 -27.56 -39.09
N GLY C 86 -51.46 -28.55 -38.67
CA GLY C 86 -50.91 -29.62 -39.51
C GLY C 86 -52.01 -30.40 -40.25
N LYS C 87 -53.14 -30.67 -39.57
CA LYS C 87 -54.30 -31.38 -40.16
C LYS C 87 -55.00 -30.47 -41.18
N ASP C 88 -55.27 -29.21 -40.82
CA ASP C 88 -56.13 -28.28 -41.59
C ASP C 88 -55.40 -27.68 -42.82
N VAL C 89 -54.07 -27.47 -42.78
CA VAL C 89 -53.32 -26.81 -43.91
C VAL C 89 -52.09 -27.63 -44.30
N GLY C 90 -51.73 -28.67 -43.54
CA GLY C 90 -50.55 -29.50 -43.86
C GLY C 90 -49.27 -28.84 -43.36
N ASN C 91 -48.17 -29.10 -44.05
CA ASN C 91 -46.81 -28.64 -43.67
C ASN C 91 -46.70 -27.13 -43.88
N ILE C 92 -45.91 -26.45 -43.02
CA ILE C 92 -45.71 -24.97 -43.03
C ILE C 92 -44.28 -24.67 -43.41
N ASP C 93 -44.02 -23.41 -43.79
CA ASP C 93 -42.66 -22.96 -44.18
C ASP C 93 -42.03 -22.11 -43.06
N GLY C 94 -42.80 -21.61 -42.10
CA GLY C 94 -42.25 -20.89 -40.96
C GLY C 94 -43.28 -20.43 -39.95
N VAL C 95 -42.79 -19.81 -38.87
CA VAL C 95 -43.59 -19.21 -37.77
C VAL C 95 -43.04 -17.81 -37.48
N TYR C 96 -43.91 -16.81 -37.42
CA TYR C 96 -43.58 -15.48 -36.86
C TYR C 96 -44.14 -15.37 -35.45
N HIS C 97 -43.26 -15.18 -34.47
CA HIS C 97 -43.56 -15.07 -33.03
C HIS C 97 -43.55 -13.59 -32.66
N SER C 98 -44.68 -13.07 -32.19
CA SER C 98 -44.88 -11.64 -31.84
C SER C 98 -45.59 -11.55 -30.50
N ILE C 99 -45.05 -12.21 -29.48
CA ILE C 99 -45.68 -12.41 -28.15
C ILE C 99 -44.68 -12.04 -27.06
N ALA C 100 -45.11 -11.13 -26.18
CA ALA C 100 -44.44 -10.81 -24.89
C ALA C 100 -45.48 -10.33 -23.88
N PHE C 101 -45.19 -10.45 -22.59
CA PHE C 101 -46.01 -9.90 -21.49
C PHE C 101 -45.21 -9.85 -20.18
N ALA C 102 -45.38 -8.77 -19.42
CA ALA C 102 -44.98 -8.64 -18.01
C ALA C 102 -46.07 -7.90 -17.24
N ASN C 103 -46.16 -8.14 -15.92
CA ASN C 103 -47.10 -7.39 -15.05
C ASN C 103 -46.65 -5.94 -15.00
N MET C 104 -47.58 -4.99 -15.18
CA MET C 104 -47.25 -3.54 -15.11
C MET C 104 -46.62 -3.24 -13.74
N GLU C 105 -47.00 -3.93 -12.66
CA GLU C 105 -46.43 -3.66 -11.30
C GLU C 105 -44.90 -3.77 -11.38
N ASP C 106 -44.41 -4.82 -12.03
CA ASP C 106 -42.95 -5.11 -12.22
C ASP C 106 -42.31 -4.05 -13.12
N LEU C 107 -42.95 -3.66 -14.22
CA LEU C 107 -42.42 -2.65 -15.19
C LEU C 107 -42.39 -1.25 -14.57
N ARG C 108 -43.34 -0.88 -13.71
CA ARG C 108 -43.44 0.48 -13.10
C ARG C 108 -42.33 0.59 -12.04
N GLY C 109 -42.05 -0.52 -11.34
CA GLY C 109 -41.11 -0.60 -10.21
C GLY C 109 -39.67 -0.27 -10.59
N ARG C 110 -38.81 -0.21 -9.57
CA ARG C 110 -37.35 -0.38 -9.70
C ARG C 110 -37.10 -1.84 -10.05
N PHE C 111 -36.15 -2.15 -10.94
CA PHE C 111 -35.96 -3.54 -11.43
C PHE C 111 -35.60 -4.46 -10.23
N SER C 112 -34.87 -3.96 -9.23
CA SER C 112 -34.47 -4.75 -8.03
C SER C 112 -35.68 -5.14 -7.18
N GLU C 113 -36.84 -4.51 -7.37
CA GLU C 113 -38.09 -4.82 -6.60
C GLU C 113 -38.90 -5.93 -7.28
N THR C 114 -38.49 -6.40 -8.46
CA THR C 114 -39.23 -7.36 -9.30
C THR C 114 -39.58 -8.61 -8.47
N SER C 115 -40.82 -9.09 -8.60
CA SER C 115 -41.34 -10.31 -7.90
C SER C 115 -40.88 -11.56 -8.64
N ARG C 116 -40.58 -12.62 -7.89
CA ARG C 116 -40.24 -13.94 -8.46
C ARG C 116 -41.33 -14.38 -9.44
N GLU C 117 -42.60 -14.20 -9.10
CA GLU C 117 -43.72 -14.66 -9.95
C GLU C 117 -43.75 -13.81 -11.24
N GLY C 118 -43.54 -12.49 -11.12
CA GLY C 118 -43.53 -11.55 -12.26
C GLY C 118 -42.39 -11.80 -13.25
N PHE C 119 -41.22 -12.16 -12.72
CA PHE C 119 -39.98 -12.47 -13.47
C PHE C 119 -40.17 -13.75 -14.30
N LEU C 120 -40.63 -14.82 -13.65
CA LEU C 120 -40.86 -16.13 -14.28
C LEU C 120 -42.04 -16.03 -15.27
N LEU C 121 -43.00 -15.14 -15.04
CA LEU C 121 -44.14 -14.91 -15.95
C LEU C 121 -43.59 -14.33 -17.26
N ALA C 122 -42.83 -13.23 -17.16
CA ALA C 122 -42.16 -12.56 -18.30
C ALA C 122 -41.32 -13.59 -19.08
N GLN C 123 -40.51 -14.38 -18.38
CA GLN C 123 -39.69 -15.46 -19.00
C GLN C 123 -40.60 -16.46 -19.72
N ASP C 124 -41.68 -16.90 -19.08
CA ASP C 124 -42.58 -18.00 -19.57
C ASP C 124 -43.18 -17.56 -20.91
N ILE C 125 -43.86 -16.41 -20.94
CA ILE C 125 -44.61 -15.93 -22.13
C ILE C 125 -43.62 -15.44 -23.18
N SER C 126 -42.61 -14.66 -22.77
CA SER C 126 -41.79 -13.81 -23.68
C SER C 126 -40.61 -14.58 -24.27
N SER C 127 -40.21 -15.71 -23.66
CA SER C 127 -39.00 -16.48 -24.04
C SER C 127 -39.30 -17.97 -24.21
N TYR C 128 -39.73 -18.67 -23.15
CA TYR C 128 -39.97 -20.14 -23.23
C TYR C 128 -40.97 -20.46 -24.36
N SER C 129 -41.99 -19.62 -24.54
CA SER C 129 -43.01 -19.79 -25.60
C SER C 129 -42.32 -20.16 -26.90
N LEU C 130 -41.25 -19.47 -27.26
CA LEU C 130 -40.55 -19.70 -28.55
C LEU C 130 -40.00 -21.12 -28.57
N THR C 131 -39.47 -21.63 -27.46
CA THR C 131 -38.85 -22.98 -27.39
C THR C 131 -39.88 -24.07 -27.69
N ILE C 132 -41.08 -23.99 -27.08
CA ILE C 132 -42.12 -25.04 -27.26
C ILE C 132 -42.80 -24.83 -28.63
N VAL C 133 -43.12 -23.59 -29.01
CA VAL C 133 -43.61 -23.29 -30.39
C VAL C 133 -42.68 -23.94 -31.41
N ALA C 134 -41.37 -23.80 -31.22
CA ALA C 134 -40.35 -24.32 -32.17
C ALA C 134 -40.44 -25.84 -32.22
N HIS C 135 -40.54 -26.51 -31.06
CA HIS C 135 -40.58 -27.99 -30.94
C HIS C 135 -41.78 -28.56 -31.70
N GLU C 136 -42.95 -27.91 -31.56
CA GLU C 136 -44.21 -28.40 -32.17
C GLU C 136 -44.21 -28.05 -33.67
N ALA C 137 -43.83 -26.82 -34.03
CA ALA C 137 -43.81 -26.35 -35.44
C ALA C 137 -42.82 -27.20 -36.26
N LYS C 138 -41.75 -27.70 -35.62
CA LYS C 138 -40.73 -28.56 -36.27
C LYS C 138 -41.42 -29.80 -36.87
N LYS C 139 -42.48 -30.30 -36.21
CA LYS C 139 -43.30 -31.46 -36.65
C LYS C 139 -43.87 -31.15 -38.04
N LEU C 140 -44.26 -29.90 -38.31
CA LEU C 140 -44.89 -29.46 -39.60
C LEU C 140 -43.84 -28.96 -40.61
N MET C 141 -42.53 -29.12 -40.36
CA MET C 141 -41.48 -28.52 -41.23
C MET C 141 -40.40 -29.56 -41.49
N PRO C 142 -40.75 -30.74 -42.04
CA PRO C 142 -39.79 -31.83 -42.21
C PRO C 142 -38.78 -31.52 -43.33
N GLU C 143 -39.12 -30.59 -44.22
CA GLU C 143 -38.28 -30.14 -45.36
C GLU C 143 -37.32 -29.05 -44.86
N GLY C 144 -37.66 -28.41 -43.74
CA GLY C 144 -37.00 -27.20 -43.25
C GLY C 144 -37.95 -26.03 -43.22
N GLY C 145 -37.49 -24.88 -42.72
CA GLY C 145 -38.32 -23.66 -42.57
C GLY C 145 -37.58 -22.58 -41.80
N SER C 146 -38.28 -21.52 -41.43
CA SER C 146 -37.73 -20.29 -40.80
C SER C 146 -38.63 -19.89 -39.63
N ILE C 147 -38.05 -19.70 -38.44
CA ILE C 147 -38.77 -19.15 -37.26
C ILE C 147 -38.16 -17.78 -36.94
N VAL C 148 -39.01 -16.77 -36.78
CA VAL C 148 -38.59 -15.39 -36.41
C VAL C 148 -39.35 -14.99 -35.15
N ALA C 149 -38.65 -14.41 -34.18
CA ALA C 149 -39.20 -13.82 -32.94
C ALA C 149 -38.87 -12.33 -32.92
N THR C 150 -39.65 -11.56 -32.18
CA THR C 150 -39.56 -10.09 -32.10
C THR C 150 -38.91 -9.73 -30.76
N THR C 151 -37.86 -8.92 -30.80
CA THR C 151 -37.12 -8.49 -29.58
C THR C 151 -36.96 -6.98 -29.61
N TYR C 152 -36.31 -6.45 -28.58
CA TYR C 152 -36.05 -5.01 -28.42
C TYR C 152 -34.66 -4.86 -27.82
N LEU C 153 -33.98 -3.77 -28.19
CA LEU C 153 -32.63 -3.38 -27.78
C LEU C 153 -32.43 -3.61 -26.29
N GLY C 154 -33.51 -3.51 -25.50
CA GLY C 154 -33.46 -3.66 -24.04
C GLY C 154 -32.97 -5.03 -23.63
N GLY C 155 -32.93 -6.01 -24.54
CA GLY C 155 -32.35 -7.34 -24.27
C GLY C 155 -30.84 -7.33 -24.34
N GLU C 156 -30.24 -6.31 -24.99
CA GLU C 156 -28.77 -6.17 -25.21
C GLU C 156 -28.18 -5.09 -24.27
N PHE C 157 -28.98 -4.10 -23.84
CA PHE C 157 -28.56 -2.97 -22.99
C PHE C 157 -29.65 -2.69 -21.96
N ALA C 158 -29.24 -2.30 -20.74
CA ALA C 158 -30.15 -1.84 -19.68
C ALA C 158 -30.78 -0.53 -20.15
N VAL C 159 -32.07 -0.54 -20.48
CA VAL C 159 -32.82 0.70 -20.87
C VAL C 159 -33.75 1.07 -19.71
N GLN C 160 -33.89 2.36 -19.44
CA GLN C 160 -34.79 2.86 -18.37
C GLN C 160 -36.21 2.35 -18.66
N ASN C 161 -36.81 1.71 -17.66
CA ASN C 161 -38.26 1.37 -17.55
C ASN C 161 -38.59 0.01 -18.17
N TYR C 162 -37.69 -0.61 -18.94
CA TYR C 162 -37.95 -1.91 -19.61
C TYR C 162 -37.82 -3.01 -18.55
N ASN C 163 -36.97 -2.77 -17.56
CA ASN C 163 -36.83 -3.63 -16.35
C ASN C 163 -36.96 -5.12 -16.72
N VAL C 164 -37.90 -5.85 -16.12
CA VAL C 164 -37.98 -7.35 -16.20
C VAL C 164 -38.06 -7.81 -17.65
N MET C 165 -38.65 -6.98 -18.53
CA MET C 165 -38.84 -7.38 -19.95
C MET C 165 -37.48 -7.41 -20.67
N GLY C 166 -36.52 -6.57 -20.24
CA GLY C 166 -35.14 -6.59 -20.75
C GLY C 166 -34.47 -7.94 -20.51
N VAL C 167 -34.66 -8.50 -19.32
CA VAL C 167 -34.04 -9.81 -18.96
C VAL C 167 -34.78 -10.92 -19.71
N ALA C 168 -36.09 -10.76 -19.92
CA ALA C 168 -36.88 -11.68 -20.77
C ALA C 168 -36.38 -11.63 -22.22
N LYS C 169 -36.12 -10.43 -22.77
CA LYS C 169 -35.66 -10.30 -24.19
C LYS C 169 -34.24 -10.87 -24.32
N ALA C 170 -33.38 -10.70 -23.31
CA ALA C 170 -32.02 -11.28 -23.34
C ALA C 170 -32.15 -12.80 -23.38
N SER C 171 -33.09 -13.34 -22.61
CA SER C 171 -33.44 -14.78 -22.57
C SER C 171 -33.92 -15.21 -23.97
N LEU C 172 -34.84 -14.46 -24.56
CA LEU C 172 -35.38 -14.74 -25.91
C LEU C 172 -34.23 -14.77 -26.92
N GLU C 173 -33.35 -13.78 -26.88
CA GLU C 173 -32.23 -13.62 -27.86
C GLU C 173 -31.28 -14.81 -27.76
N ALA C 174 -31.02 -15.29 -26.55
CA ALA C 174 -30.18 -16.49 -26.32
C ALA C 174 -30.96 -17.74 -26.77
N ASN C 175 -32.27 -17.76 -26.49
CA ASN C 175 -33.21 -18.80 -26.96
C ASN C 175 -33.06 -18.98 -28.47
N VAL C 176 -33.13 -17.88 -29.22
CA VAL C 176 -32.95 -17.87 -30.70
C VAL C 176 -31.62 -18.55 -31.05
N LYS C 177 -30.55 -18.25 -30.34
CA LYS C 177 -29.21 -18.79 -30.70
C LYS C 177 -29.21 -20.29 -30.48
N TYR C 178 -29.63 -20.74 -29.30
CA TYR C 178 -29.65 -22.18 -28.95
C TYR C 178 -30.60 -22.94 -29.89
N LEU C 179 -31.76 -22.37 -30.25
CA LEU C 179 -32.68 -22.99 -31.22
C LEU C 179 -31.99 -23.10 -32.59
N ALA C 180 -31.30 -22.04 -33.01
CA ALA C 180 -30.58 -22.02 -34.32
C ALA C 180 -29.58 -23.18 -34.38
N LEU C 181 -28.84 -23.42 -33.29
CA LEU C 181 -27.79 -24.49 -33.23
C LEU C 181 -28.46 -25.87 -33.20
N ASP C 182 -29.55 -26.01 -32.46
CA ASP C 182 -30.31 -27.28 -32.28
C ASP C 182 -30.99 -27.67 -33.61
N LEU C 183 -31.81 -26.78 -34.19
CA LEU C 183 -32.67 -27.09 -35.36
C LEU C 183 -31.95 -26.79 -36.68
N GLY C 184 -30.73 -26.27 -36.67
CA GLY C 184 -29.96 -26.01 -37.90
C GLY C 184 -29.80 -27.28 -38.74
N PRO C 185 -29.29 -28.39 -38.16
CA PRO C 185 -29.12 -29.64 -38.90
C PRO C 185 -30.43 -30.16 -39.54
N ASP C 186 -31.59 -29.74 -39.04
CA ASP C 186 -32.92 -30.08 -39.63
C ASP C 186 -33.33 -29.00 -40.63
N ASN C 187 -32.39 -28.17 -41.05
CA ASN C 187 -32.61 -27.08 -42.03
C ASN C 187 -33.74 -26.14 -41.55
N ILE C 188 -33.78 -25.88 -40.25
CA ILE C 188 -34.68 -24.84 -39.65
C ILE C 188 -33.80 -23.69 -39.15
N ARG C 189 -34.09 -22.50 -39.68
CA ARG C 189 -33.39 -21.24 -39.34
C ARG C 189 -34.22 -20.54 -38.25
N VAL C 190 -33.53 -19.97 -37.28
CA VAL C 190 -34.16 -19.25 -36.13
C VAL C 190 -33.42 -17.92 -36.01
N ASN C 191 -34.16 -16.82 -36.09
CA ASN C 191 -33.63 -15.45 -36.12
C ASN C 191 -34.57 -14.55 -35.33
N ALA C 192 -34.12 -13.35 -35.01
CA ALA C 192 -34.90 -12.33 -34.30
C ALA C 192 -34.87 -11.02 -35.10
N ILE C 193 -35.95 -10.25 -34.98
CA ILE C 193 -35.98 -8.83 -35.42
C ILE C 193 -36.05 -7.98 -34.15
N SER C 194 -35.08 -7.08 -33.98
CA SER C 194 -35.06 -6.09 -32.88
C SER C 194 -35.75 -4.84 -33.42
N ALA C 195 -37.05 -4.69 -33.15
CA ALA C 195 -37.83 -3.55 -33.67
C ALA C 195 -37.57 -2.33 -32.81
N GLY C 196 -37.47 -1.15 -33.42
CA GLY C 196 -37.55 0.12 -32.70
C GLY C 196 -38.94 0.34 -32.13
N PRO C 197 -39.17 1.42 -31.36
CA PRO C 197 -40.46 1.66 -30.72
C PRO C 197 -41.58 1.88 -31.75
N ILE C 198 -42.70 1.19 -31.56
CA ILE C 198 -43.91 1.27 -32.40
C ILE C 198 -45.14 1.41 -31.49
N ARG C 199 -46.04 2.34 -31.82
CA ARG C 199 -47.32 2.57 -31.08
C ARG C 199 -48.24 1.38 -31.34
N THR C 200 -48.44 0.53 -30.33
CA THR C 200 -49.30 -0.68 -30.38
C THR C 200 -50.19 -0.70 -29.13
N LEU C 201 -51.14 -1.64 -29.11
CA LEU C 201 -52.00 -1.90 -27.93
C LEU C 201 -51.13 -2.16 -26.68
N SER C 202 -50.13 -3.03 -26.79
CA SER C 202 -49.21 -3.43 -25.68
C SER C 202 -48.43 -2.21 -25.18
N ALA C 203 -47.99 -1.34 -26.08
CA ALA C 203 -47.07 -0.22 -25.80
C ALA C 203 -47.83 1.03 -25.30
N LYS C 204 -49.06 1.24 -25.80
CA LYS C 204 -49.93 2.39 -25.41
C LYS C 204 -50.16 2.32 -23.88
N GLY C 205 -49.91 3.42 -23.16
CA GLY C 205 -50.09 3.51 -21.71
C GLY C 205 -49.06 2.70 -20.94
N VAL C 206 -47.79 2.78 -21.35
CA VAL C 206 -46.61 2.40 -20.53
C VAL C 206 -45.70 3.63 -20.49
N GLY C 207 -45.35 4.08 -19.28
CA GLY C 207 -44.74 5.40 -19.02
C GLY C 207 -43.54 5.69 -19.90
N GLY C 208 -43.47 6.93 -20.41
CA GLY C 208 -42.30 7.49 -21.13
C GLY C 208 -42.05 6.87 -22.49
N PHE C 209 -43.06 6.26 -23.12
CA PHE C 209 -42.96 5.68 -24.47
C PHE C 209 -42.85 6.81 -25.51
N ASN C 210 -43.54 7.94 -25.28
CA ASN C 210 -43.47 9.15 -26.16
C ASN C 210 -42.05 9.74 -26.10
N THR C 211 -41.38 9.62 -24.95
CA THR C 211 -39.99 10.13 -24.73
C THR C 211 -39.03 9.39 -25.67
N ILE C 212 -39.14 8.06 -25.74
CA ILE C 212 -38.26 7.18 -26.57
C ILE C 212 -38.53 7.48 -28.05
N LEU C 213 -39.81 7.55 -28.46
CA LEU C 213 -40.19 7.88 -29.87
C LEU C 213 -39.47 9.14 -30.32
N LYS C 214 -39.40 10.16 -29.46
CA LYS C 214 -38.86 11.50 -29.82
C LYS C 214 -37.32 11.40 -29.89
N GLU C 215 -36.72 10.67 -28.94
CA GLU C 215 -35.24 10.42 -28.89
C GLU C 215 -34.82 9.70 -30.18
N ILE C 216 -35.56 8.70 -30.66
CA ILE C 216 -35.27 8.01 -31.94
C ILE C 216 -35.24 9.06 -33.06
N GLU C 217 -36.30 9.86 -33.22
CA GLU C 217 -36.37 10.89 -34.31
C GLU C 217 -35.14 11.81 -34.23
N GLU C 218 -34.69 12.17 -33.02
CA GLU C 218 -33.65 13.21 -32.82
C GLU C 218 -32.24 12.61 -33.00
N ARG C 219 -31.98 11.39 -32.49
CA ARG C 219 -30.60 10.86 -32.31
C ARG C 219 -30.28 9.71 -33.31
N ALA C 220 -31.28 8.94 -33.75
CA ALA C 220 -31.05 7.75 -34.61
C ALA C 220 -30.56 8.19 -35.97
N PRO C 221 -29.62 7.43 -36.58
CA PRO C 221 -29.11 7.75 -37.92
C PRO C 221 -30.15 8.24 -38.94
N LEU C 222 -31.27 7.53 -39.09
CA LEU C 222 -32.29 7.86 -40.11
C LEU C 222 -33.20 9.00 -39.63
N LYS C 223 -33.05 9.45 -38.38
CA LYS C 223 -33.82 10.59 -37.80
C LYS C 223 -35.33 10.39 -38.03
N ARG C 224 -35.84 9.18 -37.82
CA ARG C 224 -37.27 8.84 -37.97
C ARG C 224 -37.57 7.53 -37.23
N ASN C 225 -38.84 7.28 -36.91
CA ASN C 225 -39.28 6.02 -36.29
C ASN C 225 -39.62 5.02 -37.39
N VAL C 226 -39.77 3.75 -37.02
CA VAL C 226 -40.13 2.65 -37.97
C VAL C 226 -41.60 2.29 -37.73
N ASP C 227 -42.16 1.46 -38.60
CA ASP C 227 -43.57 1.01 -38.48
C ASP C 227 -43.64 -0.52 -38.63
N GLN C 228 -44.83 -1.07 -38.41
CA GLN C 228 -45.14 -2.52 -38.45
C GLN C 228 -44.77 -3.11 -39.82
N VAL C 229 -44.94 -2.34 -40.89
CA VAL C 229 -44.73 -2.83 -42.29
C VAL C 229 -43.23 -3.04 -42.51
N GLU C 230 -42.40 -2.12 -42.04
CA GLU C 230 -40.91 -2.23 -42.13
C GLU C 230 -40.47 -3.51 -41.41
N VAL C 231 -41.04 -3.80 -40.25
CA VAL C 231 -40.78 -5.09 -39.55
C VAL C 231 -41.25 -6.23 -40.48
N GLY C 232 -42.43 -6.08 -41.07
CA GLY C 232 -42.99 -7.08 -42.00
C GLY C 232 -42.07 -7.35 -43.18
N LYS C 233 -41.52 -6.30 -43.77
CA LYS C 233 -40.56 -6.42 -44.91
C LYS C 233 -39.36 -7.27 -44.45
N THR C 234 -38.74 -6.96 -43.32
CA THR C 234 -37.57 -7.74 -42.81
C THR C 234 -38.05 -9.16 -42.46
N ALA C 235 -39.28 -9.31 -41.99
CA ALA C 235 -39.87 -10.64 -41.70
C ALA C 235 -39.97 -11.46 -43.00
N ALA C 236 -40.42 -10.83 -44.09
CA ALA C 236 -40.49 -11.47 -45.43
C ALA C 236 -39.12 -12.05 -45.79
N TYR C 237 -38.07 -11.23 -45.65
CA TYR C 237 -36.65 -11.62 -45.93
C TYR C 237 -36.29 -12.85 -45.08
N LEU C 238 -36.55 -12.80 -43.77
CA LEU C 238 -36.10 -13.87 -42.83
C LEU C 238 -36.94 -15.13 -43.02
N LEU C 239 -38.23 -14.99 -43.30
CA LEU C 239 -39.16 -16.14 -43.43
C LEU C 239 -38.97 -16.83 -44.79
N SER C 240 -38.64 -16.08 -45.84
CA SER C 240 -38.44 -16.60 -47.21
C SER C 240 -37.05 -17.23 -47.33
N ASP C 241 -36.73 -17.80 -48.50
CA ASP C 241 -35.40 -18.42 -48.75
C ASP C 241 -34.40 -17.33 -49.16
N LEU C 242 -34.83 -16.07 -49.21
CA LEU C 242 -33.94 -14.91 -49.52
C LEU C 242 -32.83 -14.81 -48.47
N SER C 243 -33.12 -15.21 -47.24
CA SER C 243 -32.22 -15.18 -46.07
C SER C 243 -31.59 -16.56 -45.84
N SER C 244 -31.48 -17.40 -46.87
CA SER C 244 -30.80 -18.71 -46.74
C SER C 244 -29.39 -18.43 -46.23
N GLY C 245 -28.88 -19.28 -45.34
CA GLY C 245 -27.53 -19.11 -44.79
C GLY C 245 -27.50 -18.15 -43.60
N VAL C 246 -28.62 -17.51 -43.25
CA VAL C 246 -28.74 -16.63 -42.06
C VAL C 246 -29.54 -17.33 -40.96
N THR C 247 -28.91 -17.56 -39.81
CA THR C 247 -29.57 -18.18 -38.63
C THR C 247 -28.83 -17.71 -37.38
N GLY C 248 -29.51 -17.65 -36.24
CA GLY C 248 -28.95 -17.15 -34.98
C GLY C 248 -28.65 -15.66 -35.08
N GLU C 249 -29.31 -14.98 -36.01
CA GLU C 249 -29.04 -13.56 -36.29
C GLU C 249 -30.11 -12.71 -35.60
N ASN C 250 -29.77 -11.47 -35.25
CA ASN C 250 -30.67 -10.44 -34.70
C ASN C 250 -30.56 -9.20 -35.61
N ILE C 251 -31.56 -8.97 -36.45
CA ILE C 251 -31.59 -7.82 -37.39
C ILE C 251 -32.35 -6.67 -36.71
N HIS C 252 -31.68 -5.55 -36.52
CA HIS C 252 -32.25 -4.33 -35.90
C HIS C 252 -32.97 -3.54 -36.99
N VAL C 253 -34.30 -3.45 -36.86
CA VAL C 253 -35.18 -2.60 -37.71
C VAL C 253 -35.58 -1.42 -36.83
N ASP C 254 -34.68 -0.45 -36.69
CA ASP C 254 -34.71 0.56 -35.61
C ASP C 254 -34.00 1.85 -36.03
N SER C 255 -33.93 2.13 -37.32
CA SER C 255 -33.37 3.39 -37.85
C SER C 255 -31.90 3.56 -37.47
N GLY C 256 -31.23 2.47 -37.07
CA GLY C 256 -29.78 2.47 -36.76
C GLY C 256 -29.47 2.79 -35.31
N PHE C 257 -30.49 2.91 -34.46
CA PHE C 257 -30.33 3.33 -33.05
C PHE C 257 -29.33 2.42 -32.32
N HIS C 258 -29.36 1.12 -32.58
CA HIS C 258 -28.48 0.07 -31.99
C HIS C 258 -26.99 0.35 -32.23
N ALA C 259 -26.64 1.01 -33.34
CA ALA C 259 -25.27 1.21 -33.82
C ALA C 259 -24.62 2.42 -33.13
N ILE C 260 -25.43 3.27 -32.47
CA ILE C 260 -24.92 4.57 -31.96
C ILE C 260 -24.94 4.58 -30.43
N LYS C 261 -24.28 5.57 -29.85
CA LYS C 261 -24.21 5.71 -28.37
C LYS C 261 -24.04 7.18 -28.00
N MET D 4 -7.38 5.74 -3.38
CA MET D 4 -6.16 5.14 -3.98
C MET D 4 -6.24 3.61 -3.97
N ALA D 5 -5.18 2.98 -4.51
CA ALA D 5 -5.11 1.55 -4.87
C ALA D 5 -4.65 0.71 -3.67
N SER D 6 -5.44 -0.29 -3.30
CA SER D 6 -5.26 -1.13 -2.09
C SER D 6 -5.98 -2.45 -2.32
N LEU D 7 -5.30 -3.54 -1.96
CA LEU D 7 -5.92 -4.89 -1.91
C LEU D 7 -5.94 -5.39 -0.45
N ASN D 8 -5.82 -4.48 0.50
CA ASN D 8 -5.95 -4.76 1.95
C ASN D 8 -7.43 -4.65 2.32
N LEU D 9 -8.07 -5.78 2.62
CA LEU D 9 -9.53 -5.86 2.87
C LEU D 9 -9.84 -6.14 4.35
N GLU D 10 -8.91 -5.88 5.27
CA GLU D 10 -9.26 -5.76 6.71
C GLU D 10 -10.32 -4.64 6.77
N ASN D 11 -11.33 -4.79 7.62
CA ASN D 11 -12.42 -3.79 7.80
C ASN D 11 -13.47 -3.91 6.67
N LYS D 12 -13.28 -4.84 5.73
CA LYS D 12 -14.31 -5.16 4.71
C LYS D 12 -14.98 -6.48 5.11
N THR D 13 -16.29 -6.58 4.89
CA THR D 13 -17.10 -7.81 5.13
C THR D 13 -17.85 -8.17 3.84
N TYR D 14 -17.73 -9.42 3.40
CA TYR D 14 -18.35 -9.95 2.16
C TYR D 14 -19.16 -11.21 2.49
N VAL D 15 -20.40 -11.27 1.98
CA VAL D 15 -21.22 -12.51 1.96
C VAL D 15 -20.83 -13.33 0.70
N ILE D 16 -20.49 -14.60 0.88
CA ILE D 16 -20.18 -15.55 -0.22
C ILE D 16 -21.25 -16.64 -0.29
N MET D 17 -22.08 -16.60 -1.32
CA MET D 17 -23.18 -17.57 -1.57
C MET D 17 -22.68 -18.62 -2.56
N GLY D 18 -22.69 -19.89 -2.16
CA GLY D 18 -22.61 -21.03 -3.10
C GLY D 18 -21.36 -21.89 -2.92
N ILE D 19 -20.79 -21.95 -1.72
CA ILE D 19 -19.79 -23.03 -1.44
C ILE D 19 -20.56 -24.34 -1.18
N ALA D 20 -20.07 -25.43 -1.78
CA ALA D 20 -20.57 -26.80 -1.67
C ALA D 20 -19.44 -27.74 -1.21
N ASN D 21 -18.25 -27.57 -1.79
CA ASN D 21 -17.06 -28.38 -1.42
C ASN D 21 -15.78 -27.59 -1.74
N LYS D 22 -14.61 -28.22 -1.63
CA LYS D 22 -13.29 -27.56 -1.77
C LYS D 22 -13.07 -27.12 -3.21
N ARG D 23 -13.81 -27.70 -4.16
CA ARG D 23 -13.64 -27.47 -5.62
C ARG D 23 -14.53 -26.30 -6.08
N SER D 24 -15.50 -25.88 -5.26
CA SER D 24 -16.46 -24.79 -5.60
C SER D 24 -15.67 -23.53 -5.95
N ILE D 25 -16.06 -22.87 -7.04
CA ILE D 25 -15.52 -21.55 -7.44
C ILE D 25 -15.60 -20.62 -6.23
N ALA D 26 -16.73 -20.62 -5.53
CA ALA D 26 -16.98 -19.72 -4.38
C ALA D 26 -15.87 -19.90 -3.33
N PHE D 27 -15.30 -21.09 -3.21
CA PHE D 27 -14.24 -21.37 -2.21
C PHE D 27 -12.93 -20.70 -2.66
N GLY D 28 -12.64 -20.74 -3.96
CA GLY D 28 -11.51 -19.99 -4.55
C GLY D 28 -11.64 -18.51 -4.19
N VAL D 29 -12.85 -17.97 -4.28
CA VAL D 29 -13.14 -16.55 -3.93
C VAL D 29 -12.83 -16.38 -2.43
N ALA D 30 -13.31 -17.29 -1.59
CA ALA D 30 -13.12 -17.26 -0.12
C ALA D 30 -11.63 -17.28 0.22
N LYS D 31 -10.88 -18.29 -0.25
CA LYS D 31 -9.43 -18.42 0.02
C LYS D 31 -8.76 -17.05 -0.22
N VAL D 32 -9.03 -16.44 -1.38
CA VAL D 32 -8.36 -15.18 -1.82
C VAL D 32 -8.77 -14.02 -0.90
N LEU D 33 -10.07 -13.82 -0.69
CA LEU D 33 -10.59 -12.69 0.13
C LEU D 33 -10.07 -12.83 1.58
N ASP D 34 -10.00 -14.07 2.08
CA ASP D 34 -9.46 -14.44 3.42
C ASP D 34 -7.99 -13.97 3.52
N GLN D 35 -7.11 -14.45 2.64
CA GLN D 35 -5.68 -14.05 2.57
C GLN D 35 -5.52 -12.52 2.61
N LEU D 36 -6.48 -11.77 2.08
CA LEU D 36 -6.40 -10.28 1.99
C LEU D 36 -7.03 -9.67 3.25
N GLY D 37 -7.55 -10.50 4.15
CA GLY D 37 -7.91 -10.12 5.54
C GLY D 37 -9.36 -9.70 5.69
N ALA D 38 -10.23 -10.11 4.79
CA ALA D 38 -11.67 -9.75 4.84
C ALA D 38 -12.37 -10.64 5.86
N LYS D 39 -13.41 -10.11 6.51
CA LYS D 39 -14.38 -10.90 7.28
C LYS D 39 -15.37 -11.52 6.28
N LEU D 40 -15.58 -12.83 6.34
CA LEU D 40 -16.43 -13.58 5.38
C LEU D 40 -17.63 -14.20 6.09
N VAL D 41 -18.83 -13.88 5.61
CA VAL D 41 -20.11 -14.60 5.88
C VAL D 41 -20.34 -15.59 4.72
N PHE D 42 -20.80 -16.81 5.01
CA PHE D 42 -21.05 -17.87 4.01
C PHE D 42 -22.55 -18.24 4.02
N THR D 43 -23.09 -18.61 2.85
CA THR D 43 -24.46 -19.18 2.70
C THR D 43 -24.37 -20.48 1.88
N TYR D 44 -25.25 -21.43 2.18
CA TYR D 44 -25.35 -22.79 1.61
C TYR D 44 -26.84 -23.15 1.47
N ARG D 45 -27.15 -24.20 0.68
CA ARG D 45 -28.52 -24.78 0.58
C ARG D 45 -28.58 -26.08 1.41
N LYS D 46 -27.92 -27.14 0.94
CA LYS D 46 -28.01 -28.50 1.52
C LYS D 46 -27.24 -28.56 2.83
N GLU D 47 -27.57 -29.51 3.73
CA GLU D 47 -26.86 -29.73 5.02
C GLU D 47 -25.46 -30.27 4.72
N ARG D 48 -25.32 -31.10 3.68
CA ARG D 48 -24.03 -31.67 3.20
C ARG D 48 -23.02 -30.53 2.98
N SER D 49 -23.46 -29.39 2.47
CA SER D 49 -22.63 -28.19 2.20
C SER D 49 -22.17 -27.55 3.52
N ARG D 50 -23.02 -27.58 4.56
CA ARG D 50 -22.72 -27.00 5.90
C ARG D 50 -21.57 -27.78 6.56
N LYS D 51 -21.69 -29.11 6.62
CA LYS D 51 -20.65 -30.00 7.20
C LYS D 51 -19.32 -29.69 6.51
N GLU D 52 -19.31 -29.63 5.18
CA GLU D 52 -18.12 -29.34 4.34
C GLU D 52 -17.58 -27.94 4.69
N LEU D 53 -18.46 -26.95 4.82
CA LEU D 53 -18.06 -25.55 5.08
C LEU D 53 -17.26 -25.49 6.39
N GLU D 54 -17.81 -26.05 7.47
CA GLU D 54 -17.19 -26.07 8.83
C GLU D 54 -15.80 -26.73 8.74
N LYS D 55 -15.69 -27.86 8.04
CA LYS D 55 -14.41 -28.57 7.75
C LYS D 55 -13.46 -27.63 7.00
N LEU D 56 -13.98 -26.83 6.06
CA LEU D 56 -13.17 -25.94 5.18
C LEU D 56 -12.71 -24.69 5.92
N LEU D 57 -13.56 -24.09 6.78
CA LEU D 57 -13.22 -22.86 7.56
C LEU D 57 -11.92 -23.01 8.34
N GLU D 58 -11.48 -24.24 8.64
CA GLU D 58 -10.20 -24.51 9.35
C GLU D 58 -9.02 -24.13 8.45
N GLN D 59 -9.16 -24.29 7.12
CA GLN D 59 -8.18 -23.87 6.10
C GLN D 59 -8.05 -22.33 6.08
N LEU D 60 -9.07 -21.60 6.56
CA LEU D 60 -9.14 -20.12 6.54
C LEU D 60 -8.72 -19.58 7.91
N ASN D 61 -8.67 -18.25 8.00
CA ASN D 61 -8.26 -17.47 9.19
C ASN D 61 -9.44 -16.58 9.61
N GLN D 62 -10.65 -17.14 9.55
CA GLN D 62 -11.89 -16.44 9.98
C GLN D 62 -12.09 -16.70 11.47
N PRO D 63 -12.08 -15.63 12.30
CA PRO D 63 -12.18 -15.82 13.74
C PRO D 63 -13.52 -16.52 14.03
N GLU D 64 -14.62 -15.88 13.63
CA GLU D 64 -16.00 -16.35 13.90
C GLU D 64 -16.60 -16.92 12.61
N ALA D 65 -16.89 -18.21 12.60
CA ALA D 65 -17.71 -18.90 11.58
C ALA D 65 -19.14 -18.33 11.62
N HIS D 66 -19.55 -17.53 10.63
CA HIS D 66 -20.97 -17.10 10.43
C HIS D 66 -21.51 -17.81 9.18
N LEU D 67 -22.29 -18.88 9.39
CA LEU D 67 -22.90 -19.71 8.32
C LEU D 67 -24.44 -19.54 8.37
N TYR D 68 -25.09 -19.42 7.22
CA TYR D 68 -26.56 -19.23 7.09
C TYR D 68 -27.11 -20.12 5.97
N GLN D 69 -28.23 -20.80 6.25
CA GLN D 69 -28.96 -21.63 5.26
C GLN D 69 -29.84 -20.70 4.42
N ILE D 70 -29.51 -20.54 3.14
CA ILE D 70 -30.36 -19.79 2.16
C ILE D 70 -30.48 -20.62 0.89
N ASP D 71 -31.66 -21.19 0.66
CA ASP D 71 -32.14 -21.70 -0.65
C ASP D 71 -32.78 -20.50 -1.36
N VAL D 72 -32.16 -20.07 -2.46
CA VAL D 72 -32.54 -18.80 -3.16
C VAL D 72 -33.91 -18.98 -3.85
N GLN D 73 -34.50 -20.18 -3.82
CA GLN D 73 -35.87 -20.42 -4.36
C GLN D 73 -36.94 -19.87 -3.40
N SER D 74 -36.60 -19.62 -2.12
CA SER D 74 -37.51 -19.14 -1.06
C SER D 74 -37.27 -17.66 -0.77
N ASP D 75 -38.25 -16.81 -1.07
CA ASP D 75 -38.22 -15.37 -0.66
C ASP D 75 -37.86 -15.29 0.83
N GLU D 76 -38.49 -16.13 1.67
CA GLU D 76 -38.36 -16.05 3.15
C GLU D 76 -36.89 -16.34 3.55
N GLU D 77 -36.32 -17.47 3.09
CA GLU D 77 -34.95 -17.90 3.48
C GLU D 77 -33.94 -16.81 3.09
N VAL D 78 -34.18 -16.10 1.99
CA VAL D 78 -33.30 -15.03 1.46
C VAL D 78 -33.48 -13.78 2.32
N ILE D 79 -34.73 -13.33 2.49
CA ILE D 79 -35.06 -12.11 3.28
C ILE D 79 -34.53 -12.29 4.71
N ASN D 80 -34.86 -13.42 5.35
CA ASN D 80 -34.52 -13.68 6.78
C ASN D 80 -33.00 -13.84 6.89
N GLY D 81 -32.40 -14.68 6.05
CA GLY D 81 -30.94 -14.86 5.95
C GLY D 81 -30.19 -13.54 6.01
N PHE D 82 -30.61 -12.53 5.25
CA PHE D 82 -29.88 -11.25 5.11
C PHE D 82 -30.19 -10.34 6.30
N GLU D 83 -31.45 -10.27 6.75
CA GLU D 83 -31.82 -9.55 8.00
C GLU D 83 -30.94 -10.07 9.15
N GLN D 84 -30.81 -11.40 9.25
CA GLN D 84 -30.05 -12.13 10.30
C GLN D 84 -28.56 -11.81 10.20
N ILE D 85 -28.01 -11.77 8.99
CA ILE D 85 -26.58 -11.39 8.74
C ILE D 85 -26.38 -9.95 9.24
N GLY D 86 -27.28 -9.03 8.90
CA GLY D 86 -27.26 -7.63 9.34
C GLY D 86 -27.23 -7.51 10.87
N LYS D 87 -27.98 -8.37 11.58
CA LYS D 87 -28.02 -8.40 13.07
C LYS D 87 -26.69 -8.92 13.61
N ASP D 88 -26.18 -10.04 13.07
CA ASP D 88 -25.02 -10.80 13.62
C ASP D 88 -23.66 -10.12 13.29
N VAL D 89 -23.51 -9.42 12.15
CA VAL D 89 -22.19 -8.84 11.72
C VAL D 89 -22.34 -7.37 11.31
N GLY D 90 -23.57 -6.85 11.19
CA GLY D 90 -23.81 -5.46 10.74
C GLY D 90 -23.72 -5.33 9.23
N ASN D 91 -23.34 -4.15 8.79
CA ASN D 91 -23.29 -3.74 7.36
C ASN D 91 -22.15 -4.48 6.65
N ILE D 92 -22.34 -4.80 5.36
CA ILE D 92 -21.38 -5.56 4.50
C ILE D 92 -20.87 -4.64 3.38
N ASP D 93 -19.81 -5.06 2.69
CA ASP D 93 -19.22 -4.29 1.56
C ASP D 93 -19.54 -4.95 0.21
N GLY D 94 -20.01 -6.19 0.20
CA GLY D 94 -20.44 -6.83 -1.06
C GLY D 94 -20.94 -8.25 -0.90
N VAL D 95 -21.39 -8.82 -2.01
CA VAL D 95 -21.90 -10.21 -2.13
C VAL D 95 -21.24 -10.86 -3.34
N TYR D 96 -20.68 -12.06 -3.17
CA TYR D 96 -20.28 -12.93 -4.30
C TYR D 96 -21.33 -14.02 -4.50
N HIS D 97 -21.95 -14.03 -5.68
CA HIS D 97 -23.03 -14.98 -6.09
C HIS D 97 -22.39 -16.06 -6.95
N SER D 98 -22.47 -17.32 -6.51
CA SER D 98 -21.84 -18.49 -7.17
C SER D 98 -22.85 -19.64 -7.22
N ILE D 99 -24.04 -19.35 -7.74
CA ILE D 99 -25.22 -20.26 -7.69
C ILE D 99 -25.83 -20.39 -9.09
N ALA D 100 -25.93 -21.63 -9.56
CA ALA D 100 -26.72 -22.03 -10.75
C ALA D 100 -27.23 -23.47 -10.56
N PHE D 101 -28.29 -23.83 -11.26
CA PHE D 101 -28.82 -25.21 -11.35
C PHE D 101 -29.79 -25.34 -12.54
N ALA D 102 -29.71 -26.47 -13.24
CA ALA D 102 -30.71 -26.95 -14.21
C ALA D 102 -30.85 -28.47 -14.04
N ASN D 103 -32.03 -29.03 -14.38
CA ASN D 103 -32.26 -30.49 -14.31
C ASN D 103 -31.39 -31.17 -15.37
N MET D 104 -30.69 -32.25 -15.01
CA MET D 104 -29.86 -33.00 -15.97
C MET D 104 -30.72 -33.43 -17.18
N GLU D 105 -32.01 -33.75 -16.99
CA GLU D 105 -32.91 -34.18 -18.09
C GLU D 105 -32.85 -33.13 -19.21
N ASP D 106 -32.97 -31.85 -18.84
CA ASP D 106 -32.98 -30.68 -19.75
C ASP D 106 -31.61 -30.51 -20.40
N LEU D 107 -30.51 -30.63 -19.65
CA LEU D 107 -29.11 -30.47 -20.15
C LEU D 107 -28.72 -31.61 -21.10
N ARG D 108 -29.18 -32.83 -20.88
CA ARG D 108 -28.83 -34.02 -21.72
C ARG D 108 -29.56 -33.89 -23.07
N GLY D 109 -30.79 -33.36 -23.02
CA GLY D 109 -31.70 -33.24 -24.18
C GLY D 109 -31.16 -32.36 -25.29
N ARG D 110 -31.89 -32.34 -26.40
CA ARG D 110 -31.88 -31.27 -27.43
C ARG D 110 -32.54 -30.05 -26.77
N PHE D 111 -32.03 -28.83 -27.00
CA PHE D 111 -32.54 -27.62 -26.31
C PHE D 111 -34.03 -27.43 -26.61
N SER D 112 -34.49 -27.76 -27.83
CA SER D 112 -35.92 -27.62 -28.24
C SER D 112 -36.84 -28.55 -27.45
N GLU D 113 -36.30 -29.57 -26.78
CA GLU D 113 -37.10 -30.55 -25.97
C GLU D 113 -37.26 -30.06 -24.52
N THR D 114 -36.64 -28.93 -24.15
CA THR D 114 -36.61 -28.41 -22.75
C THR D 114 -38.03 -28.28 -22.21
N SER D 115 -38.26 -28.68 -20.96
CA SER D 115 -39.56 -28.58 -20.25
C SER D 115 -39.76 -27.17 -19.71
N ARG D 116 -41.00 -26.69 -19.76
CA ARG D 116 -41.40 -25.38 -19.18
C ARG D 116 -40.92 -25.31 -17.72
N GLU D 117 -41.09 -26.39 -16.94
CA GLU D 117 -40.76 -26.40 -15.50
C GLU D 117 -39.23 -26.30 -15.37
N GLY D 118 -38.48 -27.04 -16.18
CA GLY D 118 -37.00 -27.07 -16.18
C GLY D 118 -36.37 -25.72 -16.54
N PHE D 119 -36.98 -25.03 -17.50
CA PHE D 119 -36.55 -23.70 -18.02
C PHE D 119 -36.73 -22.64 -16.93
N LEU D 120 -37.91 -22.57 -16.35
CA LEU D 120 -38.26 -21.60 -15.27
C LEU D 120 -37.46 -21.92 -14.00
N LEU D 121 -37.11 -23.19 -13.77
CA LEU D 121 -36.28 -23.60 -12.61
C LEU D 121 -34.87 -22.99 -12.78
N ALA D 122 -34.24 -23.23 -13.93
CA ALA D 122 -32.92 -22.68 -14.32
C ALA D 122 -32.94 -21.14 -14.18
N GLN D 123 -33.98 -20.49 -14.70
CA GLN D 123 -34.16 -19.02 -14.59
C GLN D 123 -34.24 -18.62 -13.11
N ASP D 124 -35.04 -19.34 -12.31
CA ASP D 124 -35.35 -19.00 -10.89
C ASP D 124 -34.03 -19.00 -10.08
N ILE D 125 -33.31 -20.12 -10.10
CA ILE D 125 -32.10 -20.32 -9.27
C ILE D 125 -30.95 -19.48 -9.84
N SER D 126 -30.76 -19.50 -11.16
CA SER D 126 -29.51 -19.08 -11.83
C SER D 126 -29.51 -17.58 -12.15
N SER D 127 -30.68 -16.94 -12.18
CA SER D 127 -30.84 -15.51 -12.60
C SER D 127 -31.66 -14.70 -11.59
N TYR D 128 -32.92 -15.08 -11.32
CA TYR D 128 -33.78 -14.30 -10.39
C TYR D 128 -33.11 -14.20 -9.02
N SER D 129 -32.43 -15.27 -8.58
CA SER D 129 -31.76 -15.30 -7.26
C SER D 129 -30.97 -14.01 -7.08
N LEU D 130 -30.24 -13.58 -8.11
CA LEU D 130 -29.37 -12.38 -8.01
C LEU D 130 -30.24 -11.15 -7.74
N THR D 131 -31.43 -11.04 -8.36
CA THR D 131 -32.31 -9.86 -8.21
C THR D 131 -32.76 -9.70 -6.75
N ILE D 132 -33.20 -10.79 -6.12
CA ILE D 132 -33.72 -10.73 -4.71
C ILE D 132 -32.54 -10.62 -3.75
N VAL D 133 -31.47 -11.40 -3.95
CA VAL D 133 -30.23 -11.25 -3.14
C VAL D 133 -29.81 -9.77 -3.15
N ALA D 134 -29.84 -9.12 -4.31
CA ALA D 134 -29.42 -7.72 -4.47
C ALA D 134 -30.33 -6.82 -3.64
N HIS D 135 -31.66 -7.02 -3.70
CA HIS D 135 -32.67 -6.20 -3.00
C HIS D 135 -32.43 -6.24 -1.49
N GLU D 136 -32.16 -7.43 -0.95
CA GLU D 136 -32.01 -7.64 0.51
C GLU D 136 -30.62 -7.16 0.94
N ALA D 137 -29.56 -7.49 0.19
CA ALA D 137 -28.16 -7.11 0.51
C ALA D 137 -28.03 -5.58 0.48
N LYS D 138 -28.81 -4.89 -0.35
CA LYS D 138 -28.84 -3.40 -0.44
C LYS D 138 -29.14 -2.81 0.94
N LYS D 139 -29.98 -3.49 1.72
CA LYS D 139 -30.37 -3.07 3.09
C LYS D 139 -29.11 -2.98 3.96
N LEU D 140 -28.12 -3.87 3.76
CA LEU D 140 -26.87 -3.94 4.55
C LEU D 140 -25.73 -3.13 3.93
N MET D 141 -25.99 -2.31 2.90
CA MET D 141 -24.92 -1.59 2.16
C MET D 141 -25.35 -0.15 1.93
N PRO D 142 -25.68 0.61 3.00
CA PRO D 142 -26.24 1.95 2.85
C PRO D 142 -25.18 2.95 2.37
N GLU D 143 -23.90 2.61 2.55
CA GLU D 143 -22.74 3.45 2.13
C GLU D 143 -22.40 3.13 0.68
N GLY D 144 -22.85 1.98 0.19
CA GLY D 144 -22.50 1.42 -1.13
C GLY D 144 -21.77 0.09 -0.98
N GLY D 145 -21.48 -0.58 -2.10
CA GLY D 145 -20.79 -1.88 -2.13
C GLY D 145 -20.71 -2.44 -3.54
N SER D 146 -20.35 -3.73 -3.64
CA SER D 146 -20.12 -4.44 -4.93
C SER D 146 -20.81 -5.80 -4.88
N ILE D 147 -21.61 -6.11 -5.91
CA ILE D 147 -22.17 -7.47 -6.11
C ILE D 147 -21.55 -8.07 -7.37
N VAL D 148 -21.07 -9.30 -7.27
CA VAL D 148 -20.50 -10.06 -8.41
C VAL D 148 -21.23 -11.40 -8.54
N ALA D 149 -21.61 -11.76 -9.76
CA ALA D 149 -22.22 -13.06 -10.11
C ALA D 149 -21.31 -13.78 -11.10
N THR D 150 -21.42 -15.10 -11.16
CA THR D 150 -20.55 -15.98 -11.97
C THR D 150 -21.34 -16.43 -13.19
N THR D 151 -20.80 -16.24 -14.39
CA THR D 151 -21.47 -16.61 -15.64
C THR D 151 -20.50 -17.44 -16.50
N TYR D 152 -20.98 -17.86 -17.66
CA TYR D 152 -20.20 -18.66 -18.63
C TYR D 152 -20.54 -18.14 -20.03
N LEU D 153 -19.56 -18.23 -20.91
CA LEU D 153 -19.59 -17.82 -22.34
C LEU D 153 -20.90 -18.26 -22.99
N GLY D 154 -21.48 -19.36 -22.51
CA GLY D 154 -22.72 -19.94 -23.06
C GLY D 154 -23.89 -19.00 -22.93
N GLY D 155 -23.77 -17.93 -22.14
CA GLY D 155 -24.80 -16.88 -22.06
C GLY D 155 -24.71 -15.91 -23.22
N GLU D 156 -23.56 -15.87 -23.91
CA GLU D 156 -23.28 -14.93 -25.03
C GLU D 156 -23.34 -15.66 -26.38
N PHE D 157 -23.05 -16.97 -26.41
CA PHE D 157 -23.03 -17.80 -27.64
C PHE D 157 -23.63 -19.17 -27.35
N ALA D 158 -24.29 -19.76 -28.34
CA ALA D 158 -24.77 -21.15 -28.29
C ALA D 158 -23.56 -22.08 -28.18
N VAL D 159 -23.33 -22.70 -27.03
CA VAL D 159 -22.28 -23.73 -26.80
C VAL D 159 -22.95 -25.11 -26.74
N GLN D 160 -22.32 -26.12 -27.33
CA GLN D 160 -22.87 -27.52 -27.35
C GLN D 160 -23.08 -27.95 -25.90
N ASN D 161 -24.31 -28.39 -25.57
CA ASN D 161 -24.70 -29.13 -24.34
C ASN D 161 -25.08 -28.19 -23.19
N TYR D 162 -24.86 -26.89 -23.30
CA TYR D 162 -25.17 -25.91 -22.22
C TYR D 162 -26.68 -25.68 -22.21
N ASN D 163 -27.30 -25.77 -23.38
CA ASN D 163 -28.78 -25.74 -23.57
C ASN D 163 -29.42 -24.73 -22.60
N VAL D 164 -30.35 -25.17 -21.76
CA VAL D 164 -31.23 -24.26 -20.95
C VAL D 164 -30.38 -23.33 -20.07
N MET D 165 -29.19 -23.77 -19.66
CA MET D 165 -28.34 -22.98 -18.74
C MET D 165 -27.77 -21.77 -19.51
N GLY D 166 -27.57 -21.88 -20.82
CA GLY D 166 -27.15 -20.76 -21.68
C GLY D 166 -28.18 -19.64 -21.66
N VAL D 167 -29.46 -19.97 -21.72
CA VAL D 167 -30.54 -18.97 -21.70
C VAL D 167 -30.64 -18.38 -20.30
N ALA D 168 -30.42 -19.19 -19.27
CA ALA D 168 -30.33 -18.73 -17.87
C ALA D 168 -29.16 -17.74 -17.70
N LYS D 169 -27.98 -18.05 -18.24
CA LYS D 169 -26.79 -17.17 -18.10
C LYS D 169 -27.02 -15.86 -18.87
N ALA D 170 -27.67 -15.91 -20.04
CA ALA D 170 -27.97 -14.67 -20.81
C ALA D 170 -28.91 -13.80 -19.95
N SER D 171 -29.87 -14.44 -19.28
CA SER D 171 -30.81 -13.80 -18.32
C SER D 171 -30.01 -13.16 -17.18
N LEU D 172 -29.10 -13.92 -16.59
CA LEU D 172 -28.23 -13.45 -15.47
C LEU D 172 -27.44 -12.22 -15.94
N GLU D 173 -26.83 -12.29 -17.12
CA GLU D 173 -25.93 -11.24 -17.65
C GLU D 173 -26.74 -9.95 -17.87
N ALA D 174 -27.98 -10.06 -18.35
CA ALA D 174 -28.88 -8.89 -18.52
C ALA D 174 -29.33 -8.41 -17.13
N ASN D 175 -29.59 -9.35 -16.21
CA ASN D 175 -29.92 -9.07 -14.79
C ASN D 175 -28.85 -8.14 -14.21
N VAL D 176 -27.58 -8.52 -14.36
CA VAL D 176 -26.41 -7.71 -13.90
C VAL D 176 -26.54 -6.29 -14.46
N LYS D 177 -26.87 -6.13 -15.74
CA LYS D 177 -26.86 -4.78 -16.36
C LYS D 177 -28.00 -3.96 -15.75
N TYR D 178 -29.19 -4.52 -15.68
CA TYR D 178 -30.38 -3.80 -15.13
C TYR D 178 -30.14 -3.49 -13.64
N LEU D 179 -29.54 -4.39 -12.86
CA LEU D 179 -29.19 -4.13 -11.44
C LEU D 179 -28.16 -2.99 -11.39
N ALA D 180 -27.15 -3.01 -12.26
CA ALA D 180 -26.10 -1.97 -12.30
C ALA D 180 -26.75 -0.59 -12.48
N LEU D 181 -27.73 -0.48 -13.39
CA LEU D 181 -28.41 0.81 -13.70
C LEU D 181 -29.32 1.23 -12.53
N ASP D 182 -30.02 0.28 -11.92
CA ASP D 182 -30.96 0.49 -10.78
C ASP D 182 -30.18 0.92 -9.52
N LEU D 183 -29.19 0.15 -9.10
CA LEU D 183 -28.49 0.34 -7.79
C LEU D 183 -27.26 1.25 -7.96
N GLY D 184 -26.93 1.70 -9.17
CA GLY D 184 -25.79 2.63 -9.37
C GLY D 184 -25.93 3.90 -8.52
N PRO D 185 -27.07 4.60 -8.60
CA PRO D 185 -27.28 5.82 -7.80
C PRO D 185 -27.16 5.59 -6.28
N ASP D 186 -27.30 4.34 -5.80
CA ASP D 186 -27.06 3.96 -4.38
C ASP D 186 -25.61 3.54 -4.18
N ASN D 187 -24.74 3.85 -5.13
CA ASN D 187 -23.30 3.53 -5.08
C ASN D 187 -23.10 2.01 -4.88
N ILE D 188 -23.95 1.21 -5.51
CA ILE D 188 -23.77 -0.28 -5.57
C ILE D 188 -23.42 -0.66 -7.01
N ARG D 189 -22.28 -1.31 -7.16
CA ARG D 189 -21.78 -1.82 -8.45
C ARG D 189 -22.21 -3.27 -8.58
N VAL D 190 -22.60 -3.66 -9.80
CA VAL D 190 -23.05 -5.05 -10.11
C VAL D 190 -22.31 -5.47 -11.38
N ASN D 191 -21.57 -6.57 -11.30
CA ASN D 191 -20.68 -7.06 -12.38
C ASN D 191 -20.76 -8.58 -12.40
N ALA D 192 -20.24 -9.19 -13.46
CA ALA D 192 -20.14 -10.64 -13.62
C ALA D 192 -18.70 -11.04 -13.94
N ILE D 193 -18.31 -12.24 -13.54
CA ILE D 193 -17.08 -12.92 -14.03
C ILE D 193 -17.53 -14.09 -14.88
N SER D 194 -17.08 -14.13 -16.13
CA SER D 194 -17.33 -15.25 -17.07
C SER D 194 -16.13 -16.18 -16.90
N ALA D 195 -16.27 -17.22 -16.09
CA ALA D 195 -15.19 -18.19 -15.85
C ALA D 195 -15.11 -19.15 -17.03
N GLY D 196 -13.91 -19.54 -17.43
CA GLY D 196 -13.66 -20.72 -18.28
C GLY D 196 -14.05 -22.00 -17.53
N PRO D 197 -13.97 -23.16 -18.20
CA PRO D 197 -14.32 -24.43 -17.56
C PRO D 197 -13.40 -24.78 -16.39
N ILE D 198 -14.00 -25.16 -15.26
CA ILE D 198 -13.30 -25.61 -14.03
C ILE D 198 -14.00 -26.87 -13.51
N ARG D 199 -13.22 -27.91 -13.14
CA ARG D 199 -13.72 -29.16 -12.53
C ARG D 199 -14.24 -28.84 -11.11
N THR D 200 -15.55 -28.91 -10.94
CA THR D 200 -16.27 -28.67 -9.67
C THR D 200 -17.27 -29.79 -9.41
N LEU D 201 -17.92 -29.80 -8.24
CA LEU D 201 -19.00 -30.75 -7.90
C LEU D 201 -20.09 -30.69 -8.98
N SER D 202 -20.56 -29.49 -9.33
CA SER D 202 -21.64 -29.23 -10.32
C SER D 202 -21.24 -29.76 -11.71
N ALA D 203 -19.98 -29.58 -12.08
CA ALA D 203 -19.46 -29.85 -13.44
C ALA D 203 -19.06 -31.34 -13.61
N LYS D 204 -18.56 -31.96 -12.54
CA LYS D 204 -18.12 -33.38 -12.53
C LYS D 204 -19.32 -34.27 -12.91
N GLY D 205 -19.16 -35.17 -13.87
CA GLY D 205 -20.24 -36.08 -14.32
C GLY D 205 -21.29 -35.32 -15.14
N VAL D 206 -20.80 -34.47 -16.05
CA VAL D 206 -21.52 -34.03 -17.28
C VAL D 206 -20.61 -34.44 -18.45
N GLY D 207 -21.15 -35.21 -19.40
CA GLY D 207 -20.37 -35.93 -20.43
C GLY D 207 -19.40 -35.03 -21.17
N GLY D 208 -18.18 -35.52 -21.42
CA GLY D 208 -17.14 -34.89 -22.27
C GLY D 208 -16.65 -33.55 -21.71
N PHE D 209 -16.61 -33.42 -20.39
CA PHE D 209 -16.07 -32.21 -19.73
C PHE D 209 -14.54 -32.15 -19.89
N ASN D 210 -13.87 -33.30 -19.89
CA ASN D 210 -12.41 -33.43 -20.17
C ASN D 210 -12.11 -32.97 -21.62
N THR D 211 -13.03 -33.18 -22.56
CA THR D 211 -12.91 -32.77 -23.99
C THR D 211 -12.82 -31.23 -24.06
N ILE D 212 -13.69 -30.52 -23.35
CA ILE D 212 -13.73 -29.03 -23.35
C ILE D 212 -12.45 -28.49 -22.69
N LEU D 213 -12.03 -29.06 -21.56
CA LEU D 213 -10.77 -28.69 -20.87
C LEU D 213 -9.61 -28.74 -21.85
N LYS D 214 -9.55 -29.75 -22.69
CA LYS D 214 -8.40 -30.00 -23.62
C LYS D 214 -8.49 -29.00 -24.78
N GLU D 215 -9.70 -28.71 -25.28
CA GLU D 215 -9.94 -27.70 -26.35
C GLU D 215 -9.46 -26.31 -25.85
N ILE D 216 -9.77 -25.93 -24.61
CA ILE D 216 -9.25 -24.67 -24.01
C ILE D 216 -7.71 -24.68 -24.08
N GLU D 217 -7.04 -25.72 -23.57
CA GLU D 217 -5.55 -25.81 -23.58
C GLU D 217 -5.01 -25.65 -25.01
N GLU D 218 -5.70 -26.20 -26.01
CA GLU D 218 -5.19 -26.26 -27.41
C GLU D 218 -5.46 -24.93 -28.15
N ARG D 219 -6.64 -24.31 -27.96
CA ARG D 219 -7.13 -23.19 -28.81
C ARG D 219 -7.07 -21.81 -28.12
N ALA D 220 -7.21 -21.76 -26.80
CA ALA D 220 -7.26 -20.48 -26.05
C ALA D 220 -5.92 -19.77 -26.11
N PRO D 221 -5.90 -18.43 -26.23
CA PRO D 221 -4.65 -17.66 -26.29
C PRO D 221 -3.55 -18.09 -25.32
N LEU D 222 -3.87 -18.27 -24.04
CA LEU D 222 -2.87 -18.61 -22.99
C LEU D 222 -2.53 -20.11 -23.01
N LYS D 223 -3.22 -20.90 -23.84
CA LYS D 223 -2.98 -22.35 -24.03
C LYS D 223 -2.97 -23.05 -22.67
N ARG D 224 -3.91 -22.71 -21.79
CA ARG D 224 -4.06 -23.34 -20.45
C ARG D 224 -5.47 -23.08 -19.91
N ASN D 225 -5.87 -23.87 -18.92
CA ASN D 225 -7.16 -23.70 -18.22
C ASN D 225 -6.95 -22.77 -17.04
N VAL D 226 -8.06 -22.30 -16.45
CA VAL D 226 -8.05 -21.41 -15.26
C VAL D 226 -8.49 -22.23 -14.06
N ASP D 227 -8.34 -21.68 -12.85
CA ASP D 227 -8.76 -22.35 -11.60
C ASP D 227 -9.58 -21.36 -10.76
N GLN D 228 -10.13 -21.86 -9.66
CA GLN D 228 -11.00 -21.14 -8.70
C GLN D 228 -10.29 -19.90 -8.15
N VAL D 229 -8.98 -19.99 -7.94
CA VAL D 229 -8.20 -18.89 -7.30
C VAL D 229 -8.10 -17.72 -8.28
N GLU D 230 -7.88 -18.00 -9.56
CA GLU D 230 -7.83 -16.95 -10.62
C GLU D 230 -9.17 -16.22 -10.66
N VAL D 231 -10.29 -16.94 -10.54
CA VAL D 231 -11.62 -16.29 -10.42
C VAL D 231 -11.61 -15.45 -9.16
N GLY D 232 -11.10 -16.00 -8.06
CA GLY D 232 -11.01 -15.28 -6.76
C GLY D 232 -10.24 -13.99 -6.88
N LYS D 233 -9.11 -14.01 -7.58
CA LYS D 233 -8.28 -12.78 -7.81
C LYS D 233 -9.13 -11.72 -8.50
N THR D 234 -9.81 -12.07 -9.59
CA THR D 234 -10.66 -11.10 -10.33
C THR D 234 -11.84 -10.69 -9.42
N ALA D 235 -12.33 -11.60 -8.57
CA ALA D 235 -13.41 -11.29 -7.60
C ALA D 235 -12.90 -10.24 -6.61
N ALA D 236 -11.67 -10.37 -6.13
CA ALA D 236 -11.04 -9.39 -5.22
C ALA D 236 -11.09 -8.00 -5.86
N TYR D 237 -10.66 -7.90 -7.12
CA TYR D 237 -10.67 -6.64 -7.93
C TYR D 237 -12.10 -6.07 -7.95
N LEU D 238 -13.10 -6.89 -8.31
CA LEU D 238 -14.49 -6.41 -8.52
C LEU D 238 -15.14 -6.07 -7.19
N LEU D 239 -14.87 -6.84 -6.14
CA LEU D 239 -15.48 -6.64 -4.80
C LEU D 239 -14.85 -5.46 -4.08
N SER D 240 -13.56 -5.21 -4.28
CA SER D 240 -12.80 -4.11 -3.61
C SER D 240 -13.07 -2.80 -4.33
N ASP D 241 -12.50 -1.69 -3.84
CA ASP D 241 -12.68 -0.36 -4.47
C ASP D 241 -11.67 -0.18 -5.61
N LEU D 242 -10.85 -1.21 -5.87
CA LEU D 242 -9.88 -1.21 -6.99
C LEU D 242 -10.62 -1.07 -8.32
N SER D 243 -11.85 -1.61 -8.39
CA SER D 243 -12.72 -1.60 -9.59
C SER D 243 -13.75 -0.47 -9.50
N SER D 244 -13.46 0.61 -8.78
CA SER D 244 -14.38 1.78 -8.71
C SER D 244 -14.60 2.26 -10.14
N GLY D 245 -15.82 2.67 -10.47
CA GLY D 245 -16.14 3.12 -11.84
C GLY D 245 -16.41 2.00 -12.84
N VAL D 246 -16.29 0.73 -12.41
CA VAL D 246 -16.67 -0.46 -13.21
C VAL D 246 -17.99 -1.04 -12.69
N THR D 247 -19.02 -1.05 -13.53
CA THR D 247 -20.33 -1.65 -13.20
C THR D 247 -21.01 -2.06 -14.51
N GLY D 248 -21.86 -3.07 -14.46
CA GLY D 248 -22.51 -3.61 -15.68
C GLY D 248 -21.49 -4.30 -16.57
N GLU D 249 -20.37 -4.72 -15.99
CA GLU D 249 -19.26 -5.29 -16.78
C GLU D 249 -19.28 -6.82 -16.62
N ASN D 250 -18.78 -7.52 -17.64
CA ASN D 250 -18.56 -8.98 -17.66
C ASN D 250 -17.08 -9.22 -17.97
N ILE D 251 -16.29 -9.59 -16.96
CA ILE D 251 -14.83 -9.87 -17.12
C ILE D 251 -14.65 -11.37 -17.35
N HIS D 252 -14.08 -11.72 -18.49
CA HIS D 252 -13.80 -13.13 -18.86
C HIS D 252 -12.47 -13.54 -18.22
N VAL D 253 -12.55 -14.48 -17.29
CA VAL D 253 -11.39 -15.18 -16.67
C VAL D 253 -11.35 -16.57 -17.29
N ASP D 254 -10.83 -16.65 -18.52
CA ASP D 254 -11.01 -17.80 -19.42
C ASP D 254 -9.83 -17.95 -20.38
N SER D 255 -8.65 -17.44 -20.04
CA SER D 255 -7.44 -17.59 -20.86
C SER D 255 -7.61 -16.95 -22.25
N GLY D 256 -8.59 -16.08 -22.42
CA GLY D 256 -8.81 -15.34 -23.68
C GLY D 256 -9.74 -16.05 -24.65
N PHE D 257 -10.34 -17.17 -24.26
CA PHE D 257 -11.17 -18.02 -25.17
C PHE D 257 -12.27 -17.18 -25.82
N HIS D 258 -12.90 -16.27 -25.06
CA HIS D 258 -14.01 -15.36 -25.50
C HIS D 258 -13.61 -14.49 -26.70
N ALA D 259 -12.33 -14.15 -26.83
CA ALA D 259 -11.79 -13.20 -27.83
C ALA D 259 -11.54 -13.90 -29.16
N ILE D 260 -11.57 -15.23 -29.20
CA ILE D 260 -11.16 -15.97 -30.43
C ILE D 260 -12.36 -16.70 -31.04
N LYS D 261 -12.19 -17.06 -32.31
CA LYS D 261 -13.13 -17.92 -33.05
C LYS D 261 -12.35 -18.86 -34.00
N MET E 4 31.39 14.94 58.65
CA MET E 4 31.57 16.01 57.63
C MET E 4 32.85 15.76 56.80
N ALA E 5 33.24 16.73 55.97
CA ALA E 5 34.01 16.58 54.72
C ALA E 5 35.52 16.60 54.97
N SER E 6 36.22 15.56 54.53
CA SER E 6 37.66 15.36 54.78
C SER E 6 38.31 14.60 53.62
N LEU E 7 39.50 15.06 53.20
CA LEU E 7 40.37 14.36 52.24
C LEU E 7 41.67 13.93 52.94
N ASN E 8 41.65 13.85 54.28
CA ASN E 8 42.74 13.29 55.09
C ASN E 8 42.52 11.78 55.18
N LEU E 9 43.37 10.99 54.54
CA LEU E 9 43.19 9.51 54.42
C LEU E 9 44.25 8.76 55.25
N GLU E 10 44.89 9.40 56.24
CA GLU E 10 45.66 8.66 57.27
C GLU E 10 44.63 7.72 57.92
N ASN E 11 45.01 6.49 58.24
CA ASN E 11 44.11 5.48 58.87
C ASN E 11 43.15 4.83 57.85
N LYS E 12 43.27 5.21 56.58
CA LYS E 12 42.57 4.52 55.46
C LYS E 12 43.60 3.65 54.74
N THR E 13 43.18 2.46 54.30
CA THR E 13 44.00 1.50 53.51
C THR E 13 43.24 1.14 52.23
N TYR E 14 43.90 1.26 51.07
CA TYR E 14 43.32 1.00 49.72
C TYR E 14 44.23 0.01 48.98
N VAL E 15 43.62 -1.01 48.38
CA VAL E 15 44.27 -1.92 47.39
C VAL E 15 44.19 -1.27 46.00
N ILE E 16 45.31 -1.12 45.31
CA ILE E 16 45.40 -0.58 43.92
C ILE E 16 45.86 -1.67 42.96
N MET E 17 44.95 -2.15 42.13
CA MET E 17 45.20 -3.22 41.13
C MET E 17 45.46 -2.57 39.77
N GLY E 18 46.62 -2.84 39.18
CA GLY E 18 46.91 -2.59 37.75
C GLY E 18 47.97 -1.55 37.49
N ILE E 19 48.92 -1.34 38.41
CA ILE E 19 50.15 -0.59 38.05
C ILE E 19 51.08 -1.51 37.23
N ALA E 20 51.64 -0.97 36.16
CA ALA E 20 52.58 -1.63 35.24
C ALA E 20 53.85 -0.79 35.11
N ASN E 21 53.71 0.53 34.97
CA ASN E 21 54.85 1.47 34.88
C ASN E 21 54.41 2.86 35.36
N LYS E 22 55.27 3.86 35.18
CA LYS E 22 55.07 5.25 35.71
C LYS E 22 53.87 5.90 35.01
N ARG E 23 53.50 5.42 33.83
CA ARG E 23 52.47 6.04 32.96
C ARG E 23 51.08 5.44 33.29
N SER E 24 51.02 4.32 34.00
CA SER E 24 49.74 3.63 34.35
C SER E 24 48.81 4.61 35.07
N ILE E 25 47.55 4.63 34.66
CA ILE E 25 46.46 5.39 35.35
C ILE E 25 46.51 5.04 36.85
N ALA E 26 46.66 3.77 37.19
CA ALA E 26 46.65 3.30 38.59
C ALA E 26 47.74 4.00 39.40
N PHE E 27 48.85 4.39 38.76
CA PHE E 27 49.96 5.07 39.45
C PHE E 27 49.54 6.51 39.79
N GLY E 28 48.82 7.17 38.87
CA GLY E 28 48.22 8.49 39.14
C GLY E 28 47.36 8.42 40.39
N VAL E 29 46.57 7.35 40.52
CA VAL E 29 45.68 7.12 41.69
C VAL E 29 46.59 6.97 42.93
N ALA E 30 47.66 6.18 42.83
CA ALA E 30 48.62 5.92 43.92
C ALA E 30 49.26 7.23 44.40
N LYS E 31 49.90 7.98 43.49
CA LYS E 31 50.55 9.26 43.82
C LYS E 31 49.60 10.10 44.69
N VAL E 32 48.35 10.27 44.24
CA VAL E 32 47.35 11.16 44.87
C VAL E 32 46.96 10.61 46.25
N LEU E 33 46.58 9.33 46.34
CA LEU E 33 46.14 8.72 47.62
C LEU E 33 47.29 8.76 48.64
N ASP E 34 48.52 8.56 48.17
CA ASP E 34 49.77 8.63 48.97
C ASP E 34 49.89 10.02 49.60
N GLN E 35 49.92 11.08 48.78
CA GLN E 35 49.99 12.49 49.23
C GLN E 35 48.95 12.79 50.31
N LEU E 36 47.80 12.10 50.29
CA LEU E 36 46.69 12.36 51.25
C LEU E 36 46.86 11.45 52.48
N GLY E 37 47.89 10.60 52.49
CA GLY E 37 48.40 9.88 53.67
C GLY E 37 47.80 8.50 53.84
N ALA E 38 47.28 7.90 52.76
CA ALA E 38 46.67 6.56 52.82
C ALA E 38 47.79 5.50 52.84
N LYS E 39 47.52 4.37 53.49
CA LYS E 39 48.33 3.14 53.34
C LYS E 39 47.87 2.46 52.05
N LEU E 40 48.81 2.11 51.17
CA LEU E 40 48.51 1.52 49.85
C LEU E 40 49.08 0.09 49.76
N VAL E 41 48.22 -0.87 49.45
CA VAL E 41 48.56 -2.22 48.94
C VAL E 41 48.47 -2.20 47.40
N PHE E 42 49.42 -2.84 46.72
CA PHE E 42 49.50 -2.89 45.23
C PHE E 42 49.39 -4.34 44.75
N THR E 43 48.77 -4.56 43.58
CA THR E 43 48.72 -5.86 42.88
C THR E 43 49.17 -5.68 41.42
N TYR E 44 49.84 -6.70 40.88
CA TYR E 44 50.44 -6.79 39.52
C TYR E 44 50.23 -8.20 38.96
N ARG E 45 50.42 -8.40 37.66
CA ARG E 45 50.42 -9.72 36.98
C ARG E 45 51.87 -10.13 36.70
N LYS E 46 52.53 -9.49 35.74
CA LYS E 46 53.87 -9.86 35.21
C LYS E 46 54.95 -9.48 36.23
N GLU E 47 56.11 -10.14 36.19
CA GLU E 47 57.27 -9.85 37.07
C GLU E 47 57.84 -8.46 36.72
N ARG E 48 57.82 -8.11 35.43
CA ARG E 48 58.26 -6.79 34.90
C ARG E 48 57.58 -5.66 35.68
N SER E 49 56.29 -5.83 36.03
CA SER E 49 55.46 -4.86 36.79
C SER E 49 55.96 -4.76 38.24
N ARG E 50 56.42 -5.87 38.82
CA ARG E 50 56.93 -5.92 40.22
C ARG E 50 58.21 -5.09 40.33
N LYS E 51 59.19 -5.35 39.45
CA LYS E 51 60.48 -4.62 39.41
C LYS E 51 60.17 -3.11 39.34
N GLU E 52 59.28 -2.71 38.43
CA GLU E 52 58.85 -1.30 38.22
C GLU E 52 58.20 -0.76 39.50
N LEU E 53 57.34 -1.54 40.14
CA LEU E 53 56.59 -1.10 41.34
C LEU E 53 57.58 -0.71 42.44
N GLU E 54 58.54 -1.61 42.74
CA GLU E 54 59.59 -1.41 43.78
C GLU E 54 60.37 -0.13 43.49
N LYS E 55 60.77 0.07 42.22
CA LYS E 55 61.46 1.30 41.73
C LYS E 55 60.55 2.52 41.96
N LEU E 56 59.24 2.37 41.76
CA LEU E 56 58.25 3.49 41.84
C LEU E 56 57.95 3.83 43.30
N LEU E 57 57.81 2.85 44.19
CA LEU E 57 57.50 3.05 45.64
C LEU E 57 58.44 4.06 46.30
N GLU E 58 59.65 4.28 45.76
CA GLU E 58 60.64 5.25 46.28
C GLU E 58 60.12 6.67 46.06
N GLN E 59 59.37 6.90 44.96
CA GLN E 59 58.67 8.19 44.66
C GLN E 59 57.56 8.47 45.69
N LEU E 60 57.06 7.43 46.36
CA LEU E 60 55.96 7.51 47.35
C LEU E 60 56.53 7.58 48.77
N ASN E 61 55.65 7.70 49.75
CA ASN E 61 55.92 7.85 51.20
C ASN E 61 55.25 6.69 51.93
N GLN E 62 55.29 5.50 51.34
CA GLN E 62 54.73 4.26 51.95
C GLN E 62 55.83 3.65 52.81
N PRO E 63 55.59 3.52 54.15
CA PRO E 63 56.60 2.95 55.02
C PRO E 63 56.91 1.53 54.54
N GLU E 64 55.89 0.67 54.51
CA GLU E 64 56.00 -0.75 54.12
C GLU E 64 55.43 -0.95 52.72
N ALA E 65 56.28 -1.33 51.76
CA ALA E 65 55.92 -1.91 50.45
C ALA E 65 55.14 -3.21 50.66
N HIS E 66 53.81 -3.24 50.44
CA HIS E 66 53.01 -4.50 50.37
C HIS E 66 52.59 -4.75 48.92
N LEU E 67 53.31 -5.65 48.23
CA LEU E 67 53.09 -6.02 46.81
C LEU E 67 52.61 -7.48 46.74
N TYR E 68 51.61 -7.77 45.89
CA TYR E 68 51.01 -9.12 45.72
C TYR E 68 50.79 -9.40 44.24
N GLN E 69 51.15 -10.62 43.80
CA GLN E 69 50.94 -11.11 42.42
C GLN E 69 49.49 -11.61 42.32
N ILE E 70 48.64 -10.91 41.55
CA ILE E 70 47.26 -11.36 41.24
C ILE E 70 47.01 -11.19 39.75
N ASP E 71 46.95 -12.31 39.03
CA ASP E 71 46.38 -12.43 37.66
C ASP E 71 44.89 -12.70 37.87
N VAL E 72 44.05 -11.76 37.47
CA VAL E 72 42.59 -11.78 37.77
C VAL E 72 41.91 -12.88 36.93
N GLN E 73 42.64 -13.58 36.05
CA GLN E 73 42.11 -14.74 35.30
C GLN E 73 42.00 -15.98 36.19
N SER E 74 42.70 -16.00 37.32
CA SER E 74 42.75 -17.13 38.30
C SER E 74 41.92 -16.82 39.54
N ASP E 75 40.83 -17.57 39.75
CA ASP E 75 40.04 -17.51 41.01
C ASP E 75 41.00 -17.61 42.20
N GLU E 76 41.96 -18.54 42.14
CA GLU E 76 42.87 -18.87 43.28
C GLU E 76 43.75 -17.63 43.58
N GLU E 77 44.43 -17.07 42.58
CA GLU E 77 45.39 -15.96 42.77
C GLU E 77 44.65 -14.75 43.39
N VAL E 78 43.38 -14.57 43.04
CA VAL E 78 42.52 -13.46 43.53
C VAL E 78 42.10 -13.77 44.96
N ILE E 79 41.52 -14.95 45.20
CA ILE E 79 41.06 -15.38 46.56
C ILE E 79 42.24 -15.35 47.54
N ASN E 80 43.37 -15.96 47.18
CA ASN E 80 44.56 -16.10 48.07
C ASN E 80 45.17 -14.71 48.27
N GLY E 81 45.42 -13.97 47.18
CA GLY E 81 45.92 -12.59 47.21
C GLY E 81 45.19 -11.74 48.26
N PHE E 82 43.85 -11.81 48.33
CA PHE E 82 43.04 -10.93 49.21
C PHE E 82 43.05 -11.48 50.64
N GLU E 83 42.94 -12.80 50.82
CA GLU E 83 43.10 -13.45 52.15
C GLU E 83 44.44 -13.02 52.74
N GLN E 84 45.52 -13.06 51.94
CA GLN E 84 46.92 -12.75 52.32
C GLN E 84 47.03 -11.27 52.69
N ILE E 85 46.39 -10.37 51.93
CA ILE E 85 46.36 -8.91 52.23
C ILE E 85 45.68 -8.70 53.59
N GLY E 86 44.55 -9.38 53.83
CA GLY E 86 43.81 -9.37 55.12
C GLY E 86 44.68 -9.79 56.28
N LYS E 87 45.56 -10.78 56.10
CA LYS E 87 46.50 -11.28 57.14
C LYS E 87 47.59 -10.23 57.37
N ASP E 88 48.20 -9.68 56.31
CA ASP E 88 49.40 -8.80 56.37
C ASP E 88 49.06 -7.37 56.82
N VAL E 89 47.88 -6.82 56.50
CA VAL E 89 47.55 -5.39 56.79
C VAL E 89 46.16 -5.27 57.47
N GLY E 90 45.39 -6.33 57.53
CA GLY E 90 44.03 -6.30 58.12
C GLY E 90 43.01 -5.76 57.16
N ASN E 91 41.98 -5.11 57.70
CA ASN E 91 40.81 -4.60 56.96
C ASN E 91 41.21 -3.40 56.10
N ILE E 92 40.56 -3.23 54.94
CA ILE E 92 40.83 -2.15 53.94
C ILE E 92 39.59 -1.25 53.84
N ASP E 93 39.73 -0.08 53.22
CA ASP E 93 38.61 0.88 53.03
C ASP E 93 38.14 0.91 51.57
N GLY E 94 38.91 0.35 50.64
CA GLY E 94 38.44 0.26 49.24
C GLY E 94 39.45 -0.39 48.31
N VAL E 95 39.05 -0.53 47.05
CA VAL E 95 39.85 -1.12 45.93
C VAL E 95 39.73 -0.20 44.73
N TYR E 96 40.87 0.15 44.11
CA TYR E 96 40.89 0.78 42.78
C TYR E 96 41.27 -0.27 41.73
N HIS E 97 40.37 -0.51 40.78
CA HIS E 97 40.52 -1.49 39.67
C HIS E 97 40.94 -0.74 38.41
N SER E 98 42.10 -1.05 37.85
CA SER E 98 42.71 -0.38 36.68
C SER E 98 43.24 -1.43 35.72
N ILE E 99 42.38 -2.38 35.33
CA ILE E 99 42.77 -3.61 34.60
C ILE E 99 41.82 -3.80 33.42
N ALA E 100 42.40 -3.93 32.22
CA ALA E 100 41.70 -4.34 30.99
C ALA E 100 42.72 -4.99 30.05
N PHE E 101 42.24 -5.85 29.15
CA PHE E 101 43.06 -6.46 28.06
C PHE E 101 42.15 -7.03 26.98
N ALA E 102 42.56 -6.84 25.72
CA ALA E 102 42.03 -7.54 24.54
C ALA E 102 43.21 -7.92 23.63
N ASN E 103 43.04 -8.98 22.82
CA ASN E 103 44.08 -9.38 21.83
C ASN E 103 44.13 -8.30 20.76
N MET E 104 45.33 -7.87 20.38
CA MET E 104 45.53 -6.88 19.28
C MET E 104 44.81 -7.37 18.02
N GLU E 105 44.79 -8.69 17.74
CA GLU E 105 44.17 -9.23 16.50
C GLU E 105 42.70 -8.75 16.45
N ASP E 106 41.99 -8.85 17.57
CA ASP E 106 40.57 -8.44 17.72
C ASP E 106 40.42 -6.93 17.58
N LEU E 107 41.30 -6.14 18.21
CA LEU E 107 41.26 -4.64 18.16
C LEU E 107 41.57 -4.10 16.75
N ARG E 108 42.48 -4.75 16.01
CA ARG E 108 42.90 -4.28 14.65
C ARG E 108 41.77 -4.56 13.68
N GLY E 109 41.06 -5.68 13.88
CA GLY E 109 39.98 -6.19 13.00
C GLY E 109 38.80 -5.23 12.88
N ARG E 110 37.87 -5.57 11.97
CA ARG E 110 36.46 -5.15 11.99
C ARG E 110 35.79 -5.84 13.18
N PHE E 111 34.92 -5.16 13.92
CA PHE E 111 34.33 -5.72 15.17
C PHE E 111 33.55 -7.01 14.84
N SER E 112 32.92 -7.12 13.66
CA SER E 112 32.16 -8.32 13.24
C SER E 112 33.07 -9.54 13.06
N GLU E 113 34.39 -9.35 12.95
CA GLU E 113 35.38 -10.45 12.74
C GLU E 113 35.87 -11.00 14.08
N THR E 114 35.45 -10.40 15.21
CA THR E 114 35.95 -10.74 16.58
C THR E 114 35.81 -12.24 16.82
N SER E 115 36.84 -12.86 17.40
CA SER E 115 36.87 -14.30 17.76
C SER E 115 36.13 -14.52 19.08
N ARG E 116 35.42 -15.65 19.20
CA ARG E 116 34.75 -16.08 20.44
C ARG E 116 35.75 -16.04 21.62
N GLU E 117 36.98 -16.53 21.41
CA GLU E 117 37.99 -16.63 22.49
C GLU E 117 38.43 -15.22 22.87
N GLY E 118 38.64 -14.33 21.89
CA GLY E 118 39.06 -12.93 22.11
C GLY E 118 38.02 -12.09 22.85
N PHE E 119 36.73 -12.32 22.55
CA PHE E 119 35.56 -11.64 23.16
C PHE E 119 35.45 -12.02 24.64
N LEU E 120 35.47 -13.32 24.92
CA LEU E 120 35.36 -13.87 26.30
C LEU E 120 36.61 -13.50 27.11
N LEU E 121 37.77 -13.37 26.45
CA LEU E 121 39.03 -12.95 27.12
C LEU E 121 38.86 -11.51 27.63
N ALA E 122 38.46 -10.60 26.73
CA ALA E 122 38.18 -9.18 27.03
C ALA E 122 37.16 -9.09 28.18
N GLN E 123 36.06 -9.85 28.10
CA GLN E 123 35.03 -9.91 29.16
C GLN E 123 35.66 -10.39 30.48
N ASP E 124 36.48 -11.45 30.43
CA ASP E 124 37.04 -12.15 31.64
C ASP E 124 37.91 -11.13 32.40
N ILE E 125 38.91 -10.56 31.74
CA ILE E 125 39.92 -9.70 32.39
C ILE E 125 39.29 -8.34 32.73
N SER E 126 38.51 -7.77 31.79
CA SER E 126 38.13 -6.34 31.79
C SER E 126 36.86 -6.09 32.62
N SER E 127 36.04 -7.13 32.85
CA SER E 127 34.70 -7.01 33.49
C SER E 127 34.53 -8.02 34.64
N TYR E 128 34.59 -9.34 34.38
CA TYR E 128 34.39 -10.36 35.44
C TYR E 128 35.37 -10.12 36.61
N SER E 129 36.61 -9.74 36.31
CA SER E 129 37.64 -9.50 37.33
C SER E 129 37.04 -8.67 38.45
N LEU E 130 36.31 -7.61 38.11
CA LEU E 130 35.73 -6.69 39.12
C LEU E 130 34.76 -7.46 40.02
N THR E 131 33.95 -8.38 39.47
CA THR E 131 32.93 -9.13 40.25
C THR E 131 33.60 -9.98 41.34
N ILE E 132 34.67 -10.71 41.00
CA ILE E 132 35.36 -11.61 41.97
C ILE E 132 36.22 -10.78 42.92
N VAL E 133 36.96 -9.78 42.41
CA VAL E 133 37.70 -8.82 43.27
C VAL E 133 36.74 -8.27 44.33
N ALA E 134 35.52 -7.90 43.94
CA ALA E 134 34.53 -7.28 44.84
C ALA E 134 34.16 -8.30 45.92
N HIS E 135 33.87 -9.56 45.53
CA HIS E 135 33.44 -10.65 46.45
C HIS E 135 34.50 -10.90 47.52
N GLU E 136 35.77 -10.92 47.13
CA GLU E 136 36.90 -11.22 48.06
C GLU E 136 37.19 -9.99 48.91
N ALA E 137 37.26 -8.79 48.32
CA ALA E 137 37.58 -7.54 49.03
C ALA E 137 36.48 -7.25 50.08
N LYS E 138 35.24 -7.69 49.83
CA LYS E 138 34.10 -7.53 50.77
C LYS E 138 34.46 -8.17 52.12
N LYS E 139 35.21 -9.28 52.08
CA LYS E 139 35.69 -10.02 53.29
C LYS E 139 36.52 -9.07 54.16
N LEU E 140 37.30 -8.16 53.55
CA LEU E 140 38.19 -7.21 54.28
C LEU E 140 37.51 -5.87 54.58
N MET E 141 36.19 -5.73 54.35
CA MET E 141 35.49 -4.42 54.48
C MET E 141 34.19 -4.62 55.24
N PRO E 142 34.24 -5.17 56.47
CA PRO E 142 33.02 -5.44 57.24
C PRO E 142 32.37 -4.16 57.76
N GLU E 143 33.11 -3.05 57.77
CA GLU E 143 32.63 -1.70 58.18
C GLU E 143 31.91 -1.03 57.00
N GLY E 144 32.23 -1.50 55.77
CA GLY E 144 31.89 -0.83 54.51
C GLY E 144 33.15 -0.34 53.80
N GLY E 145 32.99 0.21 52.59
CA GLY E 145 34.10 0.76 51.79
C GLY E 145 33.65 1.17 50.39
N SER E 146 34.60 1.46 49.51
CA SER E 146 34.37 2.01 48.15
C SER E 146 35.21 1.23 47.14
N ILE E 147 34.57 0.73 46.08
CA ILE E 147 35.27 0.08 44.93
C ILE E 147 35.08 0.97 43.69
N VAL E 148 36.17 1.28 43.01
CA VAL E 148 36.18 2.11 41.76
C VAL E 148 36.87 1.32 40.65
N ALA E 149 36.26 1.30 39.46
CA ALA E 149 36.82 0.69 38.23
C ALA E 149 36.97 1.78 37.17
N THR E 150 37.86 1.56 36.22
CA THR E 150 38.23 2.53 35.16
C THR E 150 37.56 2.09 33.86
N THR E 151 36.83 2.99 33.22
CA THR E 151 36.13 2.70 31.94
C THR E 151 36.44 3.79 30.94
N TYR E 152 35.87 3.68 29.75
CA TYR E 152 36.06 4.62 28.62
C TYR E 152 34.72 4.77 27.91
N LEU E 153 34.48 5.96 27.37
CA LEU E 153 33.29 6.37 26.60
C LEU E 153 32.84 5.27 25.65
N GLY E 154 33.77 4.48 25.16
CA GLY E 154 33.51 3.41 24.19
C GLY E 154 32.59 2.33 24.76
N GLY E 155 32.35 2.31 26.07
CA GLY E 155 31.37 1.42 26.70
C GLY E 155 29.95 1.95 26.56
N GLU E 156 29.80 3.26 26.28
CA GLU E 156 28.49 3.97 26.15
C GLU E 156 28.16 4.21 24.67
N PHE E 157 29.15 4.35 23.80
CA PHE E 157 28.99 4.65 22.34
C PHE E 157 29.99 3.83 21.53
N ALA E 158 29.62 3.43 20.32
CA ALA E 158 30.53 2.77 19.36
C ALA E 158 31.56 3.82 18.94
N VAL E 159 32.81 3.70 19.37
CA VAL E 159 33.94 4.56 18.89
C VAL E 159 34.81 3.71 17.95
N GLN E 160 35.33 4.34 16.88
CA GLN E 160 36.21 3.69 15.88
C GLN E 160 37.38 3.04 16.63
N ASN E 161 37.58 1.73 16.39
CA ASN E 161 38.82 0.95 16.69
C ASN E 161 38.79 0.34 18.10
N TYR E 162 37.86 0.73 18.97
CA TYR E 162 37.77 0.20 20.37
C TYR E 162 37.19 -1.21 20.31
N ASN E 163 36.33 -1.44 19.32
CA ASN E 163 35.78 -2.79 18.98
C ASN E 163 35.46 -3.58 20.26
N VAL E 164 36.03 -4.76 20.43
CA VAL E 164 35.65 -5.74 21.49
C VAL E 164 35.79 -5.10 22.89
N MET E 165 36.68 -4.15 23.06
CA MET E 165 36.92 -3.53 24.39
C MET E 165 35.71 -2.63 24.75
N GLY E 166 35.02 -2.06 23.76
CA GLY E 166 33.78 -1.31 23.97
C GLY E 166 32.70 -2.18 24.60
N VAL E 167 32.56 -3.42 24.13
CA VAL E 167 31.53 -4.35 24.65
C VAL E 167 31.97 -4.81 26.06
N ALA E 168 33.26 -4.97 26.27
CA ALA E 168 33.83 -5.27 27.60
C ALA E 168 33.55 -4.10 28.57
N LYS E 169 33.75 -2.86 28.14
CA LYS E 169 33.52 -1.67 29.02
C LYS E 169 32.02 -1.53 29.33
N ALA E 170 31.15 -1.81 28.37
CA ALA E 170 29.68 -1.76 28.62
C ALA E 170 29.33 -2.81 29.67
N SER E 171 29.96 -3.98 29.57
CA SER E 171 29.85 -5.09 30.55
C SER E 171 30.31 -4.58 31.93
N LEU E 172 31.50 -3.99 31.98
CA LEU E 172 32.09 -3.44 33.23
C LEU E 172 31.12 -2.44 33.86
N GLU E 173 30.59 -1.51 33.05
CA GLU E 173 29.74 -0.40 33.53
C GLU E 173 28.45 -0.98 34.13
N ALA E 174 27.88 -2.02 33.52
CA ALA E 174 26.69 -2.71 34.06
C ALA E 174 27.10 -3.51 35.32
N ASN E 175 28.29 -4.11 35.29
CA ASN E 175 28.89 -4.83 36.43
C ASN E 175 28.90 -3.90 37.66
N VAL E 176 29.43 -2.69 37.49
CA VAL E 176 29.46 -1.64 38.54
C VAL E 176 28.03 -1.45 39.10
N LYS E 177 27.02 -1.38 38.23
CA LYS E 177 25.66 -1.05 38.70
C LYS E 177 25.14 -2.22 39.54
N TYR E 178 25.25 -3.44 39.03
CA TYR E 178 24.76 -4.66 39.73
C TYR E 178 25.54 -4.84 41.04
N LEU E 179 26.84 -4.59 41.07
CA LEU E 179 27.64 -4.66 42.32
C LEU E 179 27.14 -3.61 43.30
N ALA E 180 26.88 -2.38 42.83
CA ALA E 180 26.39 -1.28 43.67
C ALA E 180 25.10 -1.70 44.38
N LEU E 181 24.18 -2.35 43.66
CA LEU E 181 22.84 -2.75 44.18
C LEU E 181 23.01 -3.91 45.16
N ASP E 182 23.89 -4.87 44.85
CA ASP E 182 24.15 -6.08 45.65
C ASP E 182 24.85 -5.69 46.96
N LEU E 183 25.98 -4.96 46.92
CA LEU E 183 26.82 -4.68 48.10
C LEU E 183 26.42 -3.38 48.81
N GLY E 184 25.42 -2.66 48.29
CA GLY E 184 24.93 -1.41 48.92
C GLY E 184 24.50 -1.64 50.36
N PRO E 185 23.61 -2.63 50.63
CA PRO E 185 23.14 -2.89 51.99
C PRO E 185 24.28 -3.18 52.98
N ASP E 186 25.46 -3.62 52.49
CA ASP E 186 26.67 -3.87 53.31
C ASP E 186 27.52 -2.60 53.36
N ASN E 187 26.95 -1.46 52.98
CA ASN E 187 27.64 -0.14 52.97
C ASN E 187 28.92 -0.21 52.12
N ILE E 188 28.88 -0.93 51.00
CA ILE E 188 29.96 -0.90 49.97
C ILE E 188 29.42 -0.18 48.72
N ARG E 189 30.11 0.88 48.35
CA ARG E 189 29.80 1.73 47.17
C ARG E 189 30.67 1.21 46.02
N VAL E 190 30.08 1.15 44.83
CA VAL E 190 30.77 0.70 43.59
C VAL E 190 30.49 1.73 42.51
N ASN E 191 31.53 2.31 41.94
CA ASN E 191 31.46 3.43 40.97
C ASN E 191 32.54 3.23 39.92
N ALA E 192 32.44 3.98 38.82
CA ALA E 192 33.40 3.94 37.70
C ALA E 192 33.87 5.36 37.40
N ILE E 193 35.11 5.48 36.93
CA ILE E 193 35.65 6.72 36.32
C ILE E 193 35.83 6.42 34.83
N SER E 194 35.19 7.23 33.97
CA SER E 194 35.33 7.17 32.51
C SER E 194 36.44 8.16 32.18
N ALA E 195 37.67 7.68 32.04
CA ALA E 195 38.85 8.53 31.77
C ALA E 195 38.87 8.88 30.29
N GLY E 196 39.25 10.10 29.96
CA GLY E 196 39.62 10.44 28.57
C GLY E 196 40.91 9.74 28.16
N PRO E 197 41.33 9.88 26.90
CA PRO E 197 42.55 9.22 26.42
C PRO E 197 43.81 9.71 27.15
N ILE E 198 44.62 8.78 27.60
CA ILE E 198 45.92 9.02 28.29
C ILE E 198 46.97 8.08 27.69
N ARG E 199 48.15 8.63 27.38
CA ARG E 199 49.34 7.89 26.86
C ARG E 199 49.86 6.98 27.99
N THR E 200 49.66 5.66 27.85
CA THR E 200 50.11 4.63 28.82
C THR E 200 50.79 3.50 28.06
N LEU E 201 51.40 2.55 28.77
CA LEU E 201 52.01 1.33 28.19
C LEU E 201 50.95 0.59 27.35
N SER E 202 49.76 0.37 27.92
CA SER E 202 48.64 -0.37 27.27
C SER E 202 48.19 0.34 25.99
N ALA E 203 48.14 1.67 26.02
CA ALA E 203 47.55 2.52 24.96
C ALA E 203 48.57 2.82 23.85
N LYS E 204 49.86 2.94 24.19
CA LYS E 204 50.97 3.22 23.24
C LYS E 204 50.99 2.13 22.17
N GLY E 205 50.98 2.54 20.89
CA GLY E 205 51.00 1.62 19.74
C GLY E 205 49.72 0.84 19.58
N VAL E 206 48.57 1.48 19.75
CA VAL E 206 47.24 0.99 19.28
C VAL E 206 46.64 2.13 18.47
N GLY E 207 46.25 1.87 17.22
CA GLY E 207 45.68 2.82 16.28
C GLY E 207 46.52 4.08 16.12
N GLY E 208 45.86 5.11 15.58
CA GLY E 208 46.28 6.52 15.49
C GLY E 208 45.79 7.12 16.79
N PHE E 209 46.51 6.83 17.86
CA PHE E 209 46.14 7.28 19.25
C PHE E 209 46.31 8.80 19.37
N ASN E 210 47.32 9.36 18.68
CA ASN E 210 47.54 10.81 18.53
C ASN E 210 46.33 11.50 17.87
N THR E 211 45.61 10.84 16.97
CA THR E 211 44.37 11.35 16.30
C THR E 211 43.30 11.67 17.35
N ILE E 212 43.05 10.75 18.28
CA ILE E 212 42.00 10.91 19.33
C ILE E 212 42.45 12.02 20.30
N LEU E 213 43.71 12.00 20.74
CA LEU E 213 44.30 13.04 21.62
C LEU E 213 44.03 14.43 21.04
N LYS E 214 44.20 14.59 19.73
CA LYS E 214 44.11 15.91 19.04
C LYS E 214 42.64 16.31 18.94
N GLU E 215 41.75 15.35 18.65
CA GLU E 215 40.27 15.59 18.59
C GLU E 215 39.79 16.09 19.96
N ILE E 216 40.25 15.48 21.06
CA ILE E 216 39.89 15.95 22.43
C ILE E 216 40.31 17.42 22.55
N GLU E 217 41.57 17.77 22.28
CA GLU E 217 42.07 19.18 22.39
C GLU E 217 41.20 20.13 21.57
N GLU E 218 40.74 19.71 20.38
CA GLU E 218 40.04 20.59 19.42
C GLU E 218 38.55 20.72 19.80
N ARG E 219 37.87 19.63 20.21
CA ARG E 219 36.39 19.54 20.28
C ARG E 219 35.86 19.53 21.74
N ALA E 220 36.61 19.01 22.69
CA ALA E 220 36.15 18.86 24.09
C ALA E 220 36.00 20.23 24.73
N PRO E 221 34.98 20.44 25.57
CA PRO E 221 34.76 21.71 26.27
C PRO E 221 36.02 22.41 26.81
N LEU E 222 36.87 21.69 27.53
CA LEU E 222 38.08 22.26 28.18
C LEU E 222 39.22 22.44 27.17
N LYS E 223 39.06 21.95 25.94
CA LYS E 223 40.05 22.11 24.84
C LYS E 223 41.43 21.66 25.33
N ARG E 224 41.51 20.54 26.06
CA ARG E 224 42.77 19.95 26.57
C ARG E 224 42.55 18.48 26.94
N ASN E 225 43.63 17.72 27.05
CA ASN E 225 43.58 16.30 27.47
C ASN E 225 43.70 16.26 28.99
N VAL E 226 43.40 15.10 29.58
CA VAL E 226 43.51 14.85 31.04
C VAL E 226 44.74 13.99 31.27
N ASP E 227 45.15 13.86 32.53
CA ASP E 227 46.30 13.01 32.92
C ASP E 227 45.88 12.09 34.06
N GLN E 228 46.80 11.19 34.43
CA GLN E 228 46.62 10.14 35.46
C GLN E 228 46.25 10.79 36.80
N VAL E 229 46.82 11.96 37.10
CA VAL E 229 46.63 12.64 38.41
C VAL E 229 45.17 13.11 38.52
N GLU E 230 44.61 13.67 37.45
CA GLU E 230 43.19 14.11 37.42
C GLU E 230 42.29 12.91 37.69
N VAL E 231 42.58 11.76 37.11
CA VAL E 231 41.84 10.51 37.43
C VAL E 231 42.04 10.23 38.91
N GLY E 232 43.27 10.35 39.41
CA GLY E 232 43.59 10.12 40.83
C GLY E 232 42.78 10.99 41.76
N LYS E 233 42.68 12.28 41.42
CA LYS E 233 41.87 13.25 42.22
C LYS E 233 40.42 12.74 42.31
N THR E 234 39.80 12.40 41.19
CA THR E 234 38.40 11.90 41.20
C THR E 234 38.35 10.55 41.94
N ALA E 235 39.40 9.74 41.85
CA ALA E 235 39.50 8.47 42.59
C ALA E 235 39.50 8.75 44.10
N ALA E 236 40.26 9.76 44.54
CA ALA E 236 40.28 10.19 45.95
C ALA E 236 38.85 10.47 46.44
N TYR E 237 38.10 11.26 45.66
CA TYR E 237 36.69 11.62 45.94
C TYR E 237 35.86 10.34 46.11
N LEU E 238 35.95 9.43 45.15
CA LEU E 238 35.07 8.22 45.11
C LEU E 238 35.48 7.23 46.20
N LEU E 239 36.78 7.11 46.47
CA LEU E 239 37.31 6.13 47.45
C LEU E 239 37.08 6.63 48.88
N SER E 240 37.15 7.95 49.11
CA SER E 240 36.99 8.58 50.44
C SER E 240 35.49 8.67 50.80
N ASP E 241 35.17 9.17 52.00
CA ASP E 241 33.76 9.33 52.44
C ASP E 241 33.20 10.65 51.89
N LEU E 242 34.00 11.41 51.14
CA LEU E 242 33.56 12.66 50.47
C LEU E 242 32.42 12.38 49.50
N SER E 243 32.40 11.18 48.91
CA SER E 243 31.41 10.72 47.92
C SER E 243 30.37 9.83 48.59
N SER E 244 30.14 9.98 49.90
CA SER E 244 29.07 9.21 50.59
C SER E 244 27.75 9.49 49.86
N GLY E 245 26.91 8.48 49.71
CA GLY E 245 25.64 8.66 48.99
C GLY E 245 25.75 8.54 47.47
N VAL E 246 26.97 8.40 46.94
CA VAL E 246 27.22 8.15 45.48
C VAL E 246 27.63 6.69 45.25
N THR E 247 26.84 5.95 44.49
CA THR E 247 27.12 4.54 44.13
C THR E 247 26.40 4.23 42.82
N GLY E 248 26.92 3.30 42.02
CA GLY E 248 26.39 2.99 40.68
C GLY E 248 26.60 4.15 39.74
N GLU E 249 27.55 5.02 40.04
CA GLU E 249 27.77 6.26 39.26
C GLU E 249 28.96 6.04 38.33
N ASN E 250 28.97 6.75 37.20
CA ASN E 250 30.08 6.81 36.21
C ASN E 250 30.46 8.29 36.06
N ILE E 251 31.57 8.70 36.63
CA ILE E 251 32.10 10.09 36.54
C ILE E 251 33.08 10.19 35.38
N HIS E 252 32.76 11.03 34.40
CA HIS E 252 33.62 11.24 33.21
C HIS E 252 34.67 12.29 33.57
N VAL E 253 35.94 11.86 33.58
CA VAL E 253 37.14 12.72 33.76
C VAL E 253 37.79 12.79 32.38
N ASP E 254 37.23 13.63 31.50
CA ASP E 254 37.46 13.58 30.04
C ASP E 254 37.26 14.96 29.41
N SER E 255 37.45 16.03 30.17
CA SER E 255 37.37 17.42 29.67
C SER E 255 35.99 17.74 29.10
N GLY E 256 34.98 16.94 29.41
CA GLY E 256 33.58 17.18 29.00
C GLY E 256 33.22 16.52 27.68
N PHE E 257 34.11 15.72 27.10
CA PHE E 257 33.89 15.10 25.76
C PHE E 257 32.57 14.32 25.72
N HIS E 258 32.23 13.60 26.80
CA HIS E 258 30.98 12.78 26.93
C HIS E 258 29.70 13.60 26.74
N ALA E 259 29.73 14.90 27.06
CA ALA E 259 28.57 15.81 27.09
C ALA E 259 28.29 16.37 25.70
N ILE E 260 29.22 16.23 24.76
CA ILE E 260 29.09 16.93 23.43
C ILE E 260 28.91 15.90 22.31
N LYS E 261 28.47 16.39 21.16
CA LYS E 261 28.31 15.60 19.92
C LYS E 261 28.62 16.49 18.71
N MET F 4 6.66 5.58 -0.05
CA MET F 4 7.65 4.43 -0.03
C MET F 4 7.43 3.49 1.17
N ALA F 5 6.37 3.68 1.97
CA ALA F 5 6.05 2.93 3.20
C ALA F 5 5.24 1.68 2.87
N SER F 6 5.72 0.51 3.32
CA SER F 6 5.09 -0.80 3.04
C SER F 6 5.38 -1.78 4.19
N LEU F 7 4.36 -2.55 4.59
CA LEU F 7 4.51 -3.68 5.53
C LEU F 7 4.19 -5.01 4.80
N ASN F 8 4.24 -4.99 3.47
CA ASN F 8 4.07 -6.20 2.64
C ASN F 8 5.44 -6.85 2.46
N LEU F 9 5.65 -8.01 3.07
CA LEU F 9 6.97 -8.69 3.13
C LEU F 9 6.98 -9.96 2.26
N GLU F 10 6.08 -10.09 1.28
CA GLU F 10 6.28 -11.05 0.16
C GLU F 10 7.59 -10.59 -0.50
N ASN F 11 8.40 -11.53 -0.98
CA ASN F 11 9.72 -11.28 -1.60
C ASN F 11 10.80 -11.09 -0.52
N LYS F 12 10.45 -11.05 0.77
CA LYS F 12 11.44 -10.90 1.87
C LYS F 12 11.61 -12.26 2.56
N THR F 13 12.82 -12.58 2.97
CA THR F 13 13.20 -13.85 3.67
C THR F 13 13.99 -13.49 4.92
N TYR F 14 13.57 -14.01 6.08
CA TYR F 14 14.12 -13.72 7.42
C TYR F 14 14.44 -15.03 8.13
N VAL F 15 15.64 -15.11 8.71
CA VAL F 15 16.07 -16.20 9.63
C VAL F 15 15.61 -15.81 11.05
N ILE F 16 14.88 -16.70 11.73
CA ILE F 16 14.40 -16.49 13.13
C ILE F 16 15.06 -17.52 14.04
N MET F 17 15.99 -17.05 14.88
CA MET F 17 16.77 -17.88 15.83
C MET F 17 16.11 -17.78 17.20
N GLY F 18 15.72 -18.93 17.78
CA GLY F 18 15.39 -19.07 19.21
C GLY F 18 13.92 -19.37 19.48
N ILE F 19 13.20 -20.01 18.56
CA ILE F 19 11.89 -20.62 18.94
C ILE F 19 12.15 -21.93 19.70
N ALA F 20 11.42 -22.13 20.80
CA ALA F 20 11.48 -23.31 21.69
C ALA F 20 10.07 -23.89 21.84
N ASN F 21 9.06 -23.04 22.02
CA ASN F 21 7.64 -23.47 22.14
C ASN F 21 6.73 -22.32 21.69
N LYS F 22 5.42 -22.46 21.88
CA LYS F 22 4.39 -21.51 21.36
C LYS F 22 4.51 -20.17 22.10
N ARG F 23 5.14 -20.17 23.30
CA ARG F 23 5.22 -18.97 24.18
C ARG F 23 6.48 -18.17 23.86
N SER F 24 7.44 -18.73 23.14
CA SER F 24 8.72 -18.06 22.79
C SER F 24 8.42 -16.71 22.09
N ILE F 25 9.11 -15.65 22.53
CA ILE F 25 9.06 -14.32 21.88
C ILE F 25 9.29 -14.50 20.38
N ALA F 26 10.27 -15.31 19.99
CA ALA F 26 10.64 -15.53 18.57
C ALA F 26 9.43 -16.02 17.78
N PHE F 27 8.50 -16.74 18.41
CA PHE F 27 7.30 -17.27 17.71
C PHE F 27 6.32 -16.13 17.46
N GLY F 28 6.18 -15.21 18.41
CA GLY F 28 5.44 -13.93 18.22
C GLY F 28 5.93 -13.21 16.98
N VAL F 29 7.25 -13.15 16.82
CA VAL F 29 7.91 -12.52 15.65
C VAL F 29 7.50 -13.30 14.40
N ALA F 30 7.57 -14.62 14.45
CA ALA F 30 7.23 -15.54 13.33
C ALA F 30 5.77 -15.32 12.91
N LYS F 31 4.82 -15.46 13.85
CA LYS F 31 3.36 -15.28 13.55
C LYS F 31 3.19 -13.99 12.74
N VAL F 32 3.76 -12.88 13.23
CA VAL F 32 3.58 -11.53 12.64
C VAL F 32 4.20 -11.48 11.24
N LEU F 33 5.46 -11.89 11.09
CA LEU F 33 6.19 -11.84 9.79
C LEU F 33 5.47 -12.72 8.77
N ASP F 34 4.97 -13.87 9.22
CA ASP F 34 4.19 -14.85 8.40
C ASP F 34 2.94 -14.15 7.84
N GLN F 35 2.08 -13.62 8.71
CA GLN F 35 0.85 -12.86 8.32
C GLN F 35 1.15 -11.79 7.26
N LEU F 36 2.35 -11.21 7.27
CA LEU F 36 2.74 -10.13 6.32
C LEU F 36 3.35 -10.74 5.07
N GLY F 37 3.48 -12.07 5.01
CA GLY F 37 3.76 -12.84 3.78
C GLY F 37 5.25 -13.10 3.56
N ALA F 38 6.06 -13.06 4.61
CA ALA F 38 7.52 -13.30 4.52
C ALA F 38 7.79 -14.81 4.40
N LYS F 39 8.85 -15.18 3.69
CA LYS F 39 9.45 -16.54 3.78
C LYS F 39 10.31 -16.58 5.06
N LEU F 40 10.09 -17.59 5.91
CA LEU F 40 10.78 -17.72 7.21
C LEU F 40 11.65 -18.99 7.25
N VAL F 41 12.94 -18.81 7.55
CA VAL F 41 13.89 -19.86 7.99
C VAL F 41 13.94 -19.84 9.53
N PHE F 42 13.98 -21.00 10.18
CA PHE F 42 14.01 -21.13 11.66
C PHE F 42 15.29 -21.85 12.09
N THR F 43 15.83 -21.51 13.28
CA THR F 43 16.96 -22.23 13.92
C THR F 43 16.59 -22.56 15.37
N TYR F 44 17.10 -23.70 15.86
CA TYR F 44 16.85 -24.28 17.21
C TYR F 44 18.15 -24.90 17.74
N ARG F 45 18.22 -25.19 19.04
CA ARG F 45 19.35 -25.94 19.69
C ARG F 45 18.90 -27.40 19.94
N LYS F 46 18.02 -27.60 20.92
CA LYS F 46 17.59 -28.92 21.45
C LYS F 46 16.67 -29.60 20.39
N GLU F 47 16.59 -30.94 20.39
CA GLU F 47 15.70 -31.68 19.46
C GLU F 47 14.24 -31.44 19.85
N ARG F 48 13.97 -31.29 21.15
CA ARG F 48 12.64 -30.92 21.73
C ARG F 48 12.06 -29.69 21.00
N SER F 49 12.90 -28.71 20.67
CA SER F 49 12.53 -27.46 19.97
C SER F 49 12.15 -27.77 18.51
N ARG F 50 12.80 -28.76 17.88
CA ARG F 50 12.54 -29.17 16.47
C ARG F 50 11.13 -29.77 16.37
N LYS F 51 10.83 -30.76 17.23
CA LYS F 51 9.50 -31.43 17.27
C LYS F 51 8.42 -30.34 17.40
N GLU F 52 8.60 -29.40 18.33
CA GLU F 52 7.66 -28.27 18.60
C GLU F 52 7.55 -27.38 17.35
N LEU F 53 8.67 -27.09 16.70
CA LEU F 53 8.69 -26.18 15.52
C LEU F 53 7.79 -26.75 14.43
N GLU F 54 8.00 -28.03 14.07
CA GLU F 54 7.25 -28.76 13.01
C GLU F 54 5.75 -28.73 13.35
N LYS F 55 5.39 -29.00 14.61
CA LYS F 55 3.99 -28.90 15.14
C LYS F 55 3.47 -27.47 14.96
N LEU F 56 4.32 -26.45 15.18
CA LEU F 56 3.92 -25.02 15.16
C LEU F 56 3.77 -24.54 13.71
N LEU F 57 4.66 -24.94 12.79
CA LEU F 57 4.65 -24.51 11.36
C LEU F 57 3.28 -24.73 10.71
N GLU F 58 2.45 -25.64 11.22
CA GLU F 58 1.09 -25.92 10.70
C GLU F 58 0.18 -24.70 10.97
N GLN F 59 0.41 -23.99 12.09
CA GLN F 59 -0.28 -22.72 12.45
C GLN F 59 0.08 -21.61 11.47
N LEU F 60 1.22 -21.72 10.78
CA LEU F 60 1.73 -20.71 9.83
C LEU F 60 1.35 -21.10 8.39
N ASN F 61 1.71 -20.23 7.45
CA ASN F 61 1.41 -20.33 5.99
C ASN F 61 2.75 -20.34 5.25
N GLN F 62 3.72 -21.10 5.79
CA GLN F 62 5.03 -21.32 5.15
C GLN F 62 4.90 -22.54 4.25
N PRO F 63 5.10 -22.39 2.92
CA PRO F 63 5.00 -23.53 2.02
C PRO F 63 6.01 -24.58 2.47
N GLU F 64 7.30 -24.21 2.49
CA GLU F 64 8.43 -25.13 2.78
C GLU F 64 8.98 -24.82 4.18
N ALA F 65 8.86 -25.77 5.10
CA ALA F 65 9.59 -25.82 6.39
C ALA F 65 11.09 -25.88 6.13
N HIS F 66 11.85 -24.80 6.37
CA HIS F 66 13.33 -24.82 6.41
C HIS F 66 13.80 -24.65 7.87
N LEU F 67 14.17 -25.74 8.52
CA LEU F 67 14.64 -25.80 9.94
C LEU F 67 16.12 -26.22 9.96
N TYR F 68 16.93 -25.58 10.82
CA TYR F 68 18.39 -25.83 10.96
C TYR F 68 18.79 -25.86 12.44
N GLN F 69 19.60 -26.85 12.82
CA GLN F 69 20.15 -27.01 14.19
C GLN F 69 21.37 -26.09 14.31
N ILE F 70 21.27 -25.04 15.12
CA ILE F 70 22.42 -24.13 15.44
C ILE F 70 22.43 -23.88 16.96
N ASP F 71 23.43 -24.46 17.64
CA ASP F 71 23.89 -24.09 19.00
C ASP F 71 24.92 -22.98 18.79
N VAL F 72 24.61 -21.77 19.25
CA VAL F 72 25.45 -20.56 18.97
C VAL F 72 26.76 -20.63 19.75
N GLN F 73 26.96 -21.65 20.60
CA GLN F 73 28.24 -21.86 21.33
C GLN F 73 29.30 -22.45 20.38
N SER F 74 28.88 -23.02 19.24
CA SER F 74 29.78 -23.67 18.23
C SER F 74 29.96 -22.78 17.01
N ASP F 75 31.18 -22.29 16.78
CA ASP F 75 31.54 -21.55 15.54
C ASP F 75 31.05 -22.38 14.34
N GLU F 76 31.29 -23.69 14.34
CA GLU F 76 31.02 -24.57 13.18
C GLU F 76 29.51 -24.62 12.91
N GLU F 77 28.69 -24.92 13.92
CA GLU F 77 27.21 -25.06 13.75
C GLU F 77 26.61 -23.76 13.19
N VAL F 78 27.19 -22.60 13.57
CA VAL F 78 26.73 -21.26 13.12
C VAL F 78 27.21 -21.04 11.68
N ILE F 79 28.51 -21.23 11.42
CA ILE F 79 29.10 -21.07 10.05
C ILE F 79 28.36 -21.99 9.07
N ASN F 80 28.23 -23.27 9.39
CA ASN F 80 27.65 -24.31 8.50
C ASN F 80 26.16 -24.02 8.32
N GLY F 81 25.45 -23.82 9.43
CA GLY F 81 24.02 -23.44 9.44
C GLY F 81 23.71 -22.36 8.42
N PHE F 82 24.52 -21.29 8.36
CA PHE F 82 24.24 -20.10 7.51
C PHE F 82 24.67 -20.38 6.06
N GLU F 83 25.82 -21.03 5.84
CA GLU F 83 26.23 -21.49 4.50
C GLU F 83 25.10 -22.34 3.90
N GLN F 84 24.56 -23.27 4.69
CA GLN F 84 23.49 -24.25 4.32
C GLN F 84 22.19 -23.50 4.00
N ILE F 85 21.82 -22.48 4.79
CA ILE F 85 20.64 -21.62 4.54
C ILE F 85 20.81 -20.91 3.18
N GLY F 86 22.01 -20.35 2.93
CA GLY F 86 22.38 -19.71 1.65
C GLY F 86 22.21 -20.63 0.46
N LYS F 87 22.55 -21.92 0.61
CA LYS F 87 22.40 -22.96 -0.45
C LYS F 87 20.91 -23.26 -0.66
N ASP F 88 20.15 -23.48 0.41
CA ASP F 88 18.74 -23.98 0.37
C ASP F 88 17.74 -22.88 -0.02
N VAL F 89 17.95 -21.60 0.33
CA VAL F 89 16.96 -20.50 0.06
C VAL F 89 17.63 -19.29 -0.60
N GLY F 90 18.95 -19.24 -0.69
CA GLY F 90 19.67 -18.09 -1.28
C GLY F 90 19.81 -16.95 -0.28
N ASN F 91 19.82 -15.73 -0.79
CA ASN F 91 20.07 -14.49 0.00
C ASN F 91 18.86 -14.20 0.90
N ILE F 92 19.10 -13.61 2.09
CA ILE F 92 18.07 -13.26 3.11
C ILE F 92 18.00 -11.75 3.27
N ASP F 93 16.95 -11.24 3.93
CA ASP F 93 16.77 -9.77 4.15
C ASP F 93 17.04 -9.41 5.62
N GLY F 94 17.10 -10.39 6.54
CA GLY F 94 17.46 -10.10 7.94
C GLY F 94 17.47 -11.31 8.84
N VAL F 95 17.87 -11.10 10.10
CA VAL F 95 17.92 -12.12 11.18
C VAL F 95 17.23 -11.54 12.42
N TYR F 96 16.32 -12.30 13.03
CA TYR F 96 15.80 -12.01 14.38
C TYR F 96 16.48 -12.95 15.39
N HIS F 97 17.20 -12.36 16.35
CA HIS F 97 17.96 -13.05 17.41
C HIS F 97 17.14 -13.01 18.68
N SER F 98 16.77 -14.19 19.21
CA SER F 98 15.90 -14.33 20.40
C SER F 98 16.50 -15.39 21.31
N ILE F 99 17.77 -15.21 21.68
CA ILE F 99 18.60 -16.23 22.38
C ILE F 99 19.30 -15.58 23.55
N ALA F 100 19.09 -16.15 24.74
CA ALA F 100 19.85 -15.87 25.98
C ALA F 100 19.87 -17.11 26.85
N PHE F 101 20.84 -17.22 27.76
CA PHE F 101 20.93 -18.28 28.79
C PHE F 101 21.95 -17.88 29.87
N ALA F 102 21.61 -18.17 31.12
CA ALA F 102 22.52 -18.18 32.29
C ALA F 102 22.17 -19.38 33.18
N ASN F 103 23.15 -19.87 33.95
CA ASN F 103 22.92 -20.96 34.94
C ASN F 103 21.99 -20.42 36.03
N MET F 104 20.96 -21.18 36.40
CA MET F 104 20.03 -20.77 37.49
C MET F 104 20.83 -20.47 38.76
N GLU F 105 21.91 -21.22 39.03
CA GLU F 105 22.70 -21.04 40.29
C GLU F 105 23.17 -19.58 40.34
N ASP F 106 23.66 -19.03 39.23
CA ASP F 106 24.15 -17.63 39.12
C ASP F 106 22.99 -16.63 39.29
N LEU F 107 21.84 -16.87 38.68
CA LEU F 107 20.64 -15.97 38.76
C LEU F 107 20.02 -15.99 40.17
N ARG F 108 20.04 -17.12 40.89
CA ARG F 108 19.43 -17.25 42.24
C ARG F 108 20.30 -16.50 43.24
N GLY F 109 21.62 -16.54 43.03
CA GLY F 109 22.65 -15.97 43.92
C GLY F 109 22.55 -14.46 44.10
N ARG F 110 23.38 -13.92 45.00
CA ARG F 110 23.83 -12.52 45.00
C ARG F 110 24.76 -12.34 43.78
N PHE F 111 24.69 -11.21 43.08
CA PHE F 111 25.45 -11.01 41.83
C PHE F 111 26.95 -11.13 42.11
N SER F 112 27.45 -10.70 43.27
CA SER F 112 28.89 -10.79 43.63
C SER F 112 29.36 -12.25 43.76
N GLU F 113 28.45 -13.21 43.89
CA GLU F 113 28.79 -14.65 44.04
C GLU F 113 28.90 -15.34 42.67
N THR F 114 28.62 -14.62 41.58
CA THR F 114 28.60 -15.17 40.20
C THR F 114 29.95 -15.87 39.91
N SER F 115 29.90 -17.04 39.28
CA SER F 115 31.07 -17.86 38.89
C SER F 115 31.64 -17.32 37.58
N ARG F 116 32.96 -17.35 37.44
CA ARG F 116 33.67 -16.98 36.20
C ARG F 116 33.07 -17.76 35.02
N GLU F 117 32.80 -19.06 35.19
CA GLU F 117 32.32 -19.92 34.08
C GLU F 117 30.88 -19.50 33.75
N GLY F 118 30.05 -19.22 34.75
CA GLY F 118 28.63 -18.78 34.56
C GLY F 118 28.51 -17.43 33.86
N PHE F 119 29.42 -16.49 34.17
CA PHE F 119 29.49 -15.12 33.61
C PHE F 119 29.84 -15.20 32.13
N LEU F 120 30.92 -15.93 31.81
CA LEU F 120 31.40 -16.09 30.42
C LEU F 120 30.39 -16.91 29.58
N LEU F 121 29.64 -17.80 30.23
CA LEU F 121 28.58 -18.60 29.55
C LEU F 121 27.47 -17.65 29.08
N ALA F 122 26.95 -16.84 30.02
CA ALA F 122 25.92 -15.80 29.76
C ALA F 122 26.41 -14.87 28.63
N GLN F 123 27.64 -14.39 28.72
CA GLN F 123 28.25 -13.53 27.66
C GLN F 123 28.26 -14.27 26.33
N ASP F 124 28.71 -15.54 26.31
CA ASP F 124 28.93 -16.35 25.08
C ASP F 124 27.59 -16.49 24.34
N ILE F 125 26.56 -17.01 25.02
CA ILE F 125 25.26 -17.32 24.38
C ILE F 125 24.50 -16.02 24.10
N SER F 126 24.48 -15.11 25.07
CA SER F 126 23.50 -13.98 25.14
C SER F 126 24.00 -12.75 24.37
N SER F 127 25.30 -12.64 24.09
CA SER F 127 25.93 -11.45 23.45
C SER F 127 26.82 -11.86 22.26
N TYR F 128 27.87 -12.66 22.46
CA TYR F 128 28.83 -13.02 21.38
C TYR F 128 28.07 -13.67 20.21
N SER F 129 27.06 -14.49 20.52
CA SER F 129 26.26 -15.19 19.48
C SER F 129 25.88 -14.18 18.40
N LEU F 130 25.42 -12.99 18.79
CA LEU F 130 24.96 -11.98 17.80
C LEU F 130 26.13 -11.59 16.88
N THR F 131 27.35 -11.45 17.41
CA THR F 131 28.53 -11.00 16.62
C THR F 131 28.84 -12.02 15.51
N ILE F 132 28.84 -13.32 15.82
CA ILE F 132 29.20 -14.37 14.82
C ILE F 132 28.01 -14.59 13.89
N VAL F 133 26.78 -14.66 14.43
CA VAL F 133 25.55 -14.71 13.58
C VAL F 133 25.62 -13.59 12.54
N ALA F 134 26.00 -12.37 12.96
CA ALA F 134 26.05 -11.18 12.09
C ALA F 134 27.09 -11.42 10.98
N HIS F 135 28.28 -11.90 11.35
CA HIS F 135 29.41 -12.14 10.40
C HIS F 135 29.01 -13.12 9.30
N GLU F 136 28.33 -14.20 9.67
CA GLU F 136 27.94 -15.28 8.72
C GLU F 136 26.74 -14.81 7.90
N ALA F 137 25.72 -14.22 8.54
CA ALA F 137 24.49 -13.75 7.87
C ALA F 137 24.83 -12.65 6.86
N LYS F 138 25.89 -11.87 7.11
CA LYS F 138 26.37 -10.80 6.20
C LYS F 138 26.68 -11.41 4.83
N LYS F 139 27.18 -12.65 4.80
CA LYS F 139 27.49 -13.41 3.57
C LYS F 139 26.23 -13.54 2.71
N LEU F 140 25.05 -13.69 3.34
CA LEU F 140 23.75 -13.87 2.62
C LEU F 140 23.01 -12.55 2.41
N MET F 141 23.64 -11.39 2.67
CA MET F 141 22.94 -10.07 2.62
C MET F 141 23.83 -9.08 1.89
N PRO F 142 24.23 -9.36 0.64
CA PRO F 142 25.22 -8.53 -0.06
C PRO F 142 24.61 -7.20 -0.51
N GLU F 143 23.28 -7.12 -0.58
CA GLU F 143 22.50 -5.92 -0.97
C GLU F 143 22.25 -5.08 0.28
N GLY F 144 22.37 -5.69 1.46
CA GLY F 144 21.98 -5.09 2.75
C GLY F 144 20.86 -5.87 3.42
N GLY F 145 20.47 -5.45 4.62
CA GLY F 145 19.45 -6.15 5.44
C GLY F 145 19.39 -5.57 6.86
N SER F 146 18.66 -6.25 7.76
CA SER F 146 18.35 -5.78 9.12
C SER F 146 18.55 -6.94 10.10
N ILE F 147 19.33 -6.71 11.17
CA ILE F 147 19.49 -7.70 12.28
C ILE F 147 18.90 -7.06 13.54
N VAL F 148 18.03 -7.82 14.22
CA VAL F 148 17.39 -7.40 15.49
C VAL F 148 17.68 -8.45 16.57
N ALA F 149 18.06 -7.99 17.75
CA ALA F 149 18.29 -8.81 18.96
C ALA F 149 17.31 -8.34 20.04
N THR F 150 17.04 -9.22 21.00
CA THR F 150 16.04 -9.00 22.07
C THR F 150 16.82 -8.73 23.36
N THR F 151 16.50 -7.63 24.03
CA THR F 151 17.17 -7.26 25.30
C THR F 151 16.10 -6.92 26.35
N TYR F 152 16.55 -6.56 27.53
CA TYR F 152 15.69 -6.23 28.69
C TYR F 152 16.34 -5.07 29.42
N LEU F 153 15.50 -4.23 30.01
CA LEU F 153 15.87 -3.00 30.75
C LEU F 153 17.05 -3.28 31.69
N GLY F 154 17.16 -4.52 32.15
CA GLY F 154 18.23 -4.94 33.10
C GLY F 154 19.61 -4.74 32.52
N GLY F 155 19.74 -4.53 31.20
CA GLY F 155 21.02 -4.18 30.56
C GLY F 155 21.37 -2.71 30.75
N GLU F 156 20.39 -1.86 31.08
CA GLU F 156 20.55 -0.39 31.26
C GLU F 156 20.55 -0.02 32.76
N PHE F 157 19.88 -0.79 33.61
CA PHE F 157 19.73 -0.51 35.07
C PHE F 157 19.88 -1.83 35.85
N ALA F 158 20.45 -1.72 37.05
CA ALA F 158 20.52 -2.83 38.01
C ALA F 158 19.10 -3.20 38.43
N VAL F 159 18.60 -4.35 38.00
CA VAL F 159 17.26 -4.87 38.44
C VAL F 159 17.50 -6.06 39.39
N GLN F 160 16.74 -6.15 40.47
CA GLN F 160 16.80 -7.29 41.42
C GLN F 160 16.55 -8.59 40.61
N ASN F 161 17.46 -9.55 40.77
CA ASN F 161 17.36 -10.97 40.38
C ASN F 161 17.87 -11.23 38.97
N TYR F 162 18.08 -10.20 38.14
CA TYR F 162 18.54 -10.38 36.74
C TYR F 162 20.04 -10.68 36.77
N ASN F 163 20.73 -10.13 37.76
CA ASN F 163 22.15 -10.42 38.07
C ASN F 163 22.95 -10.58 36.77
N VAL F 164 23.63 -11.71 36.56
CA VAL F 164 24.63 -11.89 35.48
C VAL F 164 24.01 -11.59 34.10
N MET F 165 22.71 -11.81 33.94
CA MET F 165 22.04 -11.62 32.64
C MET F 165 21.96 -10.12 32.33
N GLY F 166 21.90 -9.25 33.34
CA GLY F 166 21.97 -7.79 33.16
C GLY F 166 23.28 -7.36 32.51
N VAL F 167 24.39 -7.94 32.94
CA VAL F 167 25.72 -7.62 32.40
C VAL F 167 25.82 -8.20 30.98
N ALA F 168 25.23 -9.37 30.76
CA ALA F 168 25.13 -9.97 29.41
C ALA F 168 24.30 -9.06 28.47
N LYS F 169 23.17 -8.54 28.93
CA LYS F 169 22.30 -7.67 28.09
C LYS F 169 23.01 -6.33 27.80
N ALA F 170 23.76 -5.78 28.76
CA ALA F 170 24.50 -4.53 28.53
C ALA F 170 25.56 -4.80 27.45
N SER F 171 26.19 -5.97 27.50
CA SER F 171 27.16 -6.46 26.49
C SER F 171 26.46 -6.55 25.13
N LEU F 172 25.29 -7.19 25.08
CA LEU F 172 24.49 -7.33 23.84
C LEU F 172 24.18 -5.95 23.27
N GLU F 173 23.71 -5.03 24.11
CA GLU F 173 23.25 -3.68 23.68
C GLU F 173 24.43 -2.91 23.08
N ALA F 174 25.63 -3.03 23.68
CA ALA F 174 26.85 -2.40 23.13
C ALA F 174 27.26 -3.15 21.85
N ASN F 175 27.13 -4.47 21.84
CA ASN F 175 27.36 -5.34 20.66
C ASN F 175 26.56 -4.78 19.47
N VAL F 176 25.27 -4.55 19.67
CA VAL F 176 24.36 -3.96 18.66
C VAL F 176 24.99 -2.66 18.13
N LYS F 177 25.50 -1.79 19.00
CA LYS F 177 26.01 -0.47 18.55
C LYS F 177 27.25 -0.68 17.70
N TYR F 178 28.21 -1.46 18.18
CA TYR F 178 29.48 -1.74 17.44
C TYR F 178 29.18 -2.43 16.12
N LEU F 179 28.23 -3.37 16.07
CA LEU F 179 27.81 -4.04 14.82
C LEU F 179 27.20 -2.99 13.88
N ALA F 180 26.35 -2.11 14.40
CA ALA F 180 25.67 -1.05 13.61
C ALA F 180 26.73 -0.20 12.91
N LEU F 181 27.80 0.17 13.62
CA LEU F 181 28.88 1.06 13.08
C LEU F 181 29.70 0.30 12.05
N ASP F 182 30.01 -0.97 12.32
CA ASP F 182 30.84 -1.85 11.45
C ASP F 182 30.08 -2.16 10.15
N LEU F 183 28.85 -2.70 10.24
CA LEU F 183 28.09 -3.22 9.06
C LEU F 183 27.22 -2.12 8.42
N GLY F 184 27.18 -0.91 8.96
CA GLY F 184 26.40 0.21 8.36
C GLY F 184 26.83 0.48 6.93
N PRO F 185 28.13 0.69 6.66
CA PRO F 185 28.61 0.91 5.29
C PRO F 185 28.23 -0.20 4.30
N ASP F 186 27.93 -1.41 4.78
CA ASP F 186 27.43 -2.55 3.96
C ASP F 186 25.90 -2.54 3.92
N ASN F 187 25.29 -1.44 4.33
CA ASN F 187 23.82 -1.25 4.35
C ASN F 187 23.15 -2.37 5.17
N ILE F 188 23.79 -2.77 6.28
CA ILE F 188 23.18 -3.69 7.29
C ILE F 188 22.91 -2.88 8.56
N ARG F 189 21.64 -2.86 8.96
CA ARG F 189 21.16 -2.17 10.16
C ARG F 189 21.12 -3.21 11.29
N VAL F 190 21.52 -2.79 12.48
CA VAL F 190 21.57 -3.64 13.69
C VAL F 190 20.90 -2.86 14.81
N ASN F 191 19.84 -3.43 15.40
CA ASN F 191 18.98 -2.76 16.40
C ASN F 191 18.57 -3.79 17.43
N ALA F 192 18.01 -3.31 18.56
CA ALA F 192 17.53 -4.15 19.66
C ALA F 192 16.11 -3.77 20.00
N ILE F 193 15.31 -4.73 20.46
CA ILE F 193 13.99 -4.49 21.11
C ILE F 193 14.16 -4.83 22.59
N SER F 194 13.88 -3.88 23.47
CA SER F 194 13.90 -4.06 24.94
C SER F 194 12.46 -4.43 25.32
N ALA F 195 12.17 -5.72 25.43
CA ALA F 195 10.81 -6.21 25.72
C ALA F 195 10.56 -6.08 27.22
N GLY F 196 9.33 -5.72 27.59
CA GLY F 196 8.85 -5.90 28.97
C GLY F 196 8.71 -7.39 29.30
N PRO F 197 8.37 -7.74 30.55
CA PRO F 197 8.29 -9.14 30.98
C PRO F 197 7.18 -9.90 30.24
N ILE F 198 7.51 -11.08 29.73
CA ILE F 198 6.55 -12.00 29.02
C ILE F 198 6.72 -13.42 29.57
N ARG F 199 5.61 -14.10 29.87
CA ARG F 199 5.60 -15.53 30.34
C ARG F 199 6.03 -16.42 29.18
N THR F 200 7.23 -17.00 29.26
CA THR F 200 7.82 -17.92 28.25
C THR F 200 8.41 -19.13 28.96
N LEU F 201 8.85 -20.13 28.20
CA LEU F 201 9.57 -21.32 28.74
C LEU F 201 10.78 -20.87 29.58
N SER F 202 11.60 -19.97 29.04
CA SER F 202 12.84 -19.45 29.69
C SER F 202 12.50 -18.73 31.00
N ALA F 203 11.41 -17.96 31.01
CA ALA F 203 11.03 -17.05 32.12
C ALA F 203 10.23 -17.78 33.20
N LYS F 204 9.43 -18.79 32.82
CA LYS F 204 8.57 -19.59 33.75
C LYS F 204 9.48 -20.25 34.79
N GLY F 205 9.16 -20.07 36.09
CA GLY F 205 9.92 -20.67 37.20
C GLY F 205 11.30 -20.06 37.37
N VAL F 206 11.40 -18.73 37.30
CA VAL F 206 12.59 -17.96 37.75
C VAL F 206 12.10 -16.94 38.79
N GLY F 207 12.70 -16.95 39.98
CA GLY F 207 12.23 -16.17 41.14
C GLY F 207 11.95 -14.71 40.81
N GLY F 208 10.83 -14.17 41.34
CA GLY F 208 10.50 -12.73 41.32
C GLY F 208 10.04 -12.21 39.96
N PHE F 209 9.77 -13.07 38.99
CA PHE F 209 9.22 -12.70 37.67
C PHE F 209 7.76 -12.25 37.82
N ASN F 210 6.99 -12.86 38.75
CA ASN F 210 5.58 -12.48 38.97
C ASN F 210 5.53 -11.09 39.62
N THR F 211 6.57 -10.76 40.42
CA THR F 211 6.70 -9.44 41.10
C THR F 211 6.79 -8.33 40.04
N ILE F 212 7.64 -8.52 39.02
CA ILE F 212 7.90 -7.52 37.96
C ILE F 212 6.62 -7.37 37.12
N LEU F 213 5.99 -8.47 36.71
CA LEU F 213 4.71 -8.44 35.93
C LEU F 213 3.70 -7.52 36.62
N LYS F 214 3.61 -7.61 37.95
CA LYS F 214 2.55 -6.90 38.72
C LYS F 214 2.94 -5.41 38.82
N GLU F 215 4.24 -5.14 39.03
CA GLU F 215 4.80 -3.76 39.08
C GLU F 215 4.54 -3.05 37.74
N ILE F 216 4.76 -3.72 36.61
CA ILE F 216 4.46 -3.15 35.27
C ILE F 216 2.98 -2.73 35.23
N GLU F 217 2.04 -3.64 35.54
CA GLU F 217 0.58 -3.32 35.50
C GLU F 217 0.28 -2.10 36.38
N GLU F 218 0.94 -1.97 37.53
CA GLU F 218 0.61 -0.93 38.54
C GLU F 218 1.26 0.41 38.17
N ARG F 219 2.53 0.43 37.71
CA ARG F 219 3.40 1.65 37.66
C ARG F 219 3.66 2.12 36.22
N ALA F 220 3.66 1.23 35.23
CA ALA F 220 4.01 1.59 33.84
C ALA F 220 2.93 2.48 33.25
N PRO F 221 3.31 3.48 32.42
CA PRO F 221 2.34 4.38 31.81
C PRO F 221 1.05 3.73 31.28
N LEU F 222 1.15 2.65 30.52
CA LEU F 222 -0.03 2.00 29.88
C LEU F 222 -0.75 1.07 30.88
N LYS F 223 -0.21 0.90 32.10
CA LYS F 223 -0.81 0.10 33.20
C LYS F 223 -1.20 -1.30 32.68
N ARG F 224 -0.33 -1.94 31.90
CA ARG F 224 -0.58 -3.30 31.35
C ARG F 224 0.75 -3.93 30.90
N ASN F 225 0.79 -5.24 30.77
CA ASN F 225 1.98 -5.99 30.27
C ASN F 225 1.88 -6.08 28.76
N VAL F 226 2.96 -6.50 28.10
CA VAL F 226 3.02 -6.65 26.62
C VAL F 226 3.01 -8.15 26.30
N ASP F 227 2.89 -8.52 25.03
CA ASP F 227 2.91 -9.93 24.59
C ASP F 227 3.89 -10.10 23.42
N GLN F 228 4.12 -11.34 23.01
CA GLN F 228 5.06 -11.76 21.95
C GLN F 228 4.70 -11.04 20.63
N VAL F 229 3.41 -10.84 20.37
CA VAL F 229 2.94 -10.26 19.07
C VAL F 229 3.34 -8.79 19.01
N GLU F 230 3.21 -8.04 20.11
CA GLU F 230 3.62 -6.62 20.19
C GLU F 230 5.12 -6.52 19.89
N VAL F 231 5.93 -7.42 20.43
CA VAL F 231 7.38 -7.49 20.07
C VAL F 231 7.47 -7.78 18.57
N GLY F 232 6.67 -8.71 18.07
CA GLY F 232 6.66 -9.10 16.63
C GLY F 232 6.36 -7.89 15.75
N LYS F 233 5.36 -7.08 16.13
CA LYS F 233 4.98 -5.86 15.37
C LYS F 233 6.21 -4.93 15.28
N THR F 234 6.87 -4.64 16.40
CA THR F 234 8.06 -3.77 16.40
C THR F 234 9.19 -4.47 15.61
N ALA F 235 9.26 -5.79 15.65
CA ALA F 235 10.25 -6.57 14.86
C ALA F 235 9.99 -6.36 13.38
N ALA F 236 8.72 -6.41 12.96
CA ALA F 236 8.33 -6.15 11.55
C ALA F 236 8.88 -4.79 11.11
N TYR F 237 8.66 -3.75 11.92
CA TYR F 237 9.14 -2.36 11.68
C TYR F 237 10.67 -2.38 11.49
N LEU F 238 11.41 -3.00 12.42
CA LEU F 238 12.90 -2.96 12.41
C LEU F 238 13.46 -3.83 11.28
N LEU F 239 12.82 -4.97 11.00
CA LEU F 239 13.31 -5.93 9.96
C LEU F 239 12.98 -5.41 8.56
N SER F 240 11.85 -4.71 8.39
CA SER F 240 11.38 -4.20 7.07
C SER F 240 12.13 -2.90 6.74
N ASP F 241 11.86 -2.32 5.57
CA ASP F 241 12.49 -1.04 5.15
C ASP F 241 11.75 0.14 5.77
N LEU F 242 10.70 -0.11 6.56
CA LEU F 242 9.91 0.93 7.25
C LEU F 242 10.82 1.70 8.23
N SER F 243 11.82 1.03 8.77
CA SER F 243 12.80 1.56 9.75
C SER F 243 14.10 1.93 9.03
N SER F 244 14.06 2.26 7.74
CA SER F 244 15.28 2.70 7.00
C SER F 244 15.83 3.92 7.75
N GLY F 245 17.13 4.04 7.85
CA GLY F 245 17.75 5.17 8.59
C GLY F 245 17.80 4.99 10.11
N VAL F 246 17.23 3.91 10.65
CA VAL F 246 17.33 3.53 12.07
C VAL F 246 18.34 2.36 12.25
N THR F 247 19.41 2.59 13.01
CA THR F 247 20.42 1.56 13.33
C THR F 247 21.09 1.95 14.64
N GLY F 248 21.60 0.97 15.40
CA GLY F 248 22.19 1.22 16.72
C GLY F 248 21.14 1.68 17.70
N GLU F 249 19.87 1.37 17.42
CA GLU F 249 18.74 1.86 18.25
C GLU F 249 18.27 0.72 19.16
N ASN F 250 17.68 1.08 20.30
CA ASN F 250 17.08 0.17 21.30
C ASN F 250 15.65 0.66 21.52
N ILE F 251 14.66 -0.04 20.95
CA ILE F 251 13.23 0.35 21.05
C ILE F 251 12.61 -0.44 22.21
N HIS F 252 12.11 0.26 23.21
CA HIS F 252 11.46 -0.34 24.40
C HIS F 252 9.99 -0.64 24.05
N VAL F 253 9.66 -1.92 24.01
CA VAL F 253 8.26 -2.43 23.87
C VAL F 253 7.87 -2.96 25.25
N ASP F 254 7.52 -2.04 26.15
CA ASP F 254 7.46 -2.29 27.61
C ASP F 254 6.44 -1.38 28.30
N SER F 255 5.44 -0.91 27.58
CA SER F 255 4.32 -0.08 28.14
C SER F 255 4.86 1.21 28.76
N GLY F 256 6.08 1.61 28.41
CA GLY F 256 6.67 2.90 28.83
C GLY F 256 7.45 2.80 30.12
N PHE F 257 7.65 1.60 30.66
CA PHE F 257 8.30 1.40 31.99
C PHE F 257 9.69 2.06 32.01
N HIS F 258 10.45 1.97 30.91
CA HIS F 258 11.82 2.55 30.75
C HIS F 258 11.86 4.06 30.98
N ALA F 259 10.77 4.77 30.72
CA ALA F 259 10.66 6.24 30.74
C ALA F 259 10.41 6.75 32.17
N ILE F 260 10.03 5.87 33.10
CA ILE F 260 9.57 6.32 34.44
C ILE F 260 10.54 5.87 35.53
N LYS F 261 10.40 6.46 36.73
CA LYS F 261 11.25 6.19 37.92
C LYS F 261 10.47 6.48 39.20
N SER G 2 -8.60 -9.02 10.49
CA SER G 2 -7.94 -10.22 11.11
C SER G 2 -6.46 -9.94 11.44
N HIS G 3 -5.66 -9.47 10.46
CA HIS G 3 -4.18 -9.27 10.57
C HIS G 3 -3.81 -8.64 11.92
N MET G 4 -2.74 -9.11 12.57
CA MET G 4 -2.24 -8.62 13.88
C MET G 4 -1.51 -7.30 13.62
N ALA G 5 -0.50 -7.37 12.75
CA ALA G 5 0.31 -6.25 12.23
C ALA G 5 -0.37 -5.61 11.03
N SER G 6 -0.62 -4.29 11.09
CA SER G 6 -1.31 -3.56 10.00
C SER G 6 -0.76 -2.16 9.85
N LEU G 7 -0.52 -1.77 8.60
CA LEU G 7 -0.16 -0.38 8.23
C LEU G 7 -1.26 0.20 7.34
N ASN G 8 -2.46 -0.38 7.38
CA ASN G 8 -3.66 0.11 6.66
C ASN G 8 -4.34 1.14 7.56
N LEU G 9 -4.29 2.42 7.19
CA LEU G 9 -4.79 3.53 8.05
C LEU G 9 -6.05 4.17 7.44
N GLU G 10 -6.77 3.47 6.56
CA GLU G 10 -8.17 3.89 6.21
C GLU G 10 -8.92 3.88 7.54
N ASN G 11 -9.82 4.85 7.76
CA ASN G 11 -10.64 4.95 9.00
C ASN G 11 -9.83 5.55 10.15
N LYS G 12 -8.56 5.89 9.93
CA LYS G 12 -7.71 6.62 10.92
C LYS G 12 -7.63 8.08 10.47
N THR G 13 -7.68 9.01 11.43
CA THR G 13 -7.57 10.47 11.19
C THR G 13 -6.44 11.04 12.06
N TYR G 14 -5.50 11.75 11.43
CA TYR G 14 -4.31 12.34 12.08
C TYR G 14 -4.23 13.84 11.79
N VAL G 15 -4.05 14.64 12.84
CA VAL G 15 -3.71 16.09 12.73
C VAL G 15 -2.19 16.23 12.55
N ILE G 16 -1.75 16.94 11.51
CA ILE G 16 -0.31 17.20 11.22
C ILE G 16 -0.03 18.70 11.36
N MET G 17 0.68 19.07 12.43
CA MET G 17 1.03 20.47 12.76
C MET G 17 2.47 20.74 12.26
N GLY G 18 2.63 21.72 11.38
CA GLY G 18 3.94 22.31 11.03
C GLY G 18 4.40 22.04 9.61
N ILE G 19 3.50 21.87 8.65
CA ILE G 19 3.91 22.00 7.22
C ILE G 19 4.04 23.49 6.89
N ALA G 20 5.11 23.84 6.18
CA ALA G 20 5.44 25.20 5.69
C ALA G 20 5.65 25.16 4.18
N ASN G 21 6.38 24.15 3.68
CA ASN G 21 6.64 23.98 2.23
C ASN G 21 6.89 22.49 1.94
N LYS G 22 7.30 22.18 0.70
CA LYS G 22 7.44 20.78 0.20
C LYS G 22 8.60 20.09 0.94
N ARG G 23 9.51 20.85 1.53
CA ARG G 23 10.75 20.33 2.18
C ARG G 23 10.48 20.04 3.66
N SER G 24 9.39 20.55 4.23
CA SER G 24 9.05 20.37 5.66
C SER G 24 9.01 18.86 6.00
N ILE G 25 9.63 18.50 7.11
CA ILE G 25 9.58 17.12 7.68
C ILE G 25 8.11 16.69 7.75
N ALA G 26 7.23 17.58 8.22
CA ALA G 26 5.80 17.26 8.43
C ALA G 26 5.18 16.82 7.09
N PHE G 27 5.68 17.30 5.95
CA PHE G 27 5.13 16.93 4.63
C PHE G 27 5.53 15.48 4.30
N GLY G 28 6.78 15.11 4.63
CA GLY G 28 7.24 13.71 4.55
C GLY G 28 6.29 12.79 5.30
N VAL G 29 5.87 13.22 6.49
CA VAL G 29 4.92 12.47 7.36
C VAL G 29 3.58 12.37 6.61
N ALA G 30 3.11 13.49 6.05
CA ALA G 30 1.84 13.59 5.28
C ALA G 30 1.86 12.63 4.10
N LYS G 31 2.85 12.75 3.21
CA LYS G 31 2.96 11.89 2.00
C LYS G 31 2.77 10.42 2.43
N VAL G 32 3.50 9.99 3.45
CA VAL G 32 3.53 8.56 3.91
C VAL G 32 2.15 8.18 4.46
N LEU G 33 1.60 8.95 5.39
CA LEU G 33 0.29 8.63 6.03
C LEU G 33 -0.82 8.62 4.97
N ASP G 34 -0.73 9.52 3.99
CA ASP G 34 -1.65 9.63 2.84
C ASP G 34 -1.63 8.32 2.04
N GLN G 35 -0.46 7.90 1.55
CA GLN G 35 -0.26 6.63 0.80
C GLN G 35 -0.88 5.44 1.54
N LEU G 36 -0.94 5.47 2.87
CA LEU G 36 -1.45 4.35 3.69
C LEU G 36 -2.96 4.53 3.94
N GLY G 37 -3.53 5.63 3.42
CA GLY G 37 -4.98 5.83 3.28
C GLY G 37 -5.61 6.54 4.46
N ALA G 38 -4.83 7.29 5.25
CA ALA G 38 -5.33 8.04 6.41
C ALA G 38 -6.04 9.32 5.94
N LYS G 39 -7.04 9.77 6.69
CA LYS G 39 -7.62 11.13 6.56
C LYS G 39 -6.69 12.07 7.33
N LEU G 40 -6.24 13.16 6.68
CA LEU G 40 -5.26 14.11 7.26
C LEU G 40 -5.87 15.49 7.44
N VAL G 41 -5.84 16.00 8.67
CA VAL G 41 -6.06 17.43 9.05
C VAL G 41 -4.69 18.10 9.16
N PHE G 42 -4.55 19.34 8.67
CA PHE G 42 -3.27 20.11 8.67
C PHE G 42 -3.47 21.39 9.49
N THR G 43 -2.40 21.87 10.15
CA THR G 43 -2.36 23.17 10.86
C THR G 43 -1.09 23.93 10.45
N TYR G 44 -1.19 25.27 10.38
CA TYR G 44 -0.16 26.23 9.93
C TYR G 44 -0.24 27.49 10.80
N ARG G 45 0.78 28.35 10.77
CA ARG G 45 0.77 29.69 11.43
C ARG G 45 0.56 30.77 10.36
N LYS G 46 1.58 31.02 9.52
CA LYS G 46 1.61 32.13 8.52
C LYS G 46 0.67 31.79 7.35
N GLU G 47 0.19 32.82 6.63
CA GLU G 47 -0.68 32.69 5.43
C GLU G 47 0.14 32.05 4.30
N ARG G 48 1.43 32.37 4.21
CA ARG G 48 2.39 31.81 3.22
C ARG G 48 2.32 30.27 3.23
N SER G 49 2.18 29.68 4.44
CA SER G 49 2.09 28.21 4.64
C SER G 49 0.77 27.68 4.10
N ARG G 50 -0.32 28.46 4.20
CA ARG G 50 -1.68 28.07 3.72
C ARG G 50 -1.68 27.95 2.19
N LYS G 51 -1.21 28.99 1.51
CA LYS G 51 -1.11 29.01 0.02
C LYS G 51 -0.34 27.75 -0.43
N GLU G 52 0.81 27.48 0.19
CA GLU G 52 1.68 26.30 -0.10
C GLU G 52 0.92 25.01 0.17
N LEU G 53 0.18 24.93 1.28
CA LEU G 53 -0.54 23.70 1.68
C LEU G 53 -1.53 23.33 0.56
N GLU G 54 -2.37 24.28 0.15
CA GLU G 54 -3.40 24.10 -0.91
C GLU G 54 -2.75 23.60 -2.20
N LYS G 55 -1.63 24.22 -2.60
CA LYS G 55 -0.79 23.81 -3.77
C LYS G 55 -0.30 22.37 -3.56
N LEU G 56 0.07 21.99 -2.33
CA LEU G 56 0.67 20.67 -2.01
C LEU G 56 -0.41 19.59 -1.96
N LEU G 57 -1.59 19.87 -1.40
CA LEU G 57 -2.71 18.90 -1.26
C LEU G 57 -3.05 18.21 -2.59
N GLU G 58 -2.72 18.83 -3.74
CA GLU G 58 -2.97 18.25 -5.08
C GLU G 58 -2.06 17.03 -5.28
N GLN G 59 -0.86 17.04 -4.70
CA GLN G 59 0.12 15.91 -4.70
C GLN G 59 -0.43 14.74 -3.88
N LEU G 60 -1.37 14.99 -2.96
CA LEU G 60 -1.95 13.96 -2.06
C LEU G 60 -3.29 13.48 -2.64
N ASN G 61 -3.92 12.54 -1.93
CA ASN G 61 -5.20 11.89 -2.28
C ASN G 61 -6.18 12.17 -1.14
N GLN G 62 -6.16 13.38 -0.60
CA GLN G 62 -7.13 13.81 0.46
C GLN G 62 -8.33 14.41 -0.26
N PRO G 63 -9.53 13.81 -0.11
CA PRO G 63 -10.71 14.29 -0.83
C PRO G 63 -10.95 15.74 -0.41
N GLU G 64 -11.16 15.95 0.90
CA GLU G 64 -11.49 17.24 1.52
C GLU G 64 -10.25 17.80 2.23
N ALA G 65 -9.76 18.94 1.75
CA ALA G 65 -8.78 19.83 2.41
C ALA G 65 -9.38 20.33 3.74
N HIS G 66 -8.91 19.84 4.89
CA HIS G 66 -9.22 20.44 6.21
C HIS G 66 -7.96 21.14 6.76
N LEU G 67 -7.89 22.46 6.61
CA LEU G 67 -6.76 23.34 7.01
C LEU G 67 -7.24 24.25 8.14
N TYR G 68 -6.40 24.46 9.16
CA TYR G 68 -6.70 25.29 10.36
C TYR G 68 -5.48 26.14 10.71
N GLN G 69 -5.71 27.43 10.96
CA GLN G 69 -4.69 28.39 11.42
C GLN G 69 -4.53 28.21 12.94
N ILE G 70 -3.40 27.67 13.39
CA ILE G 70 -3.05 27.57 14.84
C ILE G 70 -1.62 28.04 15.03
N ASP G 71 -1.47 29.21 15.65
CA ASP G 71 -0.21 29.70 16.27
C ASP G 71 -0.21 29.14 17.69
N VAL G 72 0.75 28.25 17.99
CA VAL G 72 0.77 27.47 19.26
C VAL G 72 1.15 28.40 20.42
N GLN G 73 1.46 29.68 20.15
CA GLN G 73 1.72 30.68 21.23
C GLN G 73 0.43 31.14 21.88
N SER G 74 -0.72 30.94 21.23
CA SER G 74 -2.06 31.38 21.68
C SER G 74 -2.86 30.19 22.21
N ASP G 75 -3.15 30.19 23.52
CA ASP G 75 -4.05 29.18 24.14
C ASP G 75 -5.34 29.10 23.29
N GLU G 76 -5.90 30.25 22.90
CA GLU G 76 -7.21 30.33 22.22
C GLU G 76 -7.13 29.65 20.85
N GLU G 77 -6.15 30.02 20.01
CA GLU G 77 -6.02 29.47 18.63
C GLU G 77 -5.87 27.94 18.68
N VAL G 78 -5.23 27.41 19.72
CA VAL G 78 -5.00 25.95 19.92
C VAL G 78 -6.31 25.32 20.40
N ILE G 79 -6.92 25.86 21.47
CA ILE G 79 -8.19 25.32 22.04
C ILE G 79 -9.28 25.35 20.95
N ASN G 80 -9.45 26.48 20.26
CA ASN G 80 -10.54 26.68 19.25
C ASN G 80 -10.22 25.79 18.04
N GLY G 81 -9.00 25.86 17.52
CA GLY G 81 -8.52 25.00 16.43
C GLY G 81 -8.92 23.54 16.62
N PHE G 82 -8.76 22.97 17.82
CA PHE G 82 -8.99 21.53 18.10
C PHE G 82 -10.50 21.29 18.30
N GLU G 83 -11.21 22.17 19.01
CA GLU G 83 -12.70 22.11 19.11
C GLU G 83 -13.28 22.07 17.68
N GLN G 84 -12.79 22.95 16.81
CA GLN G 84 -13.24 23.12 15.39
C GLN G 84 -12.94 21.86 14.59
N ILE G 85 -11.77 21.26 14.76
CA ILE G 85 -11.37 19.97 14.11
C ILE G 85 -12.35 18.87 14.55
N GLY G 86 -12.65 18.80 15.86
CA GLY G 86 -13.64 17.88 16.45
C GLY G 86 -15.01 18.00 15.81
N LYS G 87 -15.44 19.23 15.50
CA LYS G 87 -16.75 19.53 14.85
C LYS G 87 -16.69 19.06 13.39
N ASP G 88 -15.64 19.40 12.65
CA ASP G 88 -15.53 19.22 11.18
C ASP G 88 -15.23 17.76 10.79
N VAL G 89 -14.47 16.98 11.60
CA VAL G 89 -14.06 15.59 11.23
C VAL G 89 -14.33 14.60 12.37
N GLY G 90 -14.72 15.06 13.55
CA GLY G 90 -14.98 14.17 14.71
C GLY G 90 -13.70 13.77 15.42
N ASN G 91 -13.70 12.58 15.99
CA ASN G 91 -12.58 12.03 16.81
C ASN G 91 -11.38 11.71 15.90
N ILE G 92 -10.16 11.86 16.44
CA ILE G 92 -8.87 11.64 15.72
C ILE G 92 -8.13 10.47 16.37
N ASP G 93 -7.11 9.94 15.69
CA ASP G 93 -6.31 8.80 16.20
C ASP G 93 -4.91 9.27 16.65
N GLY G 94 -4.48 10.48 16.28
CA GLY G 94 -3.21 11.02 16.78
C GLY G 94 -2.85 12.38 16.22
N VAL G 95 -1.72 12.92 16.69
CA VAL G 95 -1.18 14.26 16.30
C VAL G 95 0.31 14.08 15.99
N TYR G 96 0.77 14.58 14.84
CA TYR G 96 2.21 14.74 14.55
C TYR G 96 2.60 16.20 14.75
N HIS G 97 3.52 16.44 15.69
CA HIS G 97 4.04 17.77 16.08
C HIS G 97 5.38 17.99 15.40
N SER G 98 5.49 19.00 14.54
CA SER G 98 6.69 19.31 13.73
C SER G 98 6.98 20.82 13.81
N ILE G 99 7.03 21.35 15.03
CA ILE G 99 7.07 22.81 15.30
C ILE G 99 8.22 23.10 16.28
N ALA G 100 9.09 24.02 15.89
CA ALA G 100 10.13 24.63 16.74
C ALA G 100 10.45 26.03 16.20
N PHE G 101 10.97 26.90 17.07
CA PHE G 101 11.49 28.24 16.69
C PHE G 101 12.36 28.80 17.81
N ALA G 102 13.46 29.44 17.43
CA ALA G 102 14.28 30.33 18.29
C ALA G 102 14.72 31.55 17.45
N ASN G 103 14.98 32.67 18.10
CA ASN G 103 15.47 33.90 17.40
C ASN G 103 16.88 33.60 16.89
N MET G 104 17.18 33.93 15.63
CA MET G 104 18.55 33.78 15.07
C MET G 104 19.57 34.47 15.97
N GLU G 105 19.24 35.61 16.60
CA GLU G 105 20.20 36.36 17.46
C GLU G 105 20.74 35.40 18.52
N ASP G 106 19.86 34.64 19.18
CA ASP G 106 20.18 33.66 20.25
C ASP G 106 21.00 32.49 19.67
N LEU G 107 20.63 31.95 18.50
CA LEU G 107 21.34 30.81 17.85
C LEU G 107 22.73 31.21 17.36
N ARG G 108 22.95 32.44 16.89
CA ARG G 108 24.24 32.92 16.35
C ARG G 108 25.21 33.11 17.53
N GLY G 109 24.68 33.57 18.67
CA GLY G 109 25.42 33.92 19.89
C GLY G 109 26.17 32.74 20.51
N ARG G 110 26.96 33.06 21.52
CA ARG G 110 27.44 32.14 22.58
C ARG G 110 26.21 31.79 23.43
N PHE G 111 26.05 30.54 23.86
CA PHE G 111 24.82 30.12 24.57
C PHE G 111 24.65 30.94 25.87
N SER G 112 25.74 31.30 26.53
CA SER G 112 25.69 32.11 27.81
C SER G 112 25.15 33.53 27.56
N GLU G 113 25.11 33.99 26.30
CA GLU G 113 24.60 35.35 25.94
C GLU G 113 23.09 35.32 25.69
N THR G 114 22.46 34.14 25.71
CA THR G 114 21.02 33.93 25.40
C THR G 114 20.17 34.88 26.26
N SER G 115 19.18 35.52 25.63
CA SER G 115 18.23 36.46 26.28
C SER G 115 17.13 35.69 26.98
N ARG G 116 16.69 36.17 28.14
CA ARG G 116 15.54 35.61 28.88
C ARG G 116 14.34 35.46 27.94
N GLU G 117 14.07 36.47 27.11
CA GLU G 117 12.88 36.48 26.22
C GLU G 117 13.06 35.41 25.14
N GLY G 118 14.27 35.30 24.58
CA GLY G 118 14.62 34.31 23.52
C GLY G 118 14.53 32.86 24.00
N PHE G 119 14.94 32.61 25.25
CA PHE G 119 14.94 31.29 25.94
C PHE G 119 13.50 30.84 26.15
N LEU G 120 12.68 31.70 26.75
CA LEU G 120 11.26 31.40 27.05
C LEU G 120 10.46 31.28 25.74
N LEU G 121 10.86 31.99 24.69
CA LEU G 121 10.21 31.90 23.36
C LEU G 121 10.44 30.49 22.80
N ALA G 122 11.70 30.04 22.74
CA ALA G 122 12.12 28.70 22.31
C ALA G 122 11.36 27.64 23.11
N GLN G 123 11.32 27.78 24.43
CA GLN G 123 10.58 26.86 25.32
C GLN G 123 9.09 26.85 24.95
N ASP G 124 8.48 28.04 24.76
CA ASP G 124 7.02 28.23 24.54
C ASP G 124 6.61 27.47 23.26
N ILE G 125 7.25 27.79 22.12
CA ILE G 125 6.86 27.24 20.80
C ILE G 125 7.29 25.77 20.71
N SER G 126 8.52 25.46 21.15
CA SER G 126 9.23 24.21 20.81
C SER G 126 8.90 23.07 21.79
N SER G 127 8.39 23.39 22.99
CA SER G 127 8.15 22.40 24.08
C SER G 127 6.73 22.54 24.67
N TYR G 128 6.38 23.69 25.26
CA TYR G 128 5.04 23.86 25.89
C TYR G 128 3.92 23.56 24.88
N SER G 129 4.11 23.94 23.62
CA SER G 129 3.11 23.73 22.54
C SER G 129 2.61 22.28 22.64
N LEU G 130 3.52 21.32 22.80
CA LEU G 130 3.14 19.89 22.83
C LEU G 130 2.21 19.63 24.02
N THR G 131 2.46 20.24 25.19
CA THR G 131 1.65 20.01 26.42
C THR G 131 0.19 20.45 26.19
N ILE G 132 -0.04 21.62 25.61
CA ILE G 132 -1.41 22.16 25.41
C ILE G 132 -2.06 21.43 24.22
N VAL G 133 -1.33 21.24 23.12
CA VAL G 133 -1.82 20.43 21.98
C VAL G 133 -2.32 19.08 22.51
N ALA G 134 -1.56 18.44 23.42
CA ALA G 134 -1.89 17.12 23.98
C ALA G 134 -3.20 17.24 24.76
N HIS G 135 -3.34 18.25 25.62
CA HIS G 135 -4.54 18.47 26.49
C HIS G 135 -5.81 18.58 25.65
N GLU G 136 -5.74 19.35 24.56
CA GLU G 136 -6.92 19.64 23.70
C GLU G 136 -7.20 18.41 22.81
N ALA G 137 -6.17 17.84 22.19
CA ALA G 137 -6.32 16.67 21.29
C ALA G 137 -6.86 15.46 22.08
N LYS G 138 -6.57 15.38 23.39
CA LYS G 138 -7.06 14.29 24.29
C LYS G 138 -8.60 14.28 24.26
N LYS G 139 -9.22 15.46 24.14
CA LYS G 139 -10.69 15.65 24.05
C LYS G 139 -11.22 14.87 22.84
N LEU G 140 -10.46 14.82 21.73
CA LEU G 140 -10.87 14.15 20.47
C LEU G 140 -10.37 12.69 20.40
N MET G 141 -9.85 12.11 21.48
CA MET G 141 -9.23 10.75 21.46
C MET G 141 -9.71 9.97 22.68
N PRO G 142 -11.03 9.80 22.85
CA PRO G 142 -11.56 9.17 24.07
C PRO G 142 -11.32 7.66 24.07
N GLU G 143 -11.05 7.09 22.89
CA GLU G 143 -10.75 5.64 22.67
C GLU G 143 -9.25 5.41 22.89
N GLY G 144 -8.46 6.48 22.81
CA GLY G 144 -6.98 6.43 22.81
C GLY G 144 -6.40 6.94 21.50
N GLY G 145 -5.07 6.97 21.39
CA GLY G 145 -4.35 7.51 20.23
C GLY G 145 -2.86 7.65 20.48
N SER G 146 -2.15 8.28 19.54
CA SER G 146 -0.67 8.40 19.52
C SER G 146 -0.28 9.84 19.19
N ILE G 147 0.55 10.46 20.03
CA ILE G 147 1.14 11.80 19.76
C ILE G 147 2.65 11.64 19.55
N VAL G 148 3.17 12.18 18.46
CA VAL G 148 4.62 12.15 18.12
C VAL G 148 5.11 13.59 17.93
N ALA G 149 6.26 13.91 18.51
CA ALA G 149 6.97 15.19 18.36
C ALA G 149 8.34 14.93 17.73
N THR G 150 8.90 15.95 17.09
CA THR G 150 10.18 15.86 16.34
C THR G 150 11.25 16.55 17.17
N THR G 151 12.35 15.85 17.42
CA THR G 151 13.47 16.39 18.23
C THR G 151 14.77 16.20 17.46
N TYR G 152 15.88 16.63 18.07
CA TYR G 152 17.23 16.52 17.49
C TYR G 152 18.18 16.18 18.63
N LEU G 153 19.24 15.44 18.29
CA LEU G 153 20.29 14.94 19.20
C LEU G 153 20.75 16.05 20.15
N GLY G 154 20.64 17.30 19.71
CA GLY G 154 21.09 18.47 20.50
C GLY G 154 20.31 18.60 21.80
N GLY G 155 19.20 17.90 21.96
CA GLY G 155 18.47 17.83 23.24
C GLY G 155 19.11 16.87 24.24
N GLU G 156 19.96 15.96 23.76
CA GLU G 156 20.65 14.91 24.58
C GLU G 156 22.12 15.27 24.81
N PHE G 157 22.72 16.04 23.91
CA PHE G 157 24.15 16.45 23.97
C PHE G 157 24.27 17.91 23.56
N ALA G 158 25.19 18.63 24.18
CA ALA G 158 25.61 19.98 23.78
C ALA G 158 26.25 19.89 22.40
N VAL G 159 25.57 20.39 21.37
CA VAL G 159 26.10 20.43 19.97
C VAL G 159 26.46 21.89 19.64
N GLN G 160 27.54 22.09 18.89
CA GLN G 160 27.95 23.43 18.37
C GLN G 160 26.76 24.04 17.62
N ASN G 161 26.38 25.26 18.01
CA ASN G 161 25.50 26.23 17.30
C ASN G 161 24.01 26.01 17.59
N TYR G 162 23.61 24.89 18.22
CA TYR G 162 22.19 24.58 18.48
C TYR G 162 21.73 25.44 19.67
N ASN G 163 22.66 25.73 20.57
CA ASN G 163 22.49 26.67 21.72
C ASN G 163 21.07 26.51 22.31
N VAL G 164 20.29 27.58 22.38
CA VAL G 164 19.01 27.64 23.15
C VAL G 164 18.04 26.54 22.66
N MET G 165 18.13 26.13 21.39
CA MET G 165 17.20 25.13 20.84
C MET G 165 17.51 23.75 21.45
N GLY G 166 18.76 23.49 21.82
CA GLY G 166 19.16 22.26 22.55
C GLY G 166 18.44 22.15 23.88
N VAL G 167 18.35 23.25 24.62
CA VAL G 167 17.68 23.25 25.95
C VAL G 167 16.17 23.12 25.72
N ALA G 168 15.64 23.70 24.66
CA ALA G 168 14.23 23.55 24.25
C ALA G 168 13.95 22.07 23.90
N LYS G 169 14.82 21.41 23.14
CA LYS G 169 14.61 20.00 22.74
C LYS G 169 14.72 19.09 23.97
N ALA G 170 15.61 19.38 24.91
CA ALA G 170 15.73 18.59 26.16
C ALA G 170 14.43 18.72 26.94
N SER G 171 13.86 19.93 26.96
CA SER G 171 12.53 20.25 27.56
C SER G 171 11.46 19.42 26.86
N LEU G 172 11.45 19.44 25.52
CA LEU G 172 10.47 18.68 24.70
C LEU G 172 10.57 17.19 25.05
N GLU G 173 11.79 16.66 25.09
CA GLU G 173 12.04 15.22 25.30
C GLU G 173 11.52 14.80 26.68
N ALA G 174 11.71 15.63 27.70
CA ALA G 174 11.17 15.38 29.06
C ALA G 174 9.64 15.54 29.03
N ASN G 175 9.16 16.54 28.29
CA ASN G 175 7.71 16.79 28.05
C ASN G 175 7.06 15.49 27.56
N VAL G 176 7.64 14.89 26.52
CA VAL G 176 7.17 13.59 25.95
C VAL G 176 7.05 12.55 27.09
N LYS G 177 8.05 12.47 27.98
CA LYS G 177 8.04 11.38 28.99
C LYS G 177 6.91 11.65 29.98
N TYR G 178 6.81 12.87 30.49
CA TYR G 178 5.77 13.23 31.48
C TYR G 178 4.38 13.09 30.84
N LEU G 179 4.20 13.47 29.57
CA LEU G 179 2.91 13.26 28.86
C LEU G 179 2.62 11.76 28.76
N ALA G 180 3.63 10.95 28.41
CA ALA G 180 3.46 9.48 28.28
C ALA G 180 2.92 8.90 29.58
N LEU G 181 3.45 9.32 30.72
CA LEU G 181 3.07 8.79 32.06
C LEU G 181 1.66 9.28 32.43
N ASP G 182 1.36 10.54 32.13
CA ASP G 182 0.05 11.19 32.44
C ASP G 182 -1.07 10.58 31.59
N LEU G 183 -0.91 10.55 30.25
CA LEU G 183 -2.00 10.14 29.31
C LEU G 183 -1.95 8.63 29.02
N GLY G 184 -0.98 7.89 29.55
CA GLY G 184 -0.91 6.43 29.35
C GLY G 184 -2.19 5.73 29.78
N PRO G 185 -2.67 5.96 31.04
CA PRO G 185 -3.89 5.33 31.52
C PRO G 185 -5.12 5.60 30.63
N ASP G 186 -5.10 6.68 29.84
CA ASP G 186 -6.16 7.04 28.86
C ASP G 186 -5.84 6.42 27.50
N ASN G 187 -4.92 5.46 27.47
CA ASN G 187 -4.51 4.75 26.23
C ASN G 187 -4.03 5.76 25.17
N ILE G 188 -3.34 6.82 25.59
CA ILE G 188 -2.64 7.77 24.67
C ILE G 188 -1.13 7.57 24.85
N ARG G 189 -0.47 7.25 23.75
CA ARG G 189 0.99 7.04 23.67
C ARG G 189 1.61 8.36 23.20
N VAL G 190 2.76 8.72 23.79
CA VAL G 190 3.49 9.96 23.47
C VAL G 190 4.95 9.57 23.25
N ASN G 191 5.49 9.87 22.07
CA ASN G 191 6.84 9.45 21.63
C ASN G 191 7.46 10.60 20.84
N ALA G 192 8.76 10.51 20.58
CA ALA G 192 9.53 11.50 19.79
C ALA G 192 10.32 10.78 18.70
N ILE G 193 10.56 11.45 17.59
CA ILE G 193 11.53 11.04 16.54
C ILE G 193 12.67 12.04 16.58
N SER G 194 13.90 11.57 16.79
CA SER G 194 15.13 12.38 16.75
C SER G 194 15.65 12.28 15.33
N ALA G 195 15.29 13.26 14.48
CA ALA G 195 15.66 13.24 13.04
C ALA G 195 17.10 13.72 12.91
N GLY G 196 17.87 13.11 12.02
CA GLY G 196 19.14 13.68 11.56
C GLY G 196 18.90 14.98 10.78
N PRO G 197 19.98 15.67 10.36
CA PRO G 197 19.86 16.92 9.62
C PRO G 197 19.17 16.72 8.27
N ILE G 198 18.17 17.56 8.00
CA ILE G 198 17.38 17.60 6.74
C ILE G 198 17.30 19.06 6.28
N ARG G 199 17.57 19.29 4.99
CA ARG G 199 17.45 20.63 4.33
C ARG G 199 15.97 21.00 4.25
N THR G 200 15.53 21.97 5.06
CA THR G 200 14.14 22.47 5.11
C THR G 200 14.18 24.01 5.11
N LEU G 201 13.01 24.64 5.03
CA LEU G 201 12.85 26.11 5.13
C LEU G 201 13.47 26.62 6.44
N SER G 202 13.14 25.99 7.57
CA SER G 202 13.62 26.35 8.93
C SER G 202 15.15 26.24 9.01
N ALA G 203 15.72 25.21 8.38
CA ALA G 203 17.14 24.84 8.52
C ALA G 203 18.02 25.61 7.53
N LYS G 204 17.49 25.94 6.33
CA LYS G 204 18.21 26.68 5.26
C LYS G 204 18.70 28.03 5.84
N GLY G 205 19.98 28.33 5.68
CA GLY G 205 20.62 29.57 6.15
C GLY G 205 20.69 29.67 7.66
N VAL G 206 21.07 28.60 8.35
CA VAL G 206 21.45 28.65 9.80
C VAL G 206 22.87 28.09 9.93
N GLY G 207 23.75 28.82 10.61
CA GLY G 207 25.19 28.50 10.75
C GLY G 207 25.45 27.05 11.12
N GLY G 208 26.45 26.44 10.47
CA GLY G 208 27.01 25.11 10.81
C GLY G 208 26.12 23.94 10.42
N PHE G 209 25.02 24.13 9.69
CA PHE G 209 24.11 23.06 9.26
C PHE G 209 24.78 22.21 8.18
N ASN G 210 25.57 22.82 7.28
CA ASN G 210 26.25 22.09 6.18
C ASN G 210 27.36 21.23 6.80
N THR G 211 27.93 21.69 7.93
CA THR G 211 29.01 20.98 8.66
C THR G 211 28.47 19.64 9.16
N ILE G 212 27.27 19.64 9.78
CA ILE G 212 26.63 18.44 10.38
C ILE G 212 26.25 17.49 9.25
N LEU G 213 25.64 17.95 8.16
CA LEU G 213 25.28 17.11 6.98
C LEU G 213 26.50 16.30 6.54
N LYS G 214 27.68 16.93 6.48
CA LYS G 214 28.90 16.30 5.92
C LYS G 214 29.44 15.29 6.94
N GLU G 215 29.41 15.66 8.24
CA GLU G 215 29.84 14.78 9.37
C GLU G 215 28.98 13.52 9.36
N ILE G 216 27.68 13.61 9.19
CA ILE G 216 26.78 12.43 9.12
C ILE G 216 27.26 11.53 7.98
N GLU G 217 27.42 12.04 6.74
CA GLU G 217 27.89 11.22 5.59
C GLU G 217 29.22 10.51 5.93
N GLU G 218 30.12 11.19 6.63
CA GLU G 218 31.50 10.69 6.85
C GLU G 218 31.54 9.70 8.03
N ARG G 219 30.83 9.96 9.14
CA ARG G 219 31.07 9.32 10.46
C ARG G 219 29.90 8.39 10.86
N ALA G 220 28.67 8.65 10.42
CA ALA G 220 27.49 7.88 10.85
C ALA G 220 27.57 6.47 10.28
N PRO G 221 27.12 5.45 11.03
CA PRO G 221 27.13 4.08 10.57
C PRO G 221 26.71 3.86 9.10
N LEU G 222 25.59 4.44 8.67
CA LEU G 222 25.05 4.23 7.31
C LEU G 222 25.78 5.11 6.27
N LYS G 223 26.66 6.01 6.72
CA LYS G 223 27.49 6.91 5.85
C LYS G 223 26.59 7.62 4.83
N ARG G 224 25.43 8.12 5.25
CA ARG G 224 24.48 8.87 4.39
C ARG G 224 23.53 9.67 5.28
N ASN G 225 22.90 10.69 4.71
CA ASN G 225 21.88 11.51 5.40
C ASN G 225 20.51 10.85 5.22
N VAL G 226 19.52 11.31 5.99
CA VAL G 226 18.13 10.79 5.95
C VAL G 226 17.27 11.84 5.25
N ASP G 227 16.03 11.47 4.92
CA ASP G 227 15.06 12.41 4.31
C ASP G 227 13.75 12.39 5.09
N GLN G 228 12.85 13.29 4.71
CA GLN G 228 11.52 13.53 5.30
C GLN G 228 10.69 12.23 5.27
N VAL G 229 10.83 11.44 4.23
CA VAL G 229 10.00 10.21 4.02
C VAL G 229 10.42 9.17 5.06
N GLU G 230 11.73 9.01 5.30
CA GLU G 230 12.25 8.08 6.33
C GLU G 230 11.66 8.46 7.68
N VAL G 231 11.61 9.76 7.99
CA VAL G 231 10.95 10.23 9.25
C VAL G 231 9.48 9.82 9.17
N GLY G 232 8.85 10.03 8.02
CA GLY G 232 7.42 9.69 7.82
C GLY G 232 7.15 8.22 8.08
N LYS G 233 8.02 7.34 7.58
CA LYS G 233 7.90 5.87 7.79
C LYS G 233 7.89 5.59 9.30
N THR G 234 8.87 6.12 10.05
CA THR G 234 8.93 5.92 11.51
C THR G 234 7.70 6.56 12.17
N ALA G 235 7.22 7.67 11.62
CA ALA G 235 5.99 8.34 12.14
C ALA G 235 4.79 7.40 11.96
N ALA G 236 4.68 6.74 10.79
CA ALA G 236 3.61 5.76 10.53
C ALA G 236 3.60 4.70 11.62
N TYR G 237 4.78 4.12 11.92
CA TYR G 237 4.97 3.10 12.98
C TYR G 237 4.45 3.64 14.32
N LEU G 238 4.87 4.84 14.72
CA LEU G 238 4.56 5.39 16.06
C LEU G 238 3.09 5.83 16.13
N LEU G 239 2.54 6.35 15.04
CA LEU G 239 1.14 6.86 15.01
C LEU G 239 0.15 5.70 14.92
N SER G 240 0.50 4.61 14.22
CA SER G 240 -0.37 3.43 14.01
C SER G 240 -0.33 2.55 15.27
N ASP G 241 -1.10 1.46 15.29
CA ASP G 241 -1.14 0.52 16.42
C ASP G 241 0.01 -0.49 16.29
N LEU G 242 0.83 -0.37 15.25
CA LEU G 242 2.04 -1.21 15.04
C LEU G 242 3.01 -1.03 16.22
N SER G 243 3.03 0.16 16.82
CA SER G 243 3.91 0.54 17.95
C SER G 243 3.16 0.44 19.27
N SER G 244 2.12 -0.40 19.36
CA SER G 244 1.40 -0.63 20.64
C SER G 244 2.44 -1.06 21.69
N GLY G 245 2.32 -0.58 22.91
CA GLY G 245 3.29 -0.91 23.98
C GLY G 245 4.55 -0.05 23.97
N VAL G 246 4.70 0.85 22.97
CA VAL G 246 5.80 1.84 22.92
C VAL G 246 5.28 3.23 23.29
N THR G 247 5.80 3.82 24.36
CA THR G 247 5.46 5.19 24.79
C THR G 247 6.64 5.74 25.59
N GLY G 248 6.82 7.06 25.61
CA GLY G 248 7.95 7.71 26.28
C GLY G 248 9.25 7.37 25.58
N GLU G 249 9.17 6.97 24.30
CA GLU G 249 10.36 6.51 23.55
C GLU G 249 10.82 7.65 22.64
N ASN G 250 12.11 7.67 22.34
CA ASN G 250 12.78 8.58 21.39
C ASN G 250 13.49 7.70 20.34
N ILE G 251 12.94 7.62 19.14
CA ILE G 251 13.52 6.82 18.02
C ILE G 251 14.39 7.74 17.16
N HIS G 252 15.67 7.45 17.07
CA HIS G 252 16.65 8.21 16.27
C HIS G 252 16.57 7.71 14.83
N VAL G 253 16.11 8.59 13.93
CA VAL G 253 16.10 8.38 12.46
C VAL G 253 17.21 9.27 11.91
N ASP G 254 18.45 8.80 12.05
CA ASP G 254 19.68 9.63 11.93
C ASP G 254 20.87 8.79 11.46
N SER G 255 20.64 7.68 10.78
CA SER G 255 21.71 6.82 10.18
C SER G 255 22.63 6.27 11.27
N GLY G 256 22.20 6.29 12.53
CA GLY G 256 22.94 5.67 13.65
C GLY G 256 23.88 6.63 14.35
N PHE G 257 23.86 7.91 13.98
CA PHE G 257 24.81 8.92 14.51
C PHE G 257 24.77 8.95 16.05
N HIS G 258 23.58 8.84 16.65
CA HIS G 258 23.34 8.87 18.13
C HIS G 258 24.11 7.76 18.87
N ALA G 259 24.39 6.63 18.21
CA ALA G 259 24.98 5.42 18.81
C ALA G 259 26.51 5.53 18.85
N ILE G 260 27.10 6.50 18.15
CA ILE G 260 28.59 6.57 18.00
C ILE G 260 29.14 7.82 18.69
N LYS G 261 30.45 7.91 18.81
CA LYS G 261 31.15 9.07 19.40
C LYS G 261 32.56 9.14 18.82
N HIS H 3 49.88 20.85 47.12
CA HIS H 3 49.97 20.54 45.66
C HIS H 3 49.21 19.22 45.35
N MET H 4 48.78 19.07 44.08
CA MET H 4 47.98 17.96 43.51
C MET H 4 46.57 17.99 44.11
N ALA H 5 46.21 17.07 45.01
CA ALA H 5 44.86 16.91 45.57
C ALA H 5 44.73 17.72 46.85
N SER H 6 43.75 18.62 46.94
CA SER H 6 43.54 19.50 48.12
C SER H 6 42.07 19.82 48.31
N LEU H 7 41.61 19.75 49.55
CA LEU H 7 40.25 20.22 49.96
C LEU H 7 40.41 21.41 50.93
N ASN H 8 41.58 22.05 50.94
CA ASN H 8 41.83 23.30 51.69
C ASN H 8 41.41 24.48 50.81
N LEU H 9 40.32 25.15 51.18
CA LEU H 9 39.70 26.21 50.35
C LEU H 9 39.88 27.60 50.98
N GLU H 10 40.86 27.79 51.89
CA GLU H 10 41.29 29.16 52.25
C GLU H 10 41.76 29.79 50.95
N ASN H 11 41.48 31.09 50.74
CA ASN H 11 41.88 31.84 49.52
C ASN H 11 40.91 31.55 48.37
N LYS H 12 39.89 30.70 48.57
CA LYS H 12 38.82 30.46 47.57
C LYS H 12 37.57 31.21 48.05
N THR H 13 36.82 31.79 47.11
CA THR H 13 35.56 32.53 47.37
C THR H 13 34.45 31.96 46.47
N TYR H 14 33.32 31.58 47.07
CA TYR H 14 32.16 30.95 46.40
C TYR H 14 30.88 31.74 46.73
N VAL H 15 30.11 32.06 45.68
CA VAL H 15 28.72 32.60 45.80
C VAL H 15 27.76 31.43 45.96
N ILE H 16 26.92 31.44 46.99
CA ILE H 16 25.89 30.40 47.27
C ILE H 16 24.50 31.02 47.17
N MET H 17 23.78 30.70 46.09
CA MET H 17 22.44 31.20 45.78
C MET H 17 21.41 30.15 46.25
N GLY H 18 20.49 30.54 47.15
CA GLY H 18 19.26 29.82 47.45
C GLY H 18 19.21 29.24 48.87
N ILE H 19 19.86 29.85 49.85
CA ILE H 19 19.54 29.55 51.27
C ILE H 19 18.23 30.27 51.65
N ALA H 20 17.35 29.54 52.34
CA ALA H 20 16.03 30.01 52.81
C ALA H 20 15.92 29.75 54.31
N ASN H 21 16.35 28.58 54.78
CA ASN H 21 16.35 28.22 56.22
C ASN H 21 17.44 27.16 56.48
N LYS H 22 17.47 26.62 57.70
CA LYS H 22 18.54 25.69 58.17
C LYS H 22 18.46 24.37 57.39
N ARG H 23 17.32 24.06 56.78
CA ARG H 23 17.05 22.77 56.11
C ARG H 23 17.45 22.88 54.62
N SER H 24 17.64 24.09 54.09
CA SER H 24 18.01 24.31 52.66
C SER H 24 19.25 23.49 52.30
N ILE H 25 19.20 22.81 51.16
CA ILE H 25 20.37 22.09 50.57
C ILE H 25 21.54 23.08 50.52
N ALA H 26 21.31 24.31 50.09
CA ALA H 26 22.36 25.34 49.92
C ALA H 26 23.09 25.56 51.26
N PHE H 27 22.41 25.37 52.39
CA PHE H 27 23.02 25.57 53.72
C PHE H 27 23.98 24.41 54.01
N GLY H 28 23.59 23.18 53.64
CA GLY H 28 24.49 22.00 53.68
C GLY H 28 25.78 22.30 52.94
N VAL H 29 25.66 22.93 51.77
CA VAL H 29 26.82 23.31 50.92
C VAL H 29 27.66 24.32 51.72
N ALA H 30 27.01 25.33 52.31
CA ALA H 30 27.65 26.41 53.09
C ALA H 30 28.42 25.81 54.28
N LYS H 31 27.76 25.03 55.14
CA LYS H 31 28.40 24.40 56.33
C LYS H 31 29.71 23.76 55.89
N VAL H 32 29.67 22.94 54.83
CA VAL H 32 30.83 22.13 54.34
C VAL H 32 31.93 23.06 53.82
N LEU H 33 31.60 24.00 52.93
CA LEU H 33 32.60 24.91 52.32
C LEU H 33 33.25 25.78 53.40
N ASP H 34 32.45 26.19 54.39
CA ASP H 34 32.90 26.98 55.57
C ASP H 34 33.96 26.18 56.34
N GLN H 35 33.63 24.97 56.81
CA GLN H 35 34.57 24.06 57.51
C GLN H 35 35.90 23.92 56.77
N LEU H 36 35.90 24.03 55.44
CA LEU H 36 37.11 23.85 54.60
C LEU H 36 37.82 25.20 54.41
N GLY H 37 37.24 26.27 54.95
CA GLY H 37 37.90 27.58 55.12
C GLY H 37 37.66 28.53 53.96
N ALA H 38 36.60 28.32 53.17
CA ALA H 38 36.26 29.19 52.03
C ALA H 38 35.60 30.48 52.53
N LYS H 39 35.82 31.59 51.82
CA LYS H 39 35.02 32.82 51.97
C LYS H 39 33.71 32.62 51.20
N LEU H 40 32.57 32.86 51.84
CA LEU H 40 31.22 32.61 51.27
C LEU H 40 30.44 33.92 51.12
N VAL H 41 29.98 34.21 49.90
CA VAL H 41 28.94 35.21 49.55
C VAL H 41 27.60 34.46 49.44
N PHE H 42 26.50 35.02 49.95
CA PHE H 42 25.14 34.42 49.95
C PHE H 42 24.18 35.31 49.16
N THR H 43 23.15 34.70 48.54
CA THR H 43 22.09 35.37 47.74
C THR H 43 20.75 34.77 48.17
N TYR H 44 19.70 35.60 48.22
CA TYR H 44 18.31 35.28 48.68
C TYR H 44 17.31 36.07 47.84
N ARG H 45 16.01 35.69 47.87
CA ARG H 45 14.92 36.46 47.23
C ARG H 45 14.14 37.22 48.33
N LYS H 46 13.37 36.50 49.16
CA LYS H 46 12.43 37.08 50.16
C LYS H 46 13.23 37.64 51.34
N GLU H 47 12.65 38.59 52.09
CA GLU H 47 13.27 39.21 53.30
C GLU H 47 13.34 38.16 54.41
N ARG H 48 12.33 37.27 54.49
CA ARG H 48 12.27 36.14 55.46
C ARG H 48 13.58 35.33 55.40
N SER H 49 14.14 35.13 54.19
CA SER H 49 15.39 34.38 53.95
C SER H 49 16.58 35.14 54.53
N ARG H 50 16.56 36.48 54.45
CA ARG H 50 17.66 37.36 54.95
C ARG H 50 17.75 37.25 56.48
N LYS H 51 16.63 37.43 57.18
CA LYS H 51 16.57 37.33 58.66
C LYS H 51 17.17 35.97 59.08
N GLU H 52 16.73 34.89 58.43
CA GLU H 52 17.21 33.50 58.69
C GLU H 52 18.72 33.40 58.41
N LEU H 53 19.18 33.99 57.31
CA LEU H 53 20.61 33.91 56.90
C LEU H 53 21.49 34.48 58.01
N GLU H 54 21.17 35.70 58.48
CA GLU H 54 21.92 36.43 59.53
C GLU H 54 21.96 35.57 60.81
N LYS H 55 20.83 34.99 61.20
CA LYS H 55 20.71 34.04 62.34
C LYS H 55 21.63 32.83 62.10
N LEU H 56 21.72 32.35 60.86
CA LEU H 56 22.48 31.12 60.51
C LEU H 56 23.98 31.40 60.45
N LEU H 57 24.40 32.56 59.92
CA LEU H 57 25.85 32.94 59.78
C LEU H 57 26.60 32.80 61.11
N GLU H 58 25.92 32.85 62.25
CA GLU H 58 26.53 32.69 63.60
C GLU H 58 27.04 31.25 63.77
N GLN H 59 26.35 30.27 63.16
CA GLN H 59 26.76 28.84 63.10
C GLN H 59 28.06 28.68 62.30
N LEU H 60 28.36 29.62 61.41
CA LEU H 60 29.55 29.57 60.50
C LEU H 60 30.68 30.40 61.09
N ASN H 61 31.83 30.40 60.40
CA ASN H 61 33.09 31.09 60.77
C ASN H 61 33.44 32.06 59.65
N GLN H 62 32.43 32.76 59.12
CA GLN H 62 32.61 33.81 58.10
C GLN H 62 32.86 35.12 58.83
N PRO H 63 34.03 35.76 58.63
CA PRO H 63 34.34 37.00 59.33
C PRO H 63 33.27 38.04 58.94
N GLU H 64 33.16 38.32 57.64
CA GLU H 64 32.28 39.36 57.07
C GLU H 64 31.08 38.68 56.40
N ALA H 65 29.87 38.91 56.93
CA ALA H 65 28.58 38.61 56.28
C ALA H 65 28.45 39.43 54.99
N HIS H 66 28.56 38.81 53.81
CA HIS H 66 28.22 39.45 52.51
C HIS H 66 26.93 38.80 51.97
N LEU H 67 25.79 39.47 52.16
CA LEU H 67 24.44 39.00 51.73
C LEU H 67 23.92 39.94 50.63
N TYR H 68 23.28 39.40 49.57
CA TYR H 68 22.76 40.18 48.42
C TYR H 68 21.36 39.65 48.03
N GLN H 69 20.43 40.57 47.80
CA GLN H 69 19.06 40.26 47.32
C GLN H 69 19.13 40.08 45.80
N ILE H 70 18.91 38.86 45.32
CA ILE H 70 18.79 38.57 43.86
C ILE H 70 17.58 37.66 43.65
N ASP H 71 16.52 38.22 43.04
CA ASP H 71 15.40 37.48 42.40
C ASP H 71 15.86 37.22 40.97
N VAL H 72 16.07 35.94 40.64
CA VAL H 72 16.69 35.52 39.35
C VAL H 72 15.71 35.77 38.19
N GLN H 73 14.47 36.21 38.47
CA GLN H 73 13.49 36.60 37.41
C GLN H 73 13.87 37.94 36.78
N SER H 74 14.69 38.76 37.47
CA SER H 74 15.09 40.14 37.05
C SER H 74 16.53 40.13 36.52
N ASP H 75 16.71 40.41 35.24
CA ASP H 75 18.04 40.63 34.62
C ASP H 75 18.82 41.61 35.51
N GLU H 76 18.18 42.71 35.94
CA GLU H 76 18.84 43.83 36.64
C GLU H 76 19.36 43.32 38.00
N GLU H 77 18.51 42.69 38.83
CA GLU H 77 18.89 42.23 40.19
C GLU H 77 20.07 41.25 40.11
N VAL H 78 20.14 40.45 39.05
CA VAL H 78 21.22 39.45 38.81
C VAL H 78 22.49 40.19 38.37
N ILE H 79 22.38 41.03 37.33
CA ILE H 79 23.53 41.81 36.79
C ILE H 79 24.14 42.67 37.91
N ASN H 80 23.31 43.43 38.62
CA ASN H 80 23.74 44.39 39.68
C ASN H 80 24.31 43.60 40.86
N GLY H 81 23.56 42.62 41.35
CA GLY H 81 24.01 41.68 42.40
C GLY H 81 25.46 41.22 42.18
N PHE H 82 25.82 40.81 40.97
CA PHE H 82 27.15 40.20 40.67
C PHE H 82 28.19 41.30 40.50
N GLU H 83 27.86 42.40 39.83
CA GLU H 83 28.76 43.59 39.77
C GLU H 83 29.13 44.02 41.19
N GLN H 84 28.13 44.09 42.08
CA GLN H 84 28.25 44.52 43.51
C GLN H 84 29.12 43.52 44.28
N ILE H 85 28.96 42.22 44.07
CA ILE H 85 29.79 41.14 44.69
C ILE H 85 31.25 41.35 44.25
N GLY H 86 31.48 41.59 42.95
CA GLY H 86 32.80 41.90 42.37
C GLY H 86 33.47 43.08 43.04
N LYS H 87 32.71 44.13 43.37
CA LYS H 87 33.21 45.36 44.07
C LYS H 87 33.56 44.99 45.53
N ASP H 88 32.68 44.29 46.24
CA ASP H 88 32.77 44.06 47.71
C ASP H 88 33.78 42.97 48.07
N VAL H 89 34.02 41.94 47.23
CA VAL H 89 34.94 40.80 47.57
C VAL H 89 35.92 40.51 46.42
N GLY H 90 35.76 41.14 45.25
CA GLY H 90 36.64 40.90 44.09
C GLY H 90 36.25 39.62 43.34
N ASN H 91 37.23 38.96 42.75
CA ASN H 91 37.05 37.76 41.90
C ASN H 91 36.66 36.56 42.76
N ILE H 92 35.84 35.65 42.20
CA ILE H 92 35.32 34.42 42.89
C ILE H 92 35.89 33.18 42.20
N ASP H 93 35.75 32.02 42.84
CA ASP H 93 36.22 30.73 42.26
C ASP H 93 35.03 29.86 41.80
N GLY H 94 33.79 30.19 42.19
CA GLY H 94 32.62 29.47 41.68
C GLY H 94 31.30 29.97 42.23
N VAL H 95 30.21 29.37 41.74
CA VAL H 95 28.81 29.64 42.15
C VAL H 95 28.11 28.30 42.39
N TYR H 96 27.44 28.17 43.54
CA TYR H 96 26.50 27.05 43.80
C TYR H 96 25.07 27.58 43.63
N HIS H 97 24.34 26.99 42.68
CA HIS H 97 22.95 27.33 42.32
C HIS H 97 22.02 26.32 42.97
N SER H 98 21.12 26.77 43.86
CA SER H 98 20.21 25.92 44.64
C SER H 98 18.80 26.55 44.60
N ILE H 99 18.31 26.81 43.40
CA ILE H 99 17.08 27.62 43.16
C ILE H 99 16.18 26.86 42.17
N ALA H 100 14.94 26.65 42.57
CA ALA H 100 13.84 26.14 41.72
C ALA H 100 12.49 26.62 42.29
N PHE H 101 11.47 26.70 41.45
CA PHE H 101 10.08 27.02 41.85
C PHE H 101 9.11 26.64 40.73
N ALA H 102 7.98 26.07 41.11
CA ALA H 102 6.76 25.90 40.27
C ALA H 102 5.53 26.19 41.14
N ASN H 103 4.44 26.63 40.50
CA ASN H 103 3.18 26.91 41.21
C ASN H 103 2.62 25.57 41.71
N MET H 104 2.17 25.50 42.96
CA MET H 104 1.55 24.26 43.50
C MET H 104 0.38 23.83 42.61
N GLU H 105 -0.36 24.77 42.01
CA GLU H 105 -1.53 24.45 41.13
C GLU H 105 -1.05 23.46 40.05
N ASP H 106 0.08 23.77 39.41
CA ASP H 106 0.70 22.97 38.32
C ASP H 106 1.21 21.63 38.85
N LEU H 107 1.86 21.59 40.01
CA LEU H 107 2.41 20.36 40.64
C LEU H 107 1.29 19.41 41.10
N ARG H 108 0.16 19.93 41.58
CA ARG H 108 -0.98 19.10 42.10
C ARG H 108 -1.67 18.45 40.89
N GLY H 109 -1.76 19.18 39.78
CA GLY H 109 -2.48 18.79 38.56
C GLY H 109 -1.93 17.53 37.90
N ARG H 110 -2.64 17.07 36.88
CA ARG H 110 -2.11 16.18 35.81
C ARG H 110 -1.15 17.02 34.98
N PHE H 111 -0.02 16.47 34.54
CA PHE H 111 1.02 17.25 33.82
C PHE H 111 0.42 17.87 32.54
N SER H 112 -0.51 17.18 31.86
CA SER H 112 -1.13 17.67 30.60
C SER H 112 -2.00 18.91 30.87
N GLU H 113 -2.37 19.19 32.13
CA GLU H 113 -3.21 20.36 32.50
C GLU H 113 -2.34 21.60 32.77
N THR H 114 -1.01 21.47 32.74
CA THR H 114 -0.06 22.55 33.12
C THR H 114 -0.37 23.82 32.30
N SER H 115 -0.35 24.98 32.97
CA SER H 115 -0.63 26.31 32.36
C SER H 115 0.63 26.81 31.68
N ARG H 116 0.47 27.50 30.55
CA ARG H 116 1.58 28.15 29.81
C ARG H 116 2.37 29.05 30.78
N GLU H 117 1.70 29.81 31.63
CA GLU H 117 2.35 30.77 32.55
C GLU H 117 3.16 29.98 33.58
N GLY H 118 2.59 28.90 34.13
CA GLY H 118 3.23 28.04 35.15
C GLY H 118 4.47 27.31 34.62
N PHE H 119 4.42 26.87 33.36
CA PHE H 119 5.50 26.13 32.65
C PHE H 119 6.69 27.06 32.42
N LEU H 120 6.43 28.24 31.86
CA LEU H 120 7.48 29.26 31.57
C LEU H 120 8.04 29.81 32.88
N LEU H 121 7.25 29.85 33.95
CA LEU H 121 7.70 30.32 35.28
C LEU H 121 8.76 29.32 35.80
N ALA H 122 8.41 28.03 35.84
CA ALA H 122 9.30 26.91 36.23
C ALA H 122 10.59 26.96 35.42
N GLN H 123 10.47 27.10 34.09
CA GLN H 123 11.64 27.24 33.18
C GLN H 123 12.49 28.45 33.59
N ASP H 124 11.85 29.60 33.82
CA ASP H 124 12.52 30.91 34.06
C ASP H 124 13.39 30.80 35.32
N ILE H 125 12.79 30.42 36.44
CA ILE H 125 13.46 30.41 37.77
C ILE H 125 14.42 29.22 37.82
N SER H 126 13.99 28.04 37.35
CA SER H 126 14.64 26.74 37.65
C SER H 126 15.75 26.40 36.66
N SER H 127 15.76 27.04 35.48
CA SER H 127 16.70 26.72 34.36
C SER H 127 17.38 27.99 33.81
N TYR H 128 16.62 28.95 33.25
CA TYR H 128 17.22 30.17 32.65
C TYR H 128 18.11 30.89 33.68
N SER H 129 17.70 30.91 34.94
CA SER H 129 18.45 31.58 36.02
C SER H 129 19.93 31.19 35.91
N LEU H 130 20.21 29.90 35.71
CA LEU H 130 21.60 29.41 35.66
C LEU H 130 22.33 30.07 34.48
N THR H 131 21.68 30.23 33.32
CA THR H 131 22.32 30.81 32.10
C THR H 131 22.80 32.25 32.36
N ILE H 132 21.96 33.09 32.98
CA ILE H 132 22.30 34.53 33.21
C ILE H 132 23.27 34.61 34.41
N VAL H 133 23.01 33.87 35.49
CA VAL H 133 23.99 33.76 36.62
C VAL H 133 25.38 33.43 36.06
N ALA H 134 25.46 32.48 35.13
CA ALA H 134 26.74 32.03 34.54
C ALA H 134 27.39 33.19 33.80
N HIS H 135 26.63 33.91 32.98
CA HIS H 135 27.14 35.04 32.13
C HIS H 135 27.75 36.13 33.02
N GLU H 136 27.08 36.46 34.12
CA GLU H 136 27.50 37.58 35.03
C GLU H 136 28.66 37.08 35.89
N ALA H 137 28.58 35.89 36.47
CA ALA H 137 29.63 35.31 37.34
C ALA H 137 30.93 35.13 36.55
N LYS H 138 30.85 34.89 35.24
CA LYS H 138 32.02 34.73 34.34
C LYS H 138 32.87 36.01 34.43
N LYS H 139 32.24 37.18 34.60
CA LYS H 139 32.91 38.50 34.73
C LYS H 139 33.86 38.45 35.94
N LEU H 140 33.49 37.75 37.02
CA LEU H 140 34.29 37.64 38.27
C LEU H 140 35.22 36.43 38.28
N MET H 141 35.39 35.71 37.17
CA MET H 141 36.16 34.44 37.12
C MET H 141 37.06 34.44 35.90
N PRO H 142 37.94 35.45 35.72
CA PRO H 142 38.73 35.58 34.51
C PRO H 142 39.85 34.54 34.45
N GLU H 143 40.19 33.95 35.61
CA GLU H 143 41.22 32.89 35.76
C GLU H 143 40.58 31.52 35.48
N GLY H 144 39.24 31.44 35.56
CA GLY H 144 38.47 30.20 35.54
C GLY H 144 37.76 29.96 36.85
N GLY H 145 36.95 28.90 36.94
CA GLY H 145 36.15 28.55 38.13
C GLY H 145 35.18 27.42 37.84
N SER H 146 34.22 27.19 38.75
CA SER H 146 33.30 26.04 38.73
C SER H 146 31.89 26.55 39.08
N ILE H 147 30.90 26.20 38.25
CA ILE H 147 29.46 26.44 38.55
C ILE H 147 28.79 25.09 38.73
N VAL H 148 28.02 24.96 39.82
CA VAL H 148 27.23 23.74 40.13
C VAL H 148 25.77 24.15 40.34
N ALA H 149 24.85 23.38 39.75
CA ALA H 149 23.39 23.51 39.92
C ALA H 149 22.85 22.21 40.51
N THR H 150 21.69 22.29 41.15
CA THR H 150 21.06 21.19 41.89
C THR H 150 19.88 20.70 41.05
N THR H 151 19.83 19.39 40.78
CA THR H 151 18.76 18.79 39.96
C THR H 151 18.22 17.58 40.70
N TYR H 152 17.24 16.91 40.09
CA TYR H 152 16.58 15.71 40.64
C TYR H 152 16.32 14.77 39.46
N LEU H 153 16.36 13.48 39.75
CA LEU H 153 16.17 12.35 38.81
C LEU H 153 14.99 12.62 37.86
N GLY H 154 14.01 13.38 38.35
CA GLY H 154 12.79 13.70 37.59
C GLY H 154 13.09 14.45 36.30
N GLY H 155 14.32 14.98 36.14
CA GLY H 155 14.75 15.61 34.88
C GLY H 155 15.15 14.58 33.83
N GLU H 156 15.44 13.34 34.25
CA GLU H 156 15.93 12.23 33.40
C GLU H 156 14.81 11.21 33.15
N PHE H 157 13.84 11.08 34.06
CA PHE H 157 12.72 10.13 33.98
C PHE H 157 11.44 10.80 34.48
N ALA H 158 10.30 10.43 33.90
CA ALA H 158 8.96 10.80 34.38
C ALA H 158 8.77 10.16 35.76
N VAL H 159 8.77 10.96 36.82
CA VAL H 159 8.38 10.50 38.19
C VAL H 159 7.00 11.10 38.50
N GLN H 160 6.14 10.31 39.15
CA GLN H 160 4.80 10.75 39.58
C GLN H 160 4.95 12.00 40.45
N ASN H 161 4.21 13.05 40.09
CA ASN H 161 3.91 14.27 40.90
C ASN H 161 4.93 15.38 40.67
N TYR H 162 6.06 15.11 40.02
CA TYR H 162 7.11 16.14 39.78
C TYR H 162 6.65 17.02 38.63
N ASN H 163 5.87 16.44 37.72
CA ASN H 163 5.19 17.15 36.60
C ASN H 163 6.11 18.25 36.03
N VAL H 164 5.64 19.49 35.99
CA VAL H 164 6.30 20.62 35.27
C VAL H 164 7.75 20.79 35.74
N MET H 165 8.06 20.45 36.98
CA MET H 165 9.41 20.65 37.53
C MET H 165 10.38 19.65 36.88
N GLY H 166 9.90 18.47 36.47
CA GLY H 166 10.69 17.48 35.71
C GLY H 166 11.16 18.06 34.40
N VAL H 167 10.29 18.77 33.69
CA VAL H 167 10.64 19.37 32.37
C VAL H 167 11.60 20.54 32.61
N ALA H 168 11.41 21.28 33.70
CA ALA H 168 12.34 22.34 34.13
C ALA H 168 13.73 21.74 34.44
N LYS H 169 13.80 20.62 35.17
CA LYS H 169 15.10 20.00 35.54
C LYS H 169 15.78 19.44 34.27
N ALA H 170 15.02 18.89 33.32
CA ALA H 170 15.59 18.39 32.05
C ALA H 170 16.21 19.57 31.31
N SER H 171 15.52 20.72 31.32
CA SER H 171 15.99 22.01 30.76
C SER H 171 17.28 22.41 31.45
N LEU H 172 17.29 22.40 32.79
CA LEU H 172 18.47 22.76 33.60
C LEU H 172 19.64 21.85 33.21
N GLU H 173 19.41 20.54 33.13
CA GLU H 173 20.47 19.53 32.88
C GLU H 173 21.08 19.77 31.49
N ALA H 174 20.27 20.11 30.50
CA ALA H 174 20.75 20.45 29.15
C ALA H 174 21.48 21.81 29.20
N ASN H 175 20.94 22.75 29.98
CA ASN H 175 21.54 24.07 30.24
C ASN H 175 22.99 23.86 30.71
N VAL H 176 23.18 23.02 31.73
CA VAL H 176 24.53 22.68 32.27
C VAL H 176 25.43 22.22 31.12
N LYS H 177 24.95 21.38 30.21
CA LYS H 177 25.82 20.82 29.17
C LYS H 177 26.23 21.93 28.21
N TYR H 178 25.26 22.71 27.72
CA TYR H 178 25.53 23.81 26.76
C TYR H 178 26.44 24.86 27.44
N LEU H 179 26.24 25.18 28.72
CA LEU H 179 27.13 26.11 29.46
C LEU H 179 28.54 25.52 29.53
N ALA H 180 28.65 24.23 29.82
CA ALA H 180 29.96 23.53 29.93
C ALA H 180 30.74 23.69 28.62
N LEU H 181 30.06 23.53 27.48
CA LEU H 181 30.69 23.59 26.13
C LEU H 181 31.09 25.03 25.81
N ASP H 182 30.23 25.99 26.15
CA ASP H 182 30.43 27.44 25.89
C ASP H 182 31.58 27.98 26.75
N LEU H 183 31.53 27.78 28.08
CA LEU H 183 32.48 28.42 29.04
C LEU H 183 33.72 27.52 29.28
N GLY H 184 33.78 26.32 28.70
CA GLY H 184 34.94 25.43 28.85
C GLY H 184 36.24 26.10 28.42
N PRO H 185 36.30 26.66 27.19
CA PRO H 185 37.52 27.32 26.73
C PRO H 185 37.99 28.48 27.63
N ASP H 186 37.10 29.04 28.45
CA ASP H 186 37.43 30.09 29.46
C ASP H 186 37.77 29.43 30.80
N ASN H 187 38.03 28.12 30.79
CA ASN H 187 38.40 27.33 31.99
C ASN H 187 37.32 27.48 33.08
N ILE H 188 36.04 27.53 32.68
CA ILE H 188 34.88 27.46 33.60
C ILE H 188 34.18 26.12 33.39
N ARG H 189 34.07 25.36 34.48
CA ARG H 189 33.41 24.05 34.52
C ARG H 189 31.98 24.29 34.99
N VAL H 190 31.03 23.55 34.39
CA VAL H 190 29.59 23.63 34.75
C VAL H 190 29.11 22.19 34.92
N ASN H 191 28.57 21.87 36.09
CA ASN H 191 28.16 20.50 36.49
C ASN H 191 26.91 20.59 37.33
N ALA H 192 26.25 19.46 37.55
CA ALA H 192 25.00 19.34 38.34
C ALA H 192 25.17 18.25 39.38
N ILE H 193 24.48 18.41 40.51
CA ILE H 193 24.31 17.33 41.53
C ILE H 193 22.83 16.96 41.50
N SER H 194 22.55 15.68 41.26
CA SER H 194 21.19 15.11 41.29
C SER H 194 21.00 14.59 42.70
N ALA H 195 20.37 15.38 43.57
CA ALA H 195 20.20 15.00 45.00
C ALA H 195 19.01 14.07 45.10
N GLY H 196 19.10 13.05 45.96
CA GLY H 196 17.91 12.28 46.38
C GLY H 196 17.00 13.16 47.24
N PRO H 197 15.84 12.65 47.64
CA PRO H 197 14.86 13.46 48.39
C PRO H 197 15.40 13.88 49.76
N ILE H 198 15.26 15.17 50.08
CA ILE H 198 15.66 15.78 51.37
C ILE H 198 14.50 16.64 51.88
N ARG H 199 14.17 16.52 53.17
CA ARG H 199 13.14 17.35 53.86
C ARG H 199 13.67 18.79 53.95
N THR H 200 13.08 19.70 53.17
CA THR H 200 13.43 21.14 53.13
C THR H 200 12.13 21.97 53.19
N LEU H 201 12.28 23.29 53.32
CA LEU H 201 11.13 24.24 53.28
C LEU H 201 10.34 24.03 51.97
N SER H 202 11.02 23.98 50.83
CA SER H 202 10.42 23.84 49.47
C SER H 202 9.66 22.52 49.37
N ALA H 203 10.21 21.45 49.93
CA ALA H 203 9.73 20.06 49.77
C ALA H 203 8.61 19.73 50.78
N LYS H 204 8.66 20.31 51.99
CA LYS H 204 7.66 20.10 53.07
C LYS H 204 6.29 20.52 52.55
N GLY H 205 5.28 19.65 52.68
CA GLY H 205 3.89 19.91 52.25
C GLY H 205 3.75 19.98 50.74
N VAL H 206 4.37 19.03 50.02
CA VAL H 206 4.08 18.74 48.58
C VAL H 206 3.75 17.25 48.51
N GLY H 207 2.60 16.90 47.93
CA GLY H 207 2.00 15.55 47.97
C GLY H 207 2.99 14.44 47.63
N GLY H 208 2.95 13.35 48.38
CA GLY H 208 3.66 12.08 48.10
C GLY H 208 5.16 12.16 48.28
N PHE H 209 5.68 13.17 48.99
CA PHE H 209 7.13 13.30 49.28
C PHE H 209 7.54 12.23 50.31
N ASN H 210 6.66 11.90 51.26
CA ASN H 210 6.93 10.85 52.29
C ASN H 210 6.98 9.48 51.62
N THR H 211 6.21 9.31 50.53
CA THR H 211 6.15 8.05 49.74
C THR H 211 7.53 7.77 49.13
N ILE H 212 8.15 8.80 48.53
CA ILE H 212 9.46 8.69 47.83
C ILE H 212 10.55 8.42 48.88
N LEU H 213 10.56 9.16 49.99
CA LEU H 213 11.55 8.95 51.10
C LEU H 213 11.57 7.47 51.50
N LYS H 214 10.39 6.84 51.60
CA LYS H 214 10.26 5.45 52.11
C LYS H 214 10.75 4.47 51.02
N GLU H 215 10.40 4.75 49.75
CA GLU H 215 10.82 3.94 48.57
C GLU H 215 12.36 3.96 48.49
N ILE H 216 13.01 5.10 48.69
CA ILE H 216 14.50 5.19 48.70
C ILE H 216 15.03 4.23 49.78
N GLU H 217 14.57 4.33 51.02
CA GLU H 217 15.06 3.46 52.14
C GLU H 217 14.88 1.97 51.76
N GLU H 218 13.79 1.62 51.08
CA GLU H 218 13.44 0.21 50.81
C GLU H 218 14.21 -0.33 49.58
N ARG H 219 14.34 0.45 48.50
CA ARG H 219 14.73 -0.05 47.15
C ARG H 219 16.15 0.41 46.74
N ALA H 220 16.64 1.55 47.23
CA ALA H 220 17.93 2.12 46.81
C ALA H 220 19.06 1.24 47.32
N PRO H 221 20.14 1.06 46.54
CA PRO H 221 21.28 0.25 46.95
C PRO H 221 21.72 0.43 48.43
N LEU H 222 21.89 1.66 48.89
CA LEU H 222 22.39 1.94 50.27
C LEU H 222 21.27 1.80 51.31
N LYS H 223 20.02 1.58 50.88
CA LYS H 223 18.84 1.37 51.76
C LYS H 223 18.77 2.51 52.81
N ARG H 224 19.00 3.75 52.39
CA ARG H 224 18.95 4.94 53.27
C ARG H 224 18.78 6.20 52.43
N ASN H 225 18.30 7.28 53.04
CA ASN H 225 18.18 8.61 52.39
C ASN H 225 19.48 9.36 52.60
N VAL H 226 19.66 10.48 51.91
CA VAL H 226 20.87 11.35 51.97
C VAL H 226 20.48 12.62 52.71
N ASP H 227 21.45 13.47 53.05
CA ASP H 227 21.21 14.76 53.74
C ASP H 227 21.96 15.87 53.00
N GLN H 228 21.72 17.11 53.44
CA GLN H 228 22.26 18.36 52.84
C GLN H 228 23.80 18.32 52.86
N VAL H 229 24.39 17.72 53.89
CA VAL H 229 25.87 17.72 54.08
C VAL H 229 26.51 16.83 53.00
N GLU H 230 25.90 15.67 52.72
CA GLU H 230 26.38 14.75 51.67
C GLU H 230 26.37 15.50 50.32
N VAL H 231 25.32 16.28 50.05
CA VAL H 231 25.30 17.14 48.83
C VAL H 231 26.46 18.12 48.93
N GLY H 232 26.64 18.73 50.10
CA GLY H 232 27.73 19.70 50.34
C GLY H 232 29.10 19.10 50.04
N LYS H 233 29.34 17.87 50.51
CA LYS H 233 30.62 17.16 50.26
C LYS H 233 30.86 17.05 48.74
N THR H 234 29.88 16.56 47.99
CA THR H 234 30.01 16.44 46.51
C THR H 234 30.16 17.85 45.90
N ALA H 235 29.51 18.86 46.49
CA ALA H 235 29.64 20.26 46.03
C ALA H 235 31.08 20.73 46.20
N ALA H 236 31.70 20.40 47.34
CA ALA H 236 33.12 20.73 47.61
C ALA H 236 33.99 20.18 46.48
N TYR H 237 33.79 18.90 46.15
CA TYR H 237 34.53 18.19 45.05
C TYR H 237 34.35 18.97 43.74
N LEU H 238 33.12 19.30 43.37
CA LEU H 238 32.83 19.93 42.05
C LEU H 238 33.31 21.37 42.02
N LEU H 239 33.18 22.10 43.13
CA LEU H 239 33.55 23.54 43.19
C LEU H 239 35.08 23.69 43.28
N SER H 240 35.77 22.75 43.94
CA SER H 240 37.25 22.80 44.13
C SER H 240 37.96 22.31 42.86
N ASP H 241 39.29 22.32 42.85
CA ASP H 241 40.09 21.86 41.69
C ASP H 241 40.23 20.33 41.76
N LEU H 242 39.66 19.69 42.78
CA LEU H 242 39.67 18.21 42.92
C LEU H 242 38.98 17.56 41.72
N SER H 243 37.99 18.24 41.15
CA SER H 243 37.16 17.79 40.01
C SER H 243 37.67 18.40 38.70
N SER H 244 38.94 18.79 38.63
CA SER H 244 39.54 19.32 37.37
C SER H 244 39.31 18.26 36.28
N GLY H 245 39.00 18.69 35.08
CA GLY H 245 38.71 17.78 33.95
C GLY H 245 37.30 17.20 33.94
N VAL H 246 36.47 17.51 34.94
CA VAL H 246 35.04 17.14 34.99
C VAL H 246 34.16 18.36 34.69
N THR H 247 33.39 18.29 33.61
CA THR H 247 32.43 19.37 33.23
C THR H 247 31.30 18.73 32.40
N GLY H 248 30.11 19.32 32.42
CA GLY H 248 28.93 18.76 31.76
C GLY H 248 28.50 17.48 32.42
N GLU H 249 28.87 17.29 33.68
CA GLU H 249 28.62 16.02 34.39
C GLU H 249 27.42 16.23 35.33
N ASN H 250 26.68 15.15 35.60
CA ASN H 250 25.56 15.09 36.56
C ASN H 250 25.87 13.97 37.55
N ILE H 251 26.31 14.32 38.76
CA ILE H 251 26.66 13.36 39.84
C ILE H 251 25.43 13.12 40.73
N HIS H 252 24.96 11.89 40.78
CA HIS H 252 23.79 11.49 41.60
C HIS H 252 24.27 11.22 43.02
N VAL H 253 23.81 12.07 43.96
CA VAL H 253 24.01 11.90 45.42
C VAL H 253 22.66 11.44 45.98
N ASP H 254 22.35 10.15 45.80
CA ASP H 254 20.97 9.60 45.91
C ASP H 254 21.01 8.13 46.32
N SER H 255 22.07 7.67 46.99
CA SER H 255 22.15 6.29 47.53
C SER H 255 22.08 5.25 46.40
N GLY H 256 22.30 5.66 45.15
CA GLY H 256 22.37 4.74 44.00
C GLY H 256 21.03 4.54 43.32
N PHE H 257 19.99 5.27 43.72
CA PHE H 257 18.61 5.07 43.21
C PHE H 257 18.58 5.18 41.67
N HIS H 258 19.33 6.11 41.09
CA HIS H 258 19.44 6.36 39.62
C HIS H 258 19.89 5.13 38.84
N ALA H 259 20.68 4.24 39.46
CA ALA H 259 21.32 3.07 38.83
C ALA H 259 20.36 1.88 38.75
N ILE H 260 19.23 1.92 39.47
CA ILE H 260 18.34 0.73 39.61
C ILE H 260 17.00 1.01 38.94
N LYS H 261 16.17 -0.01 38.75
CA LYS H 261 14.83 0.12 38.13
C LYS H 261 13.93 -1.05 38.58
#